data_3TGF
# 
_entry.id   3TGF 
# 
_audit_conform.dict_name       mmcif_pdbx.dic 
_audit_conform.dict_version    5.398 
_audit_conform.dict_location   http://mmcif.pdb.org/dictionaries/ascii/mmcif_pdbx.dic 
# 
loop_
_database_2.database_id 
_database_2.database_code 
_database_2.pdbx_database_accession 
_database_2.pdbx_DOI 
PDB   3TGF         pdb_00003tgf 10.2210/pdb3tgf/pdb 
WWPDB D_1000179162 ?            ?                   
# 
loop_
_pdbx_audit_revision_history.ordinal 
_pdbx_audit_revision_history.data_content_type 
_pdbx_audit_revision_history.major_revision 
_pdbx_audit_revision_history.minor_revision 
_pdbx_audit_revision_history.revision_date 
1 'Structure model' 1 0 1993-04-15 
2 'Structure model' 1 1 2008-03-25 
3 'Structure model' 1 2 2011-07-13 
4 'Structure model' 1 3 2017-11-29 
5 'Structure model' 1 4 2024-11-13 
# 
_pdbx_audit_revision_details.ordinal             1 
_pdbx_audit_revision_details.revision_ordinal    1 
_pdbx_audit_revision_details.data_content_type   'Structure model' 
_pdbx_audit_revision_details.provider            repository 
_pdbx_audit_revision_details.type                'Initial release' 
_pdbx_audit_revision_details.description         ? 
_pdbx_audit_revision_details.details             ? 
# 
loop_
_pdbx_audit_revision_group.ordinal 
_pdbx_audit_revision_group.revision_ordinal 
_pdbx_audit_revision_group.data_content_type 
_pdbx_audit_revision_group.group 
1 2 'Structure model' 'Version format compliance' 
2 3 'Structure model' 'Version format compliance' 
3 4 'Structure model' 'Derived calculations'      
4 4 'Structure model' Other                       
5 5 'Structure model' 'Data collection'           
6 5 'Structure model' 'Database references'       
7 5 'Structure model' 'Structure summary'         
# 
loop_
_pdbx_audit_revision_category.ordinal 
_pdbx_audit_revision_category.revision_ordinal 
_pdbx_audit_revision_category.data_content_type 
_pdbx_audit_revision_category.category 
1 4 'Structure model' pdbx_database_status      
2 4 'Structure model' pdbx_struct_assembly      
3 4 'Structure model' pdbx_struct_oper_list     
4 4 'Structure model' struct_conf               
5 5 'Structure model' chem_comp_atom            
6 5 'Structure model' chem_comp_bond            
7 5 'Structure model' database_2                
8 5 'Structure model' pdbx_entry_details        
9 5 'Structure model' pdbx_modification_feature 
# 
loop_
_pdbx_audit_revision_item.ordinal 
_pdbx_audit_revision_item.revision_ordinal 
_pdbx_audit_revision_item.data_content_type 
_pdbx_audit_revision_item.item 
1 4 'Structure model' '_pdbx_database_status.process_site'  
2 5 'Structure model' '_database_2.pdbx_DOI'                
3 5 'Structure model' '_database_2.pdbx_database_accession' 
# 
_pdbx_database_status.status_code                     REL 
_pdbx_database_status.entry_id                        3TGF 
_pdbx_database_status.recvd_initial_deposition_date   1991-01-23 
_pdbx_database_status.deposit_site                    ? 
_pdbx_database_status.process_site                    BNL 
_pdbx_database_status.SG_entry                        . 
_pdbx_database_status.pdb_format_compatible           Y 
_pdbx_database_status.status_code_mr                  ? 
_pdbx_database_status.status_code_sf                  ? 
_pdbx_database_status.status_code_cs                  ? 
_pdbx_database_status.methods_development_category    ? 
_pdbx_database_status.status_code_nmr_data            ? 
# 
_pdbx_database_related.db_name        PDB 
_pdbx_database_related.db_id          2TGF 
_pdbx_database_related.details        . 
_pdbx_database_related.content_type   'representative structure' 
# 
loop_
_audit_author.name 
_audit_author.pdbx_ordinal 
'Harvey, T.S.'    1 
'Wilkinson, A.J.' 2 
'Tappin, M.J.'    3 
'Cooke, R.M.'     4 
'Campbell, I.D.'  5 
# 
_citation.id                        primary 
_citation.title                     'The solution structure of human transforming growth factor alpha.' 
_citation.journal_abbrev            Eur.J.Biochem. 
_citation.journal_volume            198 
_citation.page_first                555 
_citation.page_last                 562 
_citation.year                      1991 
_citation.journal_id_ASTM           EJBCAI 
_citation.country                   IX 
_citation.journal_id_ISSN           0014-2956 
_citation.journal_id_CSD            0262 
_citation.book_publisher            ? 
_citation.pdbx_database_id_PubMed   2050136 
_citation.pdbx_database_id_DOI      10.1111/j.1432-1033.1991.tb16050.x 
# 
loop_
_citation_author.citation_id 
_citation_author.name 
_citation_author.ordinal 
_citation_author.identifier_ORCID 
primary 'Harvey, T.S.'    1 ? 
primary 'Wilkinson, A.J.' 2 ? 
primary 'Tappin, M.J.'    3 ? 
primary 'Cooke, R.M.'     4 ? 
primary 'Campbell, I.D.'  5 ? 
# 
_entity.id                         1 
_entity.type                       polymer 
_entity.src_method                 man 
_entity.pdbx_description           'TRANSFORMING GROWTH FACTOR-ALPHA' 
_entity.formula_weight             5560.246 
_entity.pdbx_number_of_molecules   1 
_entity.pdbx_ec                    ? 
_entity.pdbx_mutation              ? 
_entity.pdbx_fragment              ? 
_entity.details                    ? 
# 
_entity_poly.entity_id                      1 
_entity_poly.type                           'polypeptide(L)' 
_entity_poly.nstd_linkage                   no 
_entity_poly.nstd_monomer                   no 
_entity_poly.pdbx_seq_one_letter_code       VVSHFNDCPDSHTQFCFHGTCRFLVQEDKPACVCHSGYVGARCEHADLLA 
_entity_poly.pdbx_seq_one_letter_code_can   VVSHFNDCPDSHTQFCFHGTCRFLVQEDKPACVCHSGYVGARCEHADLLA 
_entity_poly.pdbx_strand_id                 A 
_entity_poly.pdbx_target_identifier         ? 
# 
loop_
_entity_poly_seq.entity_id 
_entity_poly_seq.num 
_entity_poly_seq.mon_id 
_entity_poly_seq.hetero 
1 1  VAL n 
1 2  VAL n 
1 3  SER n 
1 4  HIS n 
1 5  PHE n 
1 6  ASN n 
1 7  ASP n 
1 8  CYS n 
1 9  PRO n 
1 10 ASP n 
1 11 SER n 
1 12 HIS n 
1 13 THR n 
1 14 GLN n 
1 15 PHE n 
1 16 CYS n 
1 17 PHE n 
1 18 HIS n 
1 19 GLY n 
1 20 THR n 
1 21 CYS n 
1 22 ARG n 
1 23 PHE n 
1 24 LEU n 
1 25 VAL n 
1 26 GLN n 
1 27 GLU n 
1 28 ASP n 
1 29 LYS n 
1 30 PRO n 
1 31 ALA n 
1 32 CYS n 
1 33 VAL n 
1 34 CYS n 
1 35 HIS n 
1 36 SER n 
1 37 GLY n 
1 38 TYR n 
1 39 VAL n 
1 40 GLY n 
1 41 ALA n 
1 42 ARG n 
1 43 CYS n 
1 44 GLU n 
1 45 HIS n 
1 46 ALA n 
1 47 ASP n 
1 48 LEU n 
1 49 LEU n 
1 50 ALA n 
# 
_entity_src_gen.entity_id                          1 
_entity_src_gen.pdbx_src_id                        1 
_entity_src_gen.pdbx_alt_source_flag               sample 
_entity_src_gen.pdbx_seq_type                      ? 
_entity_src_gen.pdbx_beg_seq_num                   ? 
_entity_src_gen.pdbx_end_seq_num                   ? 
_entity_src_gen.gene_src_common_name               human 
_entity_src_gen.gene_src_genus                     Homo 
_entity_src_gen.pdbx_gene_src_gene                 ? 
_entity_src_gen.gene_src_species                   ? 
_entity_src_gen.gene_src_strain                    ? 
_entity_src_gen.gene_src_tissue                    ? 
_entity_src_gen.gene_src_tissue_fraction           ? 
_entity_src_gen.gene_src_details                   ? 
_entity_src_gen.pdbx_gene_src_fragment             ? 
_entity_src_gen.pdbx_gene_src_scientific_name      'Homo sapiens' 
_entity_src_gen.pdbx_gene_src_ncbi_taxonomy_id     9606 
_entity_src_gen.pdbx_gene_src_variant              ? 
_entity_src_gen.pdbx_gene_src_cell_line            ? 
_entity_src_gen.pdbx_gene_src_atcc                 ? 
_entity_src_gen.pdbx_gene_src_organ                ? 
_entity_src_gen.pdbx_gene_src_organelle            ? 
_entity_src_gen.pdbx_gene_src_cell                 ? 
_entity_src_gen.pdbx_gene_src_cellular_location    ? 
_entity_src_gen.host_org_common_name               ? 
_entity_src_gen.pdbx_host_org_scientific_name      ? 
_entity_src_gen.pdbx_host_org_ncbi_taxonomy_id     ? 
_entity_src_gen.host_org_genus                     ? 
_entity_src_gen.pdbx_host_org_gene                 ? 
_entity_src_gen.pdbx_host_org_organ                ? 
_entity_src_gen.host_org_species                   ? 
_entity_src_gen.pdbx_host_org_tissue               ? 
_entity_src_gen.pdbx_host_org_tissue_fraction      ? 
_entity_src_gen.pdbx_host_org_strain               ? 
_entity_src_gen.pdbx_host_org_variant              ? 
_entity_src_gen.pdbx_host_org_cell_line            ? 
_entity_src_gen.pdbx_host_org_atcc                 ? 
_entity_src_gen.pdbx_host_org_culture_collection   ? 
_entity_src_gen.pdbx_host_org_cell                 ? 
_entity_src_gen.pdbx_host_org_organelle            ? 
_entity_src_gen.pdbx_host_org_cellular_location    ? 
_entity_src_gen.pdbx_host_org_vector_type          ? 
_entity_src_gen.pdbx_host_org_vector               ? 
_entity_src_gen.host_org_details                   ? 
_entity_src_gen.expression_system_id               ? 
_entity_src_gen.plasmid_name                       ? 
_entity_src_gen.plasmid_details                    ? 
_entity_src_gen.pdbx_description                   ? 
# 
loop_
_chem_comp.id 
_chem_comp.type 
_chem_comp.mon_nstd_flag 
_chem_comp.name 
_chem_comp.pdbx_synonyms 
_chem_comp.formula 
_chem_comp.formula_weight 
ALA 'L-peptide linking' y ALANINE         ? 'C3 H7 N O2'     89.093  
ARG 'L-peptide linking' y ARGININE        ? 'C6 H15 N4 O2 1' 175.209 
ASN 'L-peptide linking' y ASPARAGINE      ? 'C4 H8 N2 O3'    132.118 
ASP 'L-peptide linking' y 'ASPARTIC ACID' ? 'C4 H7 N O4'     133.103 
CYS 'L-peptide linking' y CYSTEINE        ? 'C3 H7 N O2 S'   121.158 
GLN 'L-peptide linking' y GLUTAMINE       ? 'C5 H10 N2 O3'   146.144 
GLU 'L-peptide linking' y 'GLUTAMIC ACID' ? 'C5 H9 N O4'     147.129 
GLY 'peptide linking'   y GLYCINE         ? 'C2 H5 N O2'     75.067  
HIS 'L-peptide linking' y HISTIDINE       ? 'C6 H10 N3 O2 1' 156.162 
LEU 'L-peptide linking' y LEUCINE         ? 'C6 H13 N O2'    131.173 
LYS 'L-peptide linking' y LYSINE          ? 'C6 H15 N2 O2 1' 147.195 
PHE 'L-peptide linking' y PHENYLALANINE   ? 'C9 H11 N O2'    165.189 
PRO 'L-peptide linking' y PROLINE         ? 'C5 H9 N O2'     115.130 
SER 'L-peptide linking' y SERINE          ? 'C3 H7 N O3'     105.093 
THR 'L-peptide linking' y THREONINE       ? 'C4 H9 N O3'     119.119 
TYR 'L-peptide linking' y TYROSINE        ? 'C9 H11 N O3'    181.189 
VAL 'L-peptide linking' y VALINE          ? 'C5 H11 N O2'    117.146 
# 
loop_
_pdbx_poly_seq_scheme.asym_id 
_pdbx_poly_seq_scheme.entity_id 
_pdbx_poly_seq_scheme.seq_id 
_pdbx_poly_seq_scheme.mon_id 
_pdbx_poly_seq_scheme.ndb_seq_num 
_pdbx_poly_seq_scheme.pdb_seq_num 
_pdbx_poly_seq_scheme.auth_seq_num 
_pdbx_poly_seq_scheme.pdb_mon_id 
_pdbx_poly_seq_scheme.auth_mon_id 
_pdbx_poly_seq_scheme.pdb_strand_id 
_pdbx_poly_seq_scheme.pdb_ins_code 
_pdbx_poly_seq_scheme.hetero 
A 1 1  VAL 1  1  1  VAL VAL A . n 
A 1 2  VAL 2  2  2  VAL VAL A . n 
A 1 3  SER 3  3  3  SER SER A . n 
A 1 4  HIS 4  4  4  HIS HIS A . n 
A 1 5  PHE 5  5  5  PHE PHE A . n 
A 1 6  ASN 6  6  6  ASN ASN A . n 
A 1 7  ASP 7  7  7  ASP ASP A . n 
A 1 8  CYS 8  8  8  CYS CYS A . n 
A 1 9  PRO 9  9  9  PRO PRO A . n 
A 1 10 ASP 10 10 10 ASP ASP A . n 
A 1 11 SER 11 11 11 SER SER A . n 
A 1 12 HIS 12 12 12 HIS HIS A . n 
A 1 13 THR 13 13 13 THR THR A . n 
A 1 14 GLN 14 14 14 GLN GLN A . n 
A 1 15 PHE 15 15 15 PHE PHE A . n 
A 1 16 CYS 16 16 16 CYS CYS A . n 
A 1 17 PHE 17 17 17 PHE PHE A . n 
A 1 18 HIS 18 18 18 HIS HIS A . n 
A 1 19 GLY 19 19 19 GLY GLY A . n 
A 1 20 THR 20 20 20 THR THR A . n 
A 1 21 CYS 21 21 21 CYS CYS A . n 
A 1 22 ARG 22 22 22 ARG ARG A . n 
A 1 23 PHE 23 23 23 PHE PHE A . n 
A 1 24 LEU 24 24 24 LEU LEU A . n 
A 1 25 VAL 25 25 25 VAL VAL A . n 
A 1 26 GLN 26 26 26 GLN GLN A . n 
A 1 27 GLU 27 27 27 GLU GLU A . n 
A 1 28 ASP 28 28 28 ASP ASP A . n 
A 1 29 LYS 29 29 29 LYS LYS A . n 
A 1 30 PRO 30 30 30 PRO PRO A . n 
A 1 31 ALA 31 31 31 ALA ALA A . n 
A 1 32 CYS 32 32 32 CYS CYS A . n 
A 1 33 VAL 33 33 33 VAL VAL A . n 
A 1 34 CYS 34 34 34 CYS CYS A . n 
A 1 35 HIS 35 35 35 HIS HIS A . n 
A 1 36 SER 36 36 36 SER SER A . n 
A 1 37 GLY 37 37 37 GLY GLY A . n 
A 1 38 TYR 38 38 38 TYR TYR A . n 
A 1 39 VAL 39 39 39 VAL VAL A . n 
A 1 40 GLY 40 40 40 GLY GLY A . n 
A 1 41 ALA 41 41 41 ALA ALA A . n 
A 1 42 ARG 42 42 42 ARG ARG A . n 
A 1 43 CYS 43 43 43 CYS CYS A . n 
A 1 44 GLU 44 44 44 GLU GLU A . n 
A 1 45 HIS 45 45 45 HIS HIS A . n 
A 1 46 ALA 46 46 46 ALA ALA A . n 
A 1 47 ASP 47 47 47 ASP ASP A . n 
A 1 48 LEU 48 48 48 LEU LEU A . n 
A 1 49 LEU 49 49 49 LEU LEU A . n 
A 1 50 ALA 50 50 50 ALA ALA A . n 
# 
_cell.entry_id           3TGF 
_cell.length_a           1.000 
_cell.length_b           1.000 
_cell.length_c           1.000 
_cell.angle_alpha        90.00 
_cell.angle_beta         90.00 
_cell.angle_gamma        90.00 
_cell.Z_PDB              1 
_cell.pdbx_unique_axis   ? 
# 
_symmetry.entry_id                         3TGF 
_symmetry.space_group_name_H-M             'P 1' 
_symmetry.pdbx_full_space_group_name_H-M   ? 
_symmetry.cell_setting                     ? 
_symmetry.Int_Tables_number                1 
# 
_exptl.entry_id          3TGF 
_exptl.method            'SOLUTION NMR' 
_exptl.crystals_number   ? 
# 
_struct.entry_id                  3TGF 
_struct.title                     'THE SOLUTION STRUCTURE OF HUMAN TRANSFORMING GROWTH FACTOR ALPHA' 
_struct.pdbx_model_details        ? 
_struct.pdbx_CASP_flag            ? 
_struct.pdbx_model_type_details   ? 
# 
_struct_keywords.entry_id        3TGF 
_struct_keywords.pdbx_keywords   'GROWTH FACTOR' 
_struct_keywords.text            'GROWTH FACTOR' 
# 
_struct_asym.id                            A 
_struct_asym.pdbx_blank_PDB_chainid_flag   Y 
_struct_asym.pdbx_modified                 N 
_struct_asym.entity_id                     1 
_struct_asym.details                       ? 
# 
_struct_ref.id                         1 
_struct_ref.db_name                    UNP 
_struct_ref.db_code                    TGFA_HUMAN 
_struct_ref.entity_id                  1 
_struct_ref.pdbx_db_accession          P01135 
_struct_ref.pdbx_align_begin           1 
_struct_ref.pdbx_seq_one_letter_code   
;MVPSAGQLALFALGIVLAACQALENSTSPLSADPPVAAAVVSHFNDCPDSHTQFCFHGTCRFLVQEDKPACVCHSGYVGA
RCEHADLLAVVAASQKKQAITALVVVSIVALAVLIITCVLIHCCQVRKHCEWCRALICRHEKPSALLKGRTACCHSETVV

;
_struct_ref.pdbx_db_isoform            ? 
# 
_struct_ref_seq.align_id                      1 
_struct_ref_seq.ref_id                        1 
_struct_ref_seq.pdbx_PDB_id_code              3TGF 
_struct_ref_seq.pdbx_strand_id                A 
_struct_ref_seq.seq_align_beg                 1 
_struct_ref_seq.pdbx_seq_align_beg_ins_code   ? 
_struct_ref_seq.seq_align_end                 50 
_struct_ref_seq.pdbx_seq_align_end_ins_code   ? 
_struct_ref_seq.pdbx_db_accession             P01135 
_struct_ref_seq.db_align_beg                  40 
_struct_ref_seq.pdbx_db_align_beg_ins_code    ? 
_struct_ref_seq.db_align_end                  89 
_struct_ref_seq.pdbx_db_align_end_ins_code    ? 
_struct_ref_seq.pdbx_auth_seq_align_beg       1 
_struct_ref_seq.pdbx_auth_seq_align_end       50 
# 
_pdbx_struct_assembly.id                   1 
_pdbx_struct_assembly.details              author_defined_assembly 
_pdbx_struct_assembly.method_details       ? 
_pdbx_struct_assembly.oligomeric_details   monomeric 
_pdbx_struct_assembly.oligomeric_count     1 
# 
_pdbx_struct_assembly_gen.assembly_id       1 
_pdbx_struct_assembly_gen.oper_expression   1 
_pdbx_struct_assembly_gen.asym_id_list      A 
# 
_pdbx_struct_oper_list.id                   1 
_pdbx_struct_oper_list.type                 'identity operation' 
_pdbx_struct_oper_list.name                 1_555 
_pdbx_struct_oper_list.symmetry_operation   ? 
_pdbx_struct_oper_list.matrix[1][1]         1.0000000000 
_pdbx_struct_oper_list.matrix[1][2]         0.0000000000 
_pdbx_struct_oper_list.matrix[1][3]         0.0000000000 
_pdbx_struct_oper_list.vector[1]            0.0000000000 
_pdbx_struct_oper_list.matrix[2][1]         0.0000000000 
_pdbx_struct_oper_list.matrix[2][2]         1.0000000000 
_pdbx_struct_oper_list.matrix[2][3]         0.0000000000 
_pdbx_struct_oper_list.vector[2]            0.0000000000 
_pdbx_struct_oper_list.matrix[3][1]         0.0000000000 
_pdbx_struct_oper_list.matrix[3][2]         0.0000000000 
_pdbx_struct_oper_list.matrix[3][3]         1.0000000000 
_pdbx_struct_oper_list.vector[3]            0.0000000000 
# 
_struct_biol.id   1 
# 
loop_
_struct_conn.id 
_struct_conn.conn_type_id 
_struct_conn.pdbx_leaving_atom_flag 
_struct_conn.pdbx_PDB_id 
_struct_conn.ptnr1_label_asym_id 
_struct_conn.ptnr1_label_comp_id 
_struct_conn.ptnr1_label_seq_id 
_struct_conn.ptnr1_label_atom_id 
_struct_conn.pdbx_ptnr1_label_alt_id 
_struct_conn.pdbx_ptnr1_PDB_ins_code 
_struct_conn.pdbx_ptnr1_standard_comp_id 
_struct_conn.ptnr1_symmetry 
_struct_conn.ptnr2_label_asym_id 
_struct_conn.ptnr2_label_comp_id 
_struct_conn.ptnr2_label_seq_id 
_struct_conn.ptnr2_label_atom_id 
_struct_conn.pdbx_ptnr2_label_alt_id 
_struct_conn.pdbx_ptnr2_PDB_ins_code 
_struct_conn.ptnr1_auth_asym_id 
_struct_conn.ptnr1_auth_comp_id 
_struct_conn.ptnr1_auth_seq_id 
_struct_conn.ptnr2_auth_asym_id 
_struct_conn.ptnr2_auth_comp_id 
_struct_conn.ptnr2_auth_seq_id 
_struct_conn.ptnr2_symmetry 
_struct_conn.pdbx_ptnr3_label_atom_id 
_struct_conn.pdbx_ptnr3_label_seq_id 
_struct_conn.pdbx_ptnr3_label_comp_id 
_struct_conn.pdbx_ptnr3_label_asym_id 
_struct_conn.pdbx_ptnr3_label_alt_id 
_struct_conn.pdbx_ptnr3_PDB_ins_code 
_struct_conn.details 
_struct_conn.pdbx_dist_value 
_struct_conn.pdbx_value_order 
_struct_conn.pdbx_role 
disulf1 disulf ? ? A CYS 8  SG ? ? ? 1_555 A CYS 21 SG ? ? A CYS 8  A CYS 21 1_555 ? ? ? ? ? ? ? 2.042 ? ? 
disulf2 disulf ? ? A CYS 16 SG ? ? ? 1_555 A CYS 32 SG ? ? A CYS 16 A CYS 32 1_555 ? ? ? ? ? ? ? 2.039 ? ? 
disulf3 disulf ? ? A CYS 34 SG ? ? ? 1_555 A CYS 43 SG ? ? A CYS 34 A CYS 43 1_555 ? ? ? ? ? ? ? 2.033 ? ? 
# 
_struct_conn_type.id          disulf 
_struct_conn_type.criteria    ? 
_struct_conn_type.reference   ? 
# 
loop_
_pdbx_modification_feature.ordinal 
_pdbx_modification_feature.label_comp_id 
_pdbx_modification_feature.label_asym_id 
_pdbx_modification_feature.label_seq_id 
_pdbx_modification_feature.label_alt_id 
_pdbx_modification_feature.modified_residue_label_comp_id 
_pdbx_modification_feature.modified_residue_label_asym_id 
_pdbx_modification_feature.modified_residue_label_seq_id 
_pdbx_modification_feature.modified_residue_label_alt_id 
_pdbx_modification_feature.auth_comp_id 
_pdbx_modification_feature.auth_asym_id 
_pdbx_modification_feature.auth_seq_id 
_pdbx_modification_feature.PDB_ins_code 
_pdbx_modification_feature.symmetry 
_pdbx_modification_feature.modified_residue_auth_comp_id 
_pdbx_modification_feature.modified_residue_auth_asym_id 
_pdbx_modification_feature.modified_residue_auth_seq_id 
_pdbx_modification_feature.modified_residue_PDB_ins_code 
_pdbx_modification_feature.modified_residue_symmetry 
_pdbx_modification_feature.comp_id_linking_atom 
_pdbx_modification_feature.modified_residue_id_linking_atom 
_pdbx_modification_feature.modified_residue_id 
_pdbx_modification_feature.ref_pcm_id 
_pdbx_modification_feature.ref_comp_id 
_pdbx_modification_feature.type 
_pdbx_modification_feature.category 
1 CYS A 8  ? CYS A 21 ? CYS A 8  ? 1_555 CYS A 21 ? 1_555 SG SG . . . None 'Disulfide bridge' 
2 CYS A 16 ? CYS A 32 ? CYS A 16 ? 1_555 CYS A 32 ? 1_555 SG SG . . . None 'Disulfide bridge' 
3 CYS A 34 ? CYS A 43 ? CYS A 34 ? 1_555 CYS A 43 ? 1_555 SG SG . . . None 'Disulfide bridge' 
# 
loop_
_struct_sheet.id 
_struct_sheet.type 
_struct_sheet.number_strands 
_struct_sheet.details 
S1 ? 2 ? 
S2 ? 2 ? 
# 
loop_
_struct_sheet_order.sheet_id 
_struct_sheet_order.range_id_1 
_struct_sheet_order.range_id_2 
_struct_sheet_order.offset 
_struct_sheet_order.sense 
S1 1 2 ? anti-parallel 
S2 1 2 ? anti-parallel 
# 
loop_
_struct_sheet_range.sheet_id 
_struct_sheet_range.id 
_struct_sheet_range.beg_label_comp_id 
_struct_sheet_range.beg_label_asym_id 
_struct_sheet_range.beg_label_seq_id 
_struct_sheet_range.pdbx_beg_PDB_ins_code 
_struct_sheet_range.end_label_comp_id 
_struct_sheet_range.end_label_asym_id 
_struct_sheet_range.end_label_seq_id 
_struct_sheet_range.pdbx_end_PDB_ins_code 
_struct_sheet_range.beg_auth_comp_id 
_struct_sheet_range.beg_auth_asym_id 
_struct_sheet_range.beg_auth_seq_id 
_struct_sheet_range.end_auth_comp_id 
_struct_sheet_range.end_auth_asym_id 
_struct_sheet_range.end_auth_seq_id 
S1 1 GLY A 19 ? LEU A 24 ? GLY A 19 LEU A 24 
S1 2 LYS A 29 ? CYS A 34 ? LYS A 29 CYS A 34 
S2 1 TYR A 38 ? VAL A 39 ? TYR A 38 VAL A 39 
S2 2 HIS A 45 ? ASP A 47 ? HIS A 45 ASP A 47 
# 
_pdbx_entry_details.entry_id                   3TGF 
_pdbx_entry_details.compound_details           ? 
_pdbx_entry_details.source_details             ? 
_pdbx_entry_details.nonpolymer_details         ? 
_pdbx_entry_details.sequence_details           ? 
_pdbx_entry_details.has_ligand_of_interest     ? 
_pdbx_entry_details.has_protein_modification   Y 
# 
_pdbx_validate_close_contact.id               1 
_pdbx_validate_close_contact.PDB_model_num    1 
_pdbx_validate_close_contact.auth_atom_id_1   O 
_pdbx_validate_close_contact.auth_asym_id_1   A 
_pdbx_validate_close_contact.auth_comp_id_1   PRO 
_pdbx_validate_close_contact.auth_seq_id_1    9 
_pdbx_validate_close_contact.PDB_ins_code_1   ? 
_pdbx_validate_close_contact.label_alt_id_1   ? 
_pdbx_validate_close_contact.auth_atom_id_2   HG1 
_pdbx_validate_close_contact.auth_asym_id_2   A 
_pdbx_validate_close_contact.auth_comp_id_2   THR 
_pdbx_validate_close_contact.auth_seq_id_2    13 
_pdbx_validate_close_contact.PDB_ins_code_2   ? 
_pdbx_validate_close_contact.label_alt_id_2   ? 
_pdbx_validate_close_contact.dist             1.56 
# 
loop_
_pdbx_validate_torsion.id 
_pdbx_validate_torsion.PDB_model_num 
_pdbx_validate_torsion.auth_comp_id 
_pdbx_validate_torsion.auth_asym_id 
_pdbx_validate_torsion.auth_seq_id 
_pdbx_validate_torsion.PDB_ins_code 
_pdbx_validate_torsion.label_alt_id 
_pdbx_validate_torsion.phi 
_pdbx_validate_torsion.psi 
1  1 VAL A 2  ? ? 61.08   109.49  
2  1 ASP A 7  ? ? -166.02 95.47   
3  1 PRO A 9  ? ? -57.91  172.25  
4  1 SER A 11 ? ? -67.63  93.49   
5  1 HIS A 12 ? ? 52.21   99.02   
6  1 THR A 13 ? ? -83.68  47.10   
7  1 GLN A 14 ? ? 64.89   -46.82  
8  1 HIS A 18 ? ? -115.26 63.45   
9  1 PHE A 23 ? ? -69.52  89.91   
10 1 LEU A 24 ? ? -64.20  88.55   
11 1 SER A 36 ? ? -53.02  107.81  
12 1 ALA A 41 ? ? 60.16   -75.09  
13 1 CYS A 43 ? ? 23.48   62.93   
14 1 ASP A 47 ? ? -59.11  100.31  
15 1 LEU A 48 ? ? 82.13   -44.87  
16 2 SER A 3  ? ? -152.69 -76.12  
17 2 SER A 11 ? ? -125.64 -89.71  
18 2 THR A 13 ? ? -73.63  34.10   
19 2 PHE A 17 ? ? -103.30 -75.64  
20 2 HIS A 18 ? ? -96.86  52.50   
21 2 LEU A 24 ? ? -69.93  93.42   
22 2 SER A 36 ? ? -59.42  103.40  
23 2 CYS A 43 ? ? 44.33   81.63   
24 2 GLU A 44 ? ? -142.08 -31.84  
25 2 LEU A 49 ? ? -85.82  46.00   
26 3 ASP A 7  ? ? -49.64  106.83  
27 3 SER A 11 ? ? -168.00 101.75  
28 3 HIS A 12 ? ? 70.66   -39.36  
29 3 THR A 13 ? ? -62.16  55.48   
30 3 GLN A 14 ? ? -125.13 -71.71  
31 3 PHE A 15 ? ? 51.61   -25.79  
32 3 PHE A 17 ? ? -86.82  -78.43  
33 3 HIS A 18 ? ? -100.13 57.38   
34 3 SER A 36 ? ? -40.09  105.82  
35 3 CYS A 43 ? ? 38.05   75.28   
36 4 SER A 3  ? ? -66.07  85.76   
37 4 ASN A 6  ? ? 38.79   -104.39 
38 4 ASP A 7  ? ? -173.45 136.84  
39 4 ASP A 28 ? ? 49.57   29.44   
40 4 PRO A 30 ? ? -83.90  48.78   
41 4 SER A 36 ? ? -51.09  107.77  
42 4 ALA A 41 ? ? 61.73   -67.72  
43 4 LEU A 49 ? ? -170.77 -60.05  
# 
loop_
_pdbx_validate_peptide_omega.id 
_pdbx_validate_peptide_omega.PDB_model_num 
_pdbx_validate_peptide_omega.auth_comp_id_1 
_pdbx_validate_peptide_omega.auth_asym_id_1 
_pdbx_validate_peptide_omega.auth_seq_id_1 
_pdbx_validate_peptide_omega.PDB_ins_code_1 
_pdbx_validate_peptide_omega.label_alt_id_1 
_pdbx_validate_peptide_omega.auth_comp_id_2 
_pdbx_validate_peptide_omega.auth_asym_id_2 
_pdbx_validate_peptide_omega.auth_seq_id_2 
_pdbx_validate_peptide_omega.PDB_ins_code_2 
_pdbx_validate_peptide_omega.label_alt_id_2 
_pdbx_validate_peptide_omega.omega 
1 1 SER A 11 ? ? HIS A 12 ? ? -149.74 
2 1 ALA A 31 ? ? CYS A 32 ? ? -148.73 
3 1 VAL A 39 ? ? GLY A 40 ? ? -129.90 
4 2 ALA A 31 ? ? CYS A 32 ? ? -149.16 
5 4 GLN A 14 ? ? PHE A 15 ? ? 146.63  
6 4 VAL A 39 ? ? GLY A 40 ? ? -129.25 
# 
loop_
_pdbx_validate_planes.id 
_pdbx_validate_planes.PDB_model_num 
_pdbx_validate_planes.auth_comp_id 
_pdbx_validate_planes.auth_asym_id 
_pdbx_validate_planes.auth_seq_id 
_pdbx_validate_planes.PDB_ins_code 
_pdbx_validate_planes.label_alt_id 
_pdbx_validate_planes.rmsd 
_pdbx_validate_planes.type 
1 1 TYR A 38 ? ? 0.183 'SIDE CHAIN' 
2 2 PHE A 15 ? ? 0.105 'SIDE CHAIN' 
3 3 PHE A 15 ? ? 0.095 'SIDE CHAIN' 
4 3 TYR A 38 ? ? 0.176 'SIDE CHAIN' 
5 4 TYR A 38 ? ? 0.183 'SIDE CHAIN' 
# 
_pdbx_validate_main_chain_plane.id                       1 
_pdbx_validate_main_chain_plane.PDB_model_num            2 
_pdbx_validate_main_chain_plane.auth_comp_id             ASP 
_pdbx_validate_main_chain_plane.auth_asym_id             A 
_pdbx_validate_main_chain_plane.auth_seq_id              28 
_pdbx_validate_main_chain_plane.PDB_ins_code             ? 
_pdbx_validate_main_chain_plane.label_alt_id             ? 
_pdbx_validate_main_chain_plane.improper_torsion_angle   -10.12 
# 
_pdbx_nmr_ensemble.entry_id                             3TGF 
_pdbx_nmr_ensemble.conformers_calculated_total_number   ? 
_pdbx_nmr_ensemble.conformers_submitted_total_number    4 
_pdbx_nmr_ensemble.conformer_selection_criteria         ? 
# 
loop_
_chem_comp_atom.comp_id 
_chem_comp_atom.atom_id 
_chem_comp_atom.type_symbol 
_chem_comp_atom.pdbx_aromatic_flag 
_chem_comp_atom.pdbx_stereo_config 
_chem_comp_atom.pdbx_ordinal 
ALA N    N N N 1   
ALA CA   C N S 2   
ALA C    C N N 3   
ALA O    O N N 4   
ALA CB   C N N 5   
ALA OXT  O N N 6   
ALA H    H N N 7   
ALA H2   H N N 8   
ALA HA   H N N 9   
ALA HB1  H N N 10  
ALA HB2  H N N 11  
ALA HB3  H N N 12  
ALA HXT  H N N 13  
ARG N    N N N 14  
ARG CA   C N S 15  
ARG C    C N N 16  
ARG O    O N N 17  
ARG CB   C N N 18  
ARG CG   C N N 19  
ARG CD   C N N 20  
ARG NE   N N N 21  
ARG CZ   C N N 22  
ARG NH1  N N N 23  
ARG NH2  N N N 24  
ARG OXT  O N N 25  
ARG H    H N N 26  
ARG H2   H N N 27  
ARG HA   H N N 28  
ARG HB2  H N N 29  
ARG HB3  H N N 30  
ARG HG2  H N N 31  
ARG HG3  H N N 32  
ARG HD2  H N N 33  
ARG HD3  H N N 34  
ARG HE   H N N 35  
ARG HH11 H N N 36  
ARG HH12 H N N 37  
ARG HH21 H N N 38  
ARG HH22 H N N 39  
ARG HXT  H N N 40  
ASN N    N N N 41  
ASN CA   C N S 42  
ASN C    C N N 43  
ASN O    O N N 44  
ASN CB   C N N 45  
ASN CG   C N N 46  
ASN OD1  O N N 47  
ASN ND2  N N N 48  
ASN OXT  O N N 49  
ASN H    H N N 50  
ASN H2   H N N 51  
ASN HA   H N N 52  
ASN HB2  H N N 53  
ASN HB3  H N N 54  
ASN HD21 H N N 55  
ASN HD22 H N N 56  
ASN HXT  H N N 57  
ASP N    N N N 58  
ASP CA   C N S 59  
ASP C    C N N 60  
ASP O    O N N 61  
ASP CB   C N N 62  
ASP CG   C N N 63  
ASP OD1  O N N 64  
ASP OD2  O N N 65  
ASP OXT  O N N 66  
ASP H    H N N 67  
ASP H2   H N N 68  
ASP HA   H N N 69  
ASP HB2  H N N 70  
ASP HB3  H N N 71  
ASP HD2  H N N 72  
ASP HXT  H N N 73  
CYS N    N N N 74  
CYS CA   C N R 75  
CYS C    C N N 76  
CYS O    O N N 77  
CYS CB   C N N 78  
CYS SG   S N N 79  
CYS OXT  O N N 80  
CYS H    H N N 81  
CYS H2   H N N 82  
CYS HA   H N N 83  
CYS HB2  H N N 84  
CYS HB3  H N N 85  
CYS HG   H N N 86  
CYS HXT  H N N 87  
GLN N    N N N 88  
GLN CA   C N S 89  
GLN C    C N N 90  
GLN O    O N N 91  
GLN CB   C N N 92  
GLN CG   C N N 93  
GLN CD   C N N 94  
GLN OE1  O N N 95  
GLN NE2  N N N 96  
GLN OXT  O N N 97  
GLN H    H N N 98  
GLN H2   H N N 99  
GLN HA   H N N 100 
GLN HB2  H N N 101 
GLN HB3  H N N 102 
GLN HG2  H N N 103 
GLN HG3  H N N 104 
GLN HE21 H N N 105 
GLN HE22 H N N 106 
GLN HXT  H N N 107 
GLU N    N N N 108 
GLU CA   C N S 109 
GLU C    C N N 110 
GLU O    O N N 111 
GLU CB   C N N 112 
GLU CG   C N N 113 
GLU CD   C N N 114 
GLU OE1  O N N 115 
GLU OE2  O N N 116 
GLU OXT  O N N 117 
GLU H    H N N 118 
GLU H2   H N N 119 
GLU HA   H N N 120 
GLU HB2  H N N 121 
GLU HB3  H N N 122 
GLU HG2  H N N 123 
GLU HG3  H N N 124 
GLU HE2  H N N 125 
GLU HXT  H N N 126 
GLY N    N N N 127 
GLY CA   C N N 128 
GLY C    C N N 129 
GLY O    O N N 130 
GLY OXT  O N N 131 
GLY H    H N N 132 
GLY H2   H N N 133 
GLY HA2  H N N 134 
GLY HA3  H N N 135 
GLY HXT  H N N 136 
HIS N    N N N 137 
HIS CA   C N S 138 
HIS C    C N N 139 
HIS O    O N N 140 
HIS CB   C N N 141 
HIS CG   C Y N 142 
HIS ND1  N Y N 143 
HIS CD2  C Y N 144 
HIS CE1  C Y N 145 
HIS NE2  N Y N 146 
HIS OXT  O N N 147 
HIS H    H N N 148 
HIS H2   H N N 149 
HIS HA   H N N 150 
HIS HB2  H N N 151 
HIS HB3  H N N 152 
HIS HD1  H N N 153 
HIS HD2  H N N 154 
HIS HE1  H N N 155 
HIS HE2  H N N 156 
HIS HXT  H N N 157 
LEU N    N N N 158 
LEU CA   C N S 159 
LEU C    C N N 160 
LEU O    O N N 161 
LEU CB   C N N 162 
LEU CG   C N N 163 
LEU CD1  C N N 164 
LEU CD2  C N N 165 
LEU OXT  O N N 166 
LEU H    H N N 167 
LEU H2   H N N 168 
LEU HA   H N N 169 
LEU HB2  H N N 170 
LEU HB3  H N N 171 
LEU HG   H N N 172 
LEU HD11 H N N 173 
LEU HD12 H N N 174 
LEU HD13 H N N 175 
LEU HD21 H N N 176 
LEU HD22 H N N 177 
LEU HD23 H N N 178 
LEU HXT  H N N 179 
LYS N    N N N 180 
LYS CA   C N S 181 
LYS C    C N N 182 
LYS O    O N N 183 
LYS CB   C N N 184 
LYS CG   C N N 185 
LYS CD   C N N 186 
LYS CE   C N N 187 
LYS NZ   N N N 188 
LYS OXT  O N N 189 
LYS H    H N N 190 
LYS H2   H N N 191 
LYS HA   H N N 192 
LYS HB2  H N N 193 
LYS HB3  H N N 194 
LYS HG2  H N N 195 
LYS HG3  H N N 196 
LYS HD2  H N N 197 
LYS HD3  H N N 198 
LYS HE2  H N N 199 
LYS HE3  H N N 200 
LYS HZ1  H N N 201 
LYS HZ2  H N N 202 
LYS HZ3  H N N 203 
LYS HXT  H N N 204 
PHE N    N N N 205 
PHE CA   C N S 206 
PHE C    C N N 207 
PHE O    O N N 208 
PHE CB   C N N 209 
PHE CG   C Y N 210 
PHE CD1  C Y N 211 
PHE CD2  C Y N 212 
PHE CE1  C Y N 213 
PHE CE2  C Y N 214 
PHE CZ   C Y N 215 
PHE OXT  O N N 216 
PHE H    H N N 217 
PHE H2   H N N 218 
PHE HA   H N N 219 
PHE HB2  H N N 220 
PHE HB3  H N N 221 
PHE HD1  H N N 222 
PHE HD2  H N N 223 
PHE HE1  H N N 224 
PHE HE2  H N N 225 
PHE HZ   H N N 226 
PHE HXT  H N N 227 
PRO N    N N N 228 
PRO CA   C N S 229 
PRO C    C N N 230 
PRO O    O N N 231 
PRO CB   C N N 232 
PRO CG   C N N 233 
PRO CD   C N N 234 
PRO OXT  O N N 235 
PRO H    H N N 236 
PRO HA   H N N 237 
PRO HB2  H N N 238 
PRO HB3  H N N 239 
PRO HG2  H N N 240 
PRO HG3  H N N 241 
PRO HD2  H N N 242 
PRO HD3  H N N 243 
PRO HXT  H N N 244 
SER N    N N N 245 
SER CA   C N S 246 
SER C    C N N 247 
SER O    O N N 248 
SER CB   C N N 249 
SER OG   O N N 250 
SER OXT  O N N 251 
SER H    H N N 252 
SER H2   H N N 253 
SER HA   H N N 254 
SER HB2  H N N 255 
SER HB3  H N N 256 
SER HG   H N N 257 
SER HXT  H N N 258 
THR N    N N N 259 
THR CA   C N S 260 
THR C    C N N 261 
THR O    O N N 262 
THR CB   C N R 263 
THR OG1  O N N 264 
THR CG2  C N N 265 
THR OXT  O N N 266 
THR H    H N N 267 
THR H2   H N N 268 
THR HA   H N N 269 
THR HB   H N N 270 
THR HG1  H N N 271 
THR HG21 H N N 272 
THR HG22 H N N 273 
THR HG23 H N N 274 
THR HXT  H N N 275 
TYR N    N N N 276 
TYR CA   C N S 277 
TYR C    C N N 278 
TYR O    O N N 279 
TYR CB   C N N 280 
TYR CG   C Y N 281 
TYR CD1  C Y N 282 
TYR CD2  C Y N 283 
TYR CE1  C Y N 284 
TYR CE2  C Y N 285 
TYR CZ   C Y N 286 
TYR OH   O N N 287 
TYR OXT  O N N 288 
TYR H    H N N 289 
TYR H2   H N N 290 
TYR HA   H N N 291 
TYR HB2  H N N 292 
TYR HB3  H N N 293 
TYR HD1  H N N 294 
TYR HD2  H N N 295 
TYR HE1  H N N 296 
TYR HE2  H N N 297 
TYR HH   H N N 298 
TYR HXT  H N N 299 
VAL N    N N N 300 
VAL CA   C N S 301 
VAL C    C N N 302 
VAL O    O N N 303 
VAL CB   C N N 304 
VAL CG1  C N N 305 
VAL CG2  C N N 306 
VAL OXT  O N N 307 
VAL H    H N N 308 
VAL H2   H N N 309 
VAL HA   H N N 310 
VAL HB   H N N 311 
VAL HG11 H N N 312 
VAL HG12 H N N 313 
VAL HG13 H N N 314 
VAL HG21 H N N 315 
VAL HG22 H N N 316 
VAL HG23 H N N 317 
VAL HXT  H N N 318 
# 
loop_
_chem_comp_bond.comp_id 
_chem_comp_bond.atom_id_1 
_chem_comp_bond.atom_id_2 
_chem_comp_bond.value_order 
_chem_comp_bond.pdbx_aromatic_flag 
_chem_comp_bond.pdbx_stereo_config 
_chem_comp_bond.pdbx_ordinal 
ALA N   CA   sing N N 1   
ALA N   H    sing N N 2   
ALA N   H2   sing N N 3   
ALA CA  C    sing N N 4   
ALA CA  CB   sing N N 5   
ALA CA  HA   sing N N 6   
ALA C   O    doub N N 7   
ALA C   OXT  sing N N 8   
ALA CB  HB1  sing N N 9   
ALA CB  HB2  sing N N 10  
ALA CB  HB3  sing N N 11  
ALA OXT HXT  sing N N 12  
ARG N   CA   sing N N 13  
ARG N   H    sing N N 14  
ARG N   H2   sing N N 15  
ARG CA  C    sing N N 16  
ARG CA  CB   sing N N 17  
ARG CA  HA   sing N N 18  
ARG C   O    doub N N 19  
ARG C   OXT  sing N N 20  
ARG CB  CG   sing N N 21  
ARG CB  HB2  sing N N 22  
ARG CB  HB3  sing N N 23  
ARG CG  CD   sing N N 24  
ARG CG  HG2  sing N N 25  
ARG CG  HG3  sing N N 26  
ARG CD  NE   sing N N 27  
ARG CD  HD2  sing N N 28  
ARG CD  HD3  sing N N 29  
ARG NE  CZ   sing N N 30  
ARG NE  HE   sing N N 31  
ARG CZ  NH1  sing N N 32  
ARG CZ  NH2  doub N N 33  
ARG NH1 HH11 sing N N 34  
ARG NH1 HH12 sing N N 35  
ARG NH2 HH21 sing N N 36  
ARG NH2 HH22 sing N N 37  
ARG OXT HXT  sing N N 38  
ASN N   CA   sing N N 39  
ASN N   H    sing N N 40  
ASN N   H2   sing N N 41  
ASN CA  C    sing N N 42  
ASN CA  CB   sing N N 43  
ASN CA  HA   sing N N 44  
ASN C   O    doub N N 45  
ASN C   OXT  sing N N 46  
ASN CB  CG   sing N N 47  
ASN CB  HB2  sing N N 48  
ASN CB  HB3  sing N N 49  
ASN CG  OD1  doub N N 50  
ASN CG  ND2  sing N N 51  
ASN ND2 HD21 sing N N 52  
ASN ND2 HD22 sing N N 53  
ASN OXT HXT  sing N N 54  
ASP N   CA   sing N N 55  
ASP N   H    sing N N 56  
ASP N   H2   sing N N 57  
ASP CA  C    sing N N 58  
ASP CA  CB   sing N N 59  
ASP CA  HA   sing N N 60  
ASP C   O    doub N N 61  
ASP C   OXT  sing N N 62  
ASP CB  CG   sing N N 63  
ASP CB  HB2  sing N N 64  
ASP CB  HB3  sing N N 65  
ASP CG  OD1  doub N N 66  
ASP CG  OD2  sing N N 67  
ASP OD2 HD2  sing N N 68  
ASP OXT HXT  sing N N 69  
CYS N   CA   sing N N 70  
CYS N   H    sing N N 71  
CYS N   H2   sing N N 72  
CYS CA  C    sing N N 73  
CYS CA  CB   sing N N 74  
CYS CA  HA   sing N N 75  
CYS C   O    doub N N 76  
CYS C   OXT  sing N N 77  
CYS CB  SG   sing N N 78  
CYS CB  HB2  sing N N 79  
CYS CB  HB3  sing N N 80  
CYS SG  HG   sing N N 81  
CYS OXT HXT  sing N N 82  
GLN N   CA   sing N N 83  
GLN N   H    sing N N 84  
GLN N   H2   sing N N 85  
GLN CA  C    sing N N 86  
GLN CA  CB   sing N N 87  
GLN CA  HA   sing N N 88  
GLN C   O    doub N N 89  
GLN C   OXT  sing N N 90  
GLN CB  CG   sing N N 91  
GLN CB  HB2  sing N N 92  
GLN CB  HB3  sing N N 93  
GLN CG  CD   sing N N 94  
GLN CG  HG2  sing N N 95  
GLN CG  HG3  sing N N 96  
GLN CD  OE1  doub N N 97  
GLN CD  NE2  sing N N 98  
GLN NE2 HE21 sing N N 99  
GLN NE2 HE22 sing N N 100 
GLN OXT HXT  sing N N 101 
GLU N   CA   sing N N 102 
GLU N   H    sing N N 103 
GLU N   H2   sing N N 104 
GLU CA  C    sing N N 105 
GLU CA  CB   sing N N 106 
GLU CA  HA   sing N N 107 
GLU C   O    doub N N 108 
GLU C   OXT  sing N N 109 
GLU CB  CG   sing N N 110 
GLU CB  HB2  sing N N 111 
GLU CB  HB3  sing N N 112 
GLU CG  CD   sing N N 113 
GLU CG  HG2  sing N N 114 
GLU CG  HG3  sing N N 115 
GLU CD  OE1  doub N N 116 
GLU CD  OE2  sing N N 117 
GLU OE2 HE2  sing N N 118 
GLU OXT HXT  sing N N 119 
GLY N   CA   sing N N 120 
GLY N   H    sing N N 121 
GLY N   H2   sing N N 122 
GLY CA  C    sing N N 123 
GLY CA  HA2  sing N N 124 
GLY CA  HA3  sing N N 125 
GLY C   O    doub N N 126 
GLY C   OXT  sing N N 127 
GLY OXT HXT  sing N N 128 
HIS N   CA   sing N N 129 
HIS N   H    sing N N 130 
HIS N   H2   sing N N 131 
HIS CA  C    sing N N 132 
HIS CA  CB   sing N N 133 
HIS CA  HA   sing N N 134 
HIS C   O    doub N N 135 
HIS C   OXT  sing N N 136 
HIS CB  CG   sing N N 137 
HIS CB  HB2  sing N N 138 
HIS CB  HB3  sing N N 139 
HIS CG  ND1  sing Y N 140 
HIS CG  CD2  doub Y N 141 
HIS ND1 CE1  doub Y N 142 
HIS ND1 HD1  sing N N 143 
HIS CD2 NE2  sing Y N 144 
HIS CD2 HD2  sing N N 145 
HIS CE1 NE2  sing Y N 146 
HIS CE1 HE1  sing N N 147 
HIS NE2 HE2  sing N N 148 
HIS OXT HXT  sing N N 149 
LEU N   CA   sing N N 150 
LEU N   H    sing N N 151 
LEU N   H2   sing N N 152 
LEU CA  C    sing N N 153 
LEU CA  CB   sing N N 154 
LEU CA  HA   sing N N 155 
LEU C   O    doub N N 156 
LEU C   OXT  sing N N 157 
LEU CB  CG   sing N N 158 
LEU CB  HB2  sing N N 159 
LEU CB  HB3  sing N N 160 
LEU CG  CD1  sing N N 161 
LEU CG  CD2  sing N N 162 
LEU CG  HG   sing N N 163 
LEU CD1 HD11 sing N N 164 
LEU CD1 HD12 sing N N 165 
LEU CD1 HD13 sing N N 166 
LEU CD2 HD21 sing N N 167 
LEU CD2 HD22 sing N N 168 
LEU CD2 HD23 sing N N 169 
LEU OXT HXT  sing N N 170 
LYS N   CA   sing N N 171 
LYS N   H    sing N N 172 
LYS N   H2   sing N N 173 
LYS CA  C    sing N N 174 
LYS CA  CB   sing N N 175 
LYS CA  HA   sing N N 176 
LYS C   O    doub N N 177 
LYS C   OXT  sing N N 178 
LYS CB  CG   sing N N 179 
LYS CB  HB2  sing N N 180 
LYS CB  HB3  sing N N 181 
LYS CG  CD   sing N N 182 
LYS CG  HG2  sing N N 183 
LYS CG  HG3  sing N N 184 
LYS CD  CE   sing N N 185 
LYS CD  HD2  sing N N 186 
LYS CD  HD3  sing N N 187 
LYS CE  NZ   sing N N 188 
LYS CE  HE2  sing N N 189 
LYS CE  HE3  sing N N 190 
LYS NZ  HZ1  sing N N 191 
LYS NZ  HZ2  sing N N 192 
LYS NZ  HZ3  sing N N 193 
LYS OXT HXT  sing N N 194 
PHE N   CA   sing N N 195 
PHE N   H    sing N N 196 
PHE N   H2   sing N N 197 
PHE CA  C    sing N N 198 
PHE CA  CB   sing N N 199 
PHE CA  HA   sing N N 200 
PHE C   O    doub N N 201 
PHE C   OXT  sing N N 202 
PHE CB  CG   sing N N 203 
PHE CB  HB2  sing N N 204 
PHE CB  HB3  sing N N 205 
PHE CG  CD1  doub Y N 206 
PHE CG  CD2  sing Y N 207 
PHE CD1 CE1  sing Y N 208 
PHE CD1 HD1  sing N N 209 
PHE CD2 CE2  doub Y N 210 
PHE CD2 HD2  sing N N 211 
PHE CE1 CZ   doub Y N 212 
PHE CE1 HE1  sing N N 213 
PHE CE2 CZ   sing Y N 214 
PHE CE2 HE2  sing N N 215 
PHE CZ  HZ   sing N N 216 
PHE OXT HXT  sing N N 217 
PRO N   CA   sing N N 218 
PRO N   CD   sing N N 219 
PRO N   H    sing N N 220 
PRO CA  C    sing N N 221 
PRO CA  CB   sing N N 222 
PRO CA  HA   sing N N 223 
PRO C   O    doub N N 224 
PRO C   OXT  sing N N 225 
PRO CB  CG   sing N N 226 
PRO CB  HB2  sing N N 227 
PRO CB  HB3  sing N N 228 
PRO CG  CD   sing N N 229 
PRO CG  HG2  sing N N 230 
PRO CG  HG3  sing N N 231 
PRO CD  HD2  sing N N 232 
PRO CD  HD3  sing N N 233 
PRO OXT HXT  sing N N 234 
SER N   CA   sing N N 235 
SER N   H    sing N N 236 
SER N   H2   sing N N 237 
SER CA  C    sing N N 238 
SER CA  CB   sing N N 239 
SER CA  HA   sing N N 240 
SER C   O    doub N N 241 
SER C   OXT  sing N N 242 
SER CB  OG   sing N N 243 
SER CB  HB2  sing N N 244 
SER CB  HB3  sing N N 245 
SER OG  HG   sing N N 246 
SER OXT HXT  sing N N 247 
THR N   CA   sing N N 248 
THR N   H    sing N N 249 
THR N   H2   sing N N 250 
THR CA  C    sing N N 251 
THR CA  CB   sing N N 252 
THR CA  HA   sing N N 253 
THR C   O    doub N N 254 
THR C   OXT  sing N N 255 
THR CB  OG1  sing N N 256 
THR CB  CG2  sing N N 257 
THR CB  HB   sing N N 258 
THR OG1 HG1  sing N N 259 
THR CG2 HG21 sing N N 260 
THR CG2 HG22 sing N N 261 
THR CG2 HG23 sing N N 262 
THR OXT HXT  sing N N 263 
TYR N   CA   sing N N 264 
TYR N   H    sing N N 265 
TYR N   H2   sing N N 266 
TYR CA  C    sing N N 267 
TYR CA  CB   sing N N 268 
TYR CA  HA   sing N N 269 
TYR C   O    doub N N 270 
TYR C   OXT  sing N N 271 
TYR CB  CG   sing N N 272 
TYR CB  HB2  sing N N 273 
TYR CB  HB3  sing N N 274 
TYR CG  CD1  doub Y N 275 
TYR CG  CD2  sing Y N 276 
TYR CD1 CE1  sing Y N 277 
TYR CD1 HD1  sing N N 278 
TYR CD2 CE2  doub Y N 279 
TYR CD2 HD2  sing N N 280 
TYR CE1 CZ   doub Y N 281 
TYR CE1 HE1  sing N N 282 
TYR CE2 CZ   sing Y N 283 
TYR CE2 HE2  sing N N 284 
TYR CZ  OH   sing N N 285 
TYR OH  HH   sing N N 286 
TYR OXT HXT  sing N N 287 
VAL N   CA   sing N N 288 
VAL N   H    sing N N 289 
VAL N   H2   sing N N 290 
VAL CA  C    sing N N 291 
VAL CA  CB   sing N N 292 
VAL CA  HA   sing N N 293 
VAL C   O    doub N N 294 
VAL C   OXT  sing N N 295 
VAL CB  CG1  sing N N 296 
VAL CB  CG2  sing N N 297 
VAL CB  HB   sing N N 298 
VAL CG1 HG11 sing N N 299 
VAL CG1 HG12 sing N N 300 
VAL CG1 HG13 sing N N 301 
VAL CG2 HG21 sing N N 302 
VAL CG2 HG22 sing N N 303 
VAL CG2 HG23 sing N N 304 
VAL OXT HXT  sing N N 305 
# 
_atom_sites.entry_id                    3TGF 
_atom_sites.fract_transf_matrix[1][1]   1.000000 
_atom_sites.fract_transf_matrix[1][2]   0.000000 
_atom_sites.fract_transf_matrix[1][3]   0.000000 
_atom_sites.fract_transf_matrix[2][1]   0.000000 
_atom_sites.fract_transf_matrix[2][2]   1.000000 
_atom_sites.fract_transf_matrix[2][3]   0.000000 
_atom_sites.fract_transf_matrix[3][1]   0.000000 
_atom_sites.fract_transf_matrix[3][2]   0.000000 
_atom_sites.fract_transf_matrix[3][3]   1.000000 
_atom_sites.fract_transf_vector[1]      0.00000 
_atom_sites.fract_transf_vector[2]      0.00000 
_atom_sites.fract_transf_vector[3]      0.00000 
# 
loop_
_atom_type.symbol 
C 
H 
N 
O 
S 
# 
loop_
_atom_site.group_PDB 
_atom_site.id 
_atom_site.type_symbol 
_atom_site.label_atom_id 
_atom_site.label_alt_id 
_atom_site.label_comp_id 
_atom_site.label_asym_id 
_atom_site.label_entity_id 
_atom_site.label_seq_id 
_atom_site.pdbx_PDB_ins_code 
_atom_site.Cartn_x 
_atom_site.Cartn_y 
_atom_site.Cartn_z 
_atom_site.occupancy 
_atom_site.B_iso_or_equiv 
_atom_site.pdbx_formal_charge 
_atom_site.auth_seq_id 
_atom_site.auth_comp_id 
_atom_site.auth_asym_id 
_atom_site.auth_atom_id 
_atom_site.pdbx_PDB_model_num 
ATOM 1    N N    . VAL A 1 1  ? 8.996   6.845   -3.304  1.00 0.00 ? 1  VAL A N    1 
ATOM 2    C CA   . VAL A 1 1  ? 10.417  6.562   -3.572  1.00 0.00 ? 1  VAL A CA   1 
ATOM 3    C C    . VAL A 1 1  ? 10.781  6.643   -5.075  1.00 0.00 ? 1  VAL A C    1 
ATOM 4    O O    . VAL A 1 1  ? 10.512  5.736   -5.866  1.00 0.00 ? 1  VAL A O    1 
ATOM 5    C CB   . VAL A 1 1  ? 10.867  5.256   -2.860  1.00 0.00 ? 1  VAL A CB   1 
ATOM 6    C CG1  . VAL A 1 1  ? 10.094  4.001   -3.288  1.00 0.00 ? 1  VAL A CG1  1 
ATOM 7    C CG2  . VAL A 1 1  ? 12.376  5.031   -2.976  1.00 0.00 ? 1  VAL A CG2  1 
ATOM 8    H H1   . VAL A 1 1  ? 8.545   7.095   -4.161  1.00 0.00 ? 1  VAL A H1   1 
ATOM 9    H H2   . VAL A 1 1  ? 8.537   6.040   -2.933  1.00 0.00 ? 1  VAL A H2   1 
ATOM 10   H H3   . VAL A 1 1  ? 8.918   7.613   -2.671  1.00 0.00 ? 1  VAL A H3   1 
ATOM 11   N N    . VAL A 1 2  ? 11.313  7.810   -5.418  1.00 0.00 ? 2  VAL A N    1 
ATOM 12   C CA   . VAL A 1 2  ? 11.811  8.185   -6.759  1.00 0.00 ? 2  VAL A CA   1 
ATOM 13   C C    . VAL A 1 2  ? 10.678  8.127   -7.800  1.00 0.00 ? 2  VAL A C    1 
ATOM 14   O O    . VAL A 1 2  ? 10.391  7.077   -8.355  1.00 0.00 ? 2  VAL A O    1 
ATOM 15   C CB   . VAL A 1 2  ? 13.049  7.353   -7.183  1.00 0.00 ? 2  VAL A CB   1 
ATOM 16   C CG1  . VAL A 1 2  ? 13.603  7.782   -8.547  1.00 0.00 ? 2  VAL A CG1  1 
ATOM 17   C CG2  . VAL A 1 2  ? 14.191  7.462   -6.157  1.00 0.00 ? 2  VAL A CG2  1 
ATOM 18   H H    . VAL A 1 2  ? 11.354  8.539   -4.731  1.00 0.00 ? 2  VAL A H    1 
ATOM 19   N N    . SER A 1 3  ? 10.286  9.321   -8.242  1.00 0.00 ? 3  SER A N    1 
ATOM 20   C CA   . SER A 1 3  ? 9.006   9.591   -8.946  1.00 0.00 ? 3  SER A CA   1 
ATOM 21   C C    . SER A 1 3  ? 8.573   8.570   -10.008 1.00 0.00 ? 3  SER A C    1 
ATOM 22   O O    . SER A 1 3  ? 7.506   7.971   -9.875  1.00 0.00 ? 3  SER A O    1 
ATOM 23   C CB   . SER A 1 3  ? 9.034   10.995  -9.557  1.00 0.00 ? 3  SER A CB   1 
ATOM 24   O OG   . SER A 1 3  ? 10.193  11.146  -10.379 1.00 0.00 ? 3  SER A OG   1 
ATOM 25   H H    . SER A 1 3  ? 10.880  10.114  -8.170  1.00 0.00 ? 3  SER A H    1 
ATOM 26   H HG   . SER A 1 3  ? 10.151  12.037  -10.839 1.00 0.00 ? 3  SER A HG   1 
ATOM 27   N N    . HIS A 1 4  ? 9.436   8.337   -10.994 1.00 0.00 ? 4  HIS A N    1 
ATOM 28   C CA   . HIS A 1 4  ? 9.245   7.340   -12.069 1.00 0.00 ? 4  HIS A CA   1 
ATOM 29   C C    . HIS A 1 4  ? 8.836   5.929   -11.568 1.00 0.00 ? 4  HIS A C    1 
ATOM 30   O O    . HIS A 1 4  ? 8.003   5.269   -12.196 1.00 0.00 ? 4  HIS A O    1 
ATOM 31   C CB   . HIS A 1 4  ? 10.545  7.263   -12.890 1.00 0.00 ? 4  HIS A CB   1 
ATOM 32   C CG   . HIS A 1 4  ? 10.474  6.298   -14.081 1.00 0.00 ? 4  HIS A CG   1 
ATOM 33   N ND1  . HIS A 1 4  ? 9.421   6.053   -14.859 1.00 0.00 ? 4  HIS A ND1  1 
ATOM 34   C CD2  . HIS A 1 4  ? 11.466  5.506   -14.480 1.00 0.00 ? 4  HIS A CD2  1 
ATOM 35   C CE1  . HIS A 1 4  ? 9.762   5.122   -15.749 1.00 0.00 ? 4  HIS A CE1  1 
ATOM 36   N NE2  . HIS A 1 4  ? 11.029  4.786   -15.511 1.00 0.00 ? 4  HIS A NE2  1 
ATOM 37   H H    . HIS A 1 4  ? 10.230  8.935   -11.107 1.00 0.00 ? 4  HIS A H    1 
ATOM 38   H HD1  . HIS A 1 4  ? 8.513   6.440   -14.753 1.00 0.00 ? 4  HIS A HD1  1 
ATOM 39   H HE2  . HIS A 1 4  ? 11.556  4.116   -16.021 1.00 0.00 ? 4  HIS A HE2  1 
ATOM 40   N N    . PHE A 1 5  ? 9.430   5.510   -10.464 1.00 0.00 ? 5  PHE A N    1 
ATOM 41   C CA   . PHE A 1 5  ? 9.126   4.242   -9.771  1.00 0.00 ? 5  PHE A CA   1 
ATOM 42   C C    . PHE A 1 5  ? 7.971   4.443   -8.786  1.00 0.00 ? 5  PHE A C    1 
ATOM 43   O O    . PHE A 1 5  ? 6.905   3.876   -9.028  1.00 0.00 ? 5  PHE A O    1 
ATOM 44   C CB   . PHE A 1 5  ? 10.421  3.750   -9.106  1.00 0.00 ? 5  PHE A CB   1 
ATOM 45   C CG   . PHE A 1 5  ? 10.281  2.418   -8.359  1.00 0.00 ? 5  PHE A CG   1 
ATOM 46   C CD1  . PHE A 1 5  ? 10.394  1.211   -9.077  1.00 0.00 ? 5  PHE A CD1  1 
ATOM 47   C CD2  . PHE A 1 5  ? 10.099  2.429   -6.962  1.00 0.00 ? 5  PHE A CD2  1 
ATOM 48   C CE1  . PHE A 1 5  ? 10.318  -0.018  -8.382  1.00 0.00 ? 5  PHE A CE1  1 
ATOM 49   C CE2  . PHE A 1 5  ? 10.019  1.196   -6.260  1.00 0.00 ? 5  PHE A CE2  1 
ATOM 50   C CZ   . PHE A 1 5  ? 10.131  -0.012  -6.977  1.00 0.00 ? 5  PHE A CZ   1 
ATOM 51   H H    . PHE A 1 5  ? 10.009  6.134   -9.923  1.00 0.00 ? 5  PHE A H    1 
ATOM 52   N N    . ASN A 1 6  ? 8.206   5.190   -7.707  1.00 0.00 ? 6  ASN A N    1 
ATOM 53   C CA   . ASN A 1 6  ? 7.160   5.511   -6.720  1.00 0.00 ? 6  ASN A CA   1 
ATOM 54   C C    . ASN A 1 6  ? 7.140   6.960   -6.206  1.00 0.00 ? 6  ASN A C    1 
ATOM 55   O O    . ASN A 1 6  ? 8.135   7.683   -6.156  1.00 0.00 ? 6  ASN A O    1 
ATOM 56   C CB   . ASN A 1 6  ? 7.186   4.489   -5.585  1.00 0.00 ? 6  ASN A CB   1 
ATOM 57   C CG   . ASN A 1 6  ? 6.125   4.739   -4.504  1.00 0.00 ? 6  ASN A CG   1 
ATOM 58   O OD1  . ASN A 1 6  ? 6.363   5.170   -3.385  1.00 0.00 ? 6  ASN A OD1  1 
ATOM 59   N ND2  . ASN A 1 6  ? 4.902   4.744   -4.971  1.00 0.00 ? 6  ASN A ND2  1 
ATOM 60   H H    . ASN A 1 6  ? 9.121   5.515   -7.451  1.00 0.00 ? 6  ASN A H    1 
ATOM 61   H HD21 . ASN A 1 6  ? 4.766   4.410   -5.917  1.00 0.00 ? 6  ASN A HD21 1 
ATOM 62   H HD22 . ASN A 1 6  ? 4.142   4.968   -4.363  1.00 0.00 ? 6  ASN A HD22 1 
ATOM 63   N N    . ASP A 1 7  ? 5.914   7.291   -5.801  1.00 0.00 ? 7  ASP A N    1 
ATOM 64   C CA   . ASP A 1 7  ? 5.505   8.364   -4.876  1.00 0.00 ? 7  ASP A CA   1 
ATOM 65   C C    . ASP A 1 7  ? 4.044   8.135   -4.450  1.00 0.00 ? 7  ASP A C    1 
ATOM 66   O O    . ASP A 1 7  ? 3.122   8.347   -5.238  1.00 0.00 ? 7  ASP A O    1 
ATOM 67   C CB   . ASP A 1 7  ? 5.679   9.771   -5.484  1.00 0.00 ? 7  ASP A CB   1 
ATOM 68   C CG   . ASP A 1 7  ? 7.134   10.270  -5.462  1.00 0.00 ? 7  ASP A CG   1 
ATOM 69   O OD1  . ASP A 1 7  ? 7.827   10.000  -4.455  1.00 0.00 ? 7  ASP A OD1  1 
ATOM 70   O OD2  . ASP A 1 7  ? 7.481   11.024  -6.395  1.00 0.00 ? 7  ASP A OD2  1 
ATOM 71   H H    . ASP A 1 7  ? 5.209   6.599   -5.978  1.00 0.00 ? 7  ASP A H    1 
ATOM 72   N N    . CYS A 1 8  ? 3.880   7.486   -3.296  1.00 0.00 ? 8  CYS A N    1 
ATOM 73   C CA   . CYS A 1 8  ? 2.564   7.048   -2.799  1.00 0.00 ? 8  CYS A CA   1 
ATOM 74   C C    . CYS A 1 8  ? 2.117   7.777   -1.506  1.00 0.00 ? 8  CYS A C    1 
ATOM 75   O O    . CYS A 1 8  ? 2.947   8.073   -0.653  1.00 0.00 ? 8  CYS A O    1 
ATOM 76   C CB   . CYS A 1 8  ? 2.590   5.530   -2.568  1.00 0.00 ? 8  CYS A CB   1 
ATOM 77   S SG   . CYS A 1 8  ? 0.961   4.780   -2.213  1.00 0.00 ? 8  CYS A SG   1 
ATOM 78   H H    . CYS A 1 8  ? 4.670   7.229   -2.722  1.00 0.00 ? 8  CYS A H    1 
ATOM 79   N N    . PRO A 1 9  ? 0.825   8.115   -1.404  1.00 0.00 ? 9  PRO A N    1 
ATOM 80   C CA   . PRO A 1 9  ? 0.139   8.420   -0.127  1.00 0.00 ? 9  PRO A CA   1 
ATOM 81   C C    . PRO A 1 9  ? 0.219   7.256   0.867   1.00 0.00 ? 9  PRO A C    1 
ATOM 82   O O    . PRO A 1 9  ? 0.708   6.173   0.542   1.00 0.00 ? 9  PRO A O    1 
ATOM 83   C CB   . PRO A 1 9  ? -1.307  8.681   -0.522  1.00 0.00 ? 9  PRO A CB   1 
ATOM 84   C CG   . PRO A 1 9  ? -1.178  9.285   -1.922  1.00 0.00 ? 9  PRO A CG   1 
ATOM 85   C CD   . PRO A 1 9  ? -0.033  8.489   -2.550  1.00 0.00 ? 9  PRO A CD   1 
ATOM 86   N N    . ASP A 1 10 ? -0.228  7.485   2.104   1.00 0.00 ? 10 ASP A N    1 
ATOM 87   C CA   . ASP A 1 10 ? -0.296  6.414   3.128   1.00 0.00 ? 10 ASP A CA   1 
ATOM 88   C C    . ASP A 1 10 ? -1.659  6.195   3.793   1.00 0.00 ? 10 ASP A C    1 
ATOM 89   O O    . ASP A 1 10 ? -2.102  5.060   3.943   1.00 0.00 ? 10 ASP A O    1 
ATOM 90   C CB   . ASP A 1 10 ? 0.838   6.543   4.161   1.00 0.00 ? 10 ASP A CB   1 
ATOM 91   C CG   . ASP A 1 10 ? 2.215   6.332   3.524   1.00 0.00 ? 10 ASP A CG   1 
ATOM 92   O OD1  . ASP A 1 10 ? 2.359   5.336   2.774   1.00 0.00 ? 10 ASP A OD1  1 
ATOM 93   O OD2  . ASP A 1 10 ? 3.085   7.182   3.780   1.00 0.00 ? 10 ASP A OD2  1 
ATOM 94   H H    . ASP A 1 10 ? -0.528  8.388   2.386   1.00 0.00 ? 10 ASP A H    1 
ATOM 95   N N    . SER A 1 11 ? -2.294  7.289   4.221   1.00 0.00 ? 11 SER A N    1 
ATOM 96   C CA   . SER A 1 11 ? -3.718  7.317   4.635   1.00 0.00 ? 11 SER A CA   1 
ATOM 97   C C    . SER A 1 11 ? -4.641  7.074   3.437   1.00 0.00 ? 11 SER A C    1 
ATOM 98   O O    . SER A 1 11 ? -4.987  7.994   2.693   1.00 0.00 ? 11 SER A O    1 
ATOM 99   C CB   . SER A 1 11 ? -4.007  8.674   5.291   1.00 0.00 ? 11 SER A CB   1 
ATOM 100  O OG   . SER A 1 11 ? -3.645  9.708   4.373   1.00 0.00 ? 11 SER A OG   1 
ATOM 101  H H    . SER A 1 11 ? -1.840  8.170   4.337   1.00 0.00 ? 11 SER A H    1 
ATOM 102  H HG   . SER A 1 11 ? -4.233  9.591   3.555   1.00 0.00 ? 11 SER A HG   1 
ATOM 103  N N    . HIS A 1 12 ? -4.984  5.801   3.275   1.00 0.00 ? 12 HIS A N    1 
ATOM 104  C CA   . HIS A 1 12 ? -5.287  5.155   1.970   1.00 0.00 ? 12 HIS A CA   1 
ATOM 105  C C    . HIS A 1 12 ? -4.168  5.391   0.958   1.00 0.00 ? 12 HIS A C    1 
ATOM 106  O O    . HIS A 1 12 ? -4.066  6.408   0.265   1.00 0.00 ? 12 HIS A O    1 
ATOM 107  C CB   . HIS A 1 12 ? -6.655  5.480   1.367   1.00 0.00 ? 12 HIS A CB   1 
ATOM 108  C CG   . HIS A 1 12 ? -7.143  4.291   0.527   1.00 0.00 ? 12 HIS A CG   1 
ATOM 109  N ND1  . HIS A 1 12 ? -8.056  3.410   0.938   1.00 0.00 ? 12 HIS A ND1  1 
ATOM 110  C CD2  . HIS A 1 12 ? -6.707  3.871   -0.664  1.00 0.00 ? 12 HIS A CD2  1 
ATOM 111  C CE1  . HIS A 1 12 ? -8.181  2.461   0.024   1.00 0.00 ? 12 HIS A CE1  1 
ATOM 112  N NE2  . HIS A 1 12 ? -7.351  2.752   -0.970  1.00 0.00 ? 12 HIS A NE2  1 
ATOM 113  H H    . HIS A 1 12 ? -4.935  5.149   4.034   1.00 0.00 ? 12 HIS A H    1 
ATOM 114  H HD1  . HIS A 1 12 ? -8.607  3.485   1.771   1.00 0.00 ? 12 HIS A HD1  1 
ATOM 115  H HE2  . HIS A 1 12 ? -7.242  2.238   -1.827  1.00 0.00 ? 12 HIS A HE2  1 
ATOM 116  N N    . THR A 1 13 ? -3.353  4.357   0.871   1.00 0.00 ? 13 THR A N    1 
ATOM 117  C CA   . THR A 1 13 ? -2.135  4.313   0.044   1.00 0.00 ? 13 THR A CA   1 
ATOM 118  C C    . THR A 1 13 ? -2.448  3.936   -1.420  1.00 0.00 ? 13 THR A C    1 
ATOM 119  O O    . THR A 1 13 ? -1.880  3.015   -2.013  1.00 0.00 ? 13 THR A O    1 
ATOM 120  C CB   . THR A 1 13 ? -1.141  3.392   0.787   1.00 0.00 ? 13 THR A CB   1 
ATOM 121  O OG1  . THR A 1 13 ? 0.188   3.647   0.355   1.00 0.00 ? 13 THR A OG1  1 
ATOM 122  C CG2  . THR A 1 13 ? -1.473  1.907   0.699   1.00 0.00 ? 13 THR A CG2  1 
ATOM 123  H H    . THR A 1 13 ? -3.557  3.519   1.392   1.00 0.00 ? 13 THR A H    1 
ATOM 124  H HG1  . THR A 1 13 ? 0.413   4.641   0.475   1.00 0.00 ? 13 THR A HG1  1 
ATOM 125  N N    . GLN A 1 14 ? -3.472  4.620   -1.939  1.00 0.00 ? 14 GLN A N    1 
ATOM 126  C CA   . GLN A 1 14 ? -4.119  4.392   -3.257  1.00 0.00 ? 14 GLN A CA   1 
ATOM 127  C C    . GLN A 1 14 ? -4.848  3.052   -3.437  1.00 0.00 ? 14 GLN A C    1 
ATOM 128  O O    . GLN A 1 14 ? -6.015  3.013   -3.827  1.00 0.00 ? 14 GLN A O    1 
ATOM 129  C CB   . GLN A 1 14 ? -3.141  4.687   -4.410  1.00 0.00 ? 14 GLN A CB   1 
ATOM 130  C CG   . GLN A 1 14 ? -2.667  6.143   -4.395  1.00 0.00 ? 14 GLN A CG   1 
ATOM 131  C CD   . GLN A 1 14 ? -1.432  6.323   -5.269  1.00 0.00 ? 14 GLN A CD   1 
ATOM 132  O OE1  . GLN A 1 14 ? -0.313  6.024   -4.872  1.00 0.00 ? 14 GLN A OE1  1 
ATOM 133  N NE2  . GLN A 1 14 ? -1.613  6.809   -6.476  1.00 0.00 ? 14 GLN A NE2  1 
ATOM 134  H H    . GLN A 1 14 ? -3.854  5.386   -1.420  1.00 0.00 ? 14 GLN A H    1 
ATOM 135  H HE21 . GLN A 1 14 ? -2.514  7.026   -6.819  1.00 0.00 ? 14 GLN A HE21 1 
ATOM 136  H HE22 . GLN A 1 14 ? -0.789  6.939   -7.027  1.00 0.00 ? 14 GLN A HE22 1 
ATOM 137  N N    . PHE A 1 15 ? -4.172  1.979   -3.038  1.00 0.00 ? 15 PHE A N    1 
ATOM 138  C CA   . PHE A 1 15 ? -4.721  0.603   -2.968  1.00 0.00 ? 15 PHE A CA   1 
ATOM 139  C C    . PHE A 1 15 ? -5.338  0.280   -1.603  1.00 0.00 ? 15 PHE A C    1 
ATOM 140  O O    . PHE A 1 15 ? -6.525  -0.044  -1.535  1.00 0.00 ? 15 PHE A O    1 
ATOM 141  C CB   . PHE A 1 15 ? -3.604  -0.388  -3.331  1.00 0.00 ? 15 PHE A CB   1 
ATOM 142  C CG   . PHE A 1 15 ? -3.970  -1.878  -3.445  1.00 0.00 ? 15 PHE A CG   1 
ATOM 143  C CD1  . PHE A 1 15 ? -5.191  -2.315  -3.997  1.00 0.00 ? 15 PHE A CD1  1 
ATOM 144  C CD2  . PHE A 1 15 ? -2.956  -2.806  -3.135  1.00 0.00 ? 15 PHE A CD2  1 
ATOM 145  C CE1  . PHE A 1 15 ? -5.398  -3.692  -4.245  1.00 0.00 ? 15 PHE A CE1  1 
ATOM 146  C CE2  . PHE A 1 15 ? -3.145  -4.179  -3.369  1.00 0.00 ? 15 PHE A CE2  1 
ATOM 147  C CZ   . PHE A 1 15 ? -4.371  -4.621  -3.927  1.00 0.00 ? 15 PHE A CZ   1 
ATOM 148  H H    . PHE A 1 15 ? -3.210  2.099   -2.815  1.00 0.00 ? 15 PHE A H    1 
ATOM 149  N N    . CYS A 1 16 ? -4.579  0.505   -0.529  1.00 0.00 ? 16 CYS A N    1 
ATOM 150  C CA   . CYS A 1 16 ? -4.910  -0.015  0.818   1.00 0.00 ? 16 CYS A CA   1 
ATOM 151  C C    . CYS A 1 16 ? -5.151  1.093   1.838   1.00 0.00 ? 16 CYS A C    1 
ATOM 152  O O    . CYS A 1 16 ? -4.364  2.033   1.931   1.00 0.00 ? 16 CYS A O    1 
ATOM 153  C CB   . CYS A 1 16 ? -3.761  -0.869  1.350   1.00 0.00 ? 16 CYS A CB   1 
ATOM 154  S SG   . CYS A 1 16 ? -3.205  -2.188  0.214   1.00 0.00 ? 16 CYS A SG   1 
ATOM 155  H H    . CYS A 1 16 ? -3.746  1.044   -0.585  1.00 0.00 ? 16 CYS A H    1 
ATOM 156  N N    . PHE A 1 17 ? -6.033  0.795   2.790   1.00 0.00 ? 17 PHE A N    1 
ATOM 157  C CA   . PHE A 1 17 ? -6.385  1.714   3.886   1.00 0.00 ? 17 PHE A CA   1 
ATOM 158  C C    . PHE A 1 17 ? -5.202  2.043   4.822   1.00 0.00 ? 17 PHE A C    1 
ATOM 159  O O    . PHE A 1 17 ? -4.780  3.199   4.892   1.00 0.00 ? 17 PHE A O    1 
ATOM 160  C CB   . PHE A 1 17 ? -7.579  1.171   4.687   1.00 0.00 ? 17 PHE A CB   1 
ATOM 161  C CG   . PHE A 1 17 ? -8.877  1.230   3.874   1.00 0.00 ? 17 PHE A CG   1 
ATOM 162  C CD1  . PHE A 1 17 ? -9.652  2.413   3.907   1.00 0.00 ? 17 PHE A CD1  1 
ATOM 163  C CD2  . PHE A 1 17 ? -9.275  0.115   3.117   1.00 0.00 ? 17 PHE A CD2  1 
ATOM 164  C CE1  . PHE A 1 17 ? -10.850 2.485   3.155   1.00 0.00 ? 17 PHE A CE1  1 
ATOM 165  C CE2  . PHE A 1 17 ? -10.478 0.181   2.372   1.00 0.00 ? 17 PHE A CE2  1 
ATOM 166  C CZ   . PHE A 1 17 ? -11.247 1.357   2.391   1.00 0.00 ? 17 PHE A CZ   1 
ATOM 167  H H    . PHE A 1 17 ? -6.506  -0.092  2.795   1.00 0.00 ? 17 PHE A H    1 
ATOM 168  N N    . HIS A 1 18 ? -4.649  1.004   5.435   1.00 0.00 ? 18 HIS A N    1 
ATOM 169  C CA   . HIS A 1 18 ? -3.452  1.082   6.298   1.00 0.00 ? 18 HIS A CA   1 
ATOM 170  C C    . HIS A 1 18 ? -2.274  0.303   5.689   1.00 0.00 ? 18 HIS A C    1 
ATOM 171  O O    . HIS A 1 18 ? -1.746  -0.662  6.238   1.00 0.00 ? 18 HIS A O    1 
ATOM 172  C CB   . HIS A 1 18 ? -3.835  0.567   7.694   1.00 0.00 ? 18 HIS A CB   1 
ATOM 173  C CG   . HIS A 1 18 ? -4.974  1.368   8.330   1.00 0.00 ? 18 HIS A CG   1 
ATOM 174  N ND1  . HIS A 1 18 ? -4.846  2.516   8.979   1.00 0.00 ? 18 HIS A ND1  1 
ATOM 175  C CD2  . HIS A 1 18 ? -6.248  1.002   8.408   1.00 0.00 ? 18 HIS A CD2  1 
ATOM 176  C CE1  . HIS A 1 18 ? -6.026  2.863   9.468   1.00 0.00 ? 18 HIS A CE1  1 
ATOM 177  N NE2  . HIS A 1 18 ? -6.895  1.916   9.108   1.00 0.00 ? 18 HIS A NE2  1 
ATOM 178  H H    . HIS A 1 18 ? -5.095  0.101   5.446   1.00 0.00 ? 18 HIS A H    1 
ATOM 179  H HD1  . HIS A 1 18 ? -4.005  3.063   9.043   1.00 0.00 ? 18 HIS A HD1  1 
ATOM 180  H HE2  . HIS A 1 18 ? -7.872  1.919   9.300   1.00 0.00 ? 18 HIS A HE2  1 
ATOM 181  N N    . GLY A 1 19 ? -1.887  0.822   4.533   1.00 0.00 ? 19 GLY A N    1 
ATOM 182  C CA   . GLY A 1 19 ? -0.718  0.341   3.771   1.00 0.00 ? 19 GLY A CA   1 
ATOM 183  C C    . GLY A 1 19 ? 0.272   1.476   3.510   1.00 0.00 ? 19 GLY A C    1 
ATOM 184  O O    . GLY A 1 19 ? 0.020   2.647   3.793   1.00 0.00 ? 19 GLY A O    1 
ATOM 185  H H    . GLY A 1 19 ? -2.324  1.639   4.168   1.00 0.00 ? 19 GLY A H    1 
ATOM 186  N N    . THR A 1 20 ? 1.461   1.041   3.123   1.00 0.00 ? 20 THR A N    1 
ATOM 187  C CA   . THR A 1 20 ? 2.545   1.892   2.587   1.00 0.00 ? 20 THR A CA   1 
ATOM 188  C C    . THR A 1 20 ? 2.989   1.355   1.229   1.00 0.00 ? 20 THR A C    1 
ATOM 189  O O    . THR A 1 20 ? 3.571   0.278   1.119   1.00 0.00 ? 20 THR A O    1 
ATOM 190  C CB   . THR A 1 20 ? 3.697   1.941   3.593   1.00 0.00 ? 20 THR A CB   1 
ATOM 191  O OG1  . THR A 1 20 ? 4.146   0.690   4.106   1.00 0.00 ? 20 THR A OG1  1 
ATOM 192  C CG2  . THR A 1 20 ? 3.330   2.929   4.724   1.00 0.00 ? 20 THR A CG2  1 
ATOM 193  H H    . THR A 1 20 ? 1.771   0.116   3.328   1.00 0.00 ? 20 THR A H    1 
ATOM 194  H HG1  . THR A 1 20 ? 3.390   0.088   4.367   1.00 0.00 ? 20 THR A HG1  1 
ATOM 195  N N    . CYS A 1 21 ? 2.405   1.951   0.192   1.00 0.00 ? 21 CYS A N    1 
ATOM 196  C CA   . CYS A 1 21 ? 2.416   1.344   -1.149  1.00 0.00 ? 21 CYS A CA   1 
ATOM 197  C C    . CYS A 1 21 ? 3.616   1.672   -2.046  1.00 0.00 ? 21 CYS A C    1 
ATOM 198  O O    . CYS A 1 21 ? 3.979   2.827   -2.250  1.00 0.00 ? 21 CYS A O    1 
ATOM 199  C CB   . CYS A 1 21 ? 1.093   1.574   -1.894  1.00 0.00 ? 21 CYS A CB   1 
ATOM 200  S SG   . CYS A 1 21 ? 0.953   2.945   -3.110  1.00 0.00 ? 21 CYS A SG   1 
ATOM 201  H H    . CYS A 1 21 ? 1.770   2.727   0.313   1.00 0.00 ? 21 CYS A H    1 
ATOM 202  N N    . ARG A 1 22 ? 4.009   0.623   -2.759  1.00 0.00 ? 22 ARG A N    1 
ATOM 203  C CA   . ARG A 1 22 ? 4.775   0.756   -4.009  1.00 0.00 ? 22 ARG A CA   1 
ATOM 204  C C    . ARG A 1 22 ? 3.757   0.950   -5.150  1.00 0.00 ? 22 ARG A C    1 
ATOM 205  O O    . ARG A 1 22 ? 3.147   0.003   -5.649  1.00 0.00 ? 22 ARG A O    1 
ATOM 206  C CB   . ARG A 1 22 ? 5.687   -0.446  -4.264  1.00 0.00 ? 22 ARG A CB   1 
ATOM 207  C CG   . ARG A 1 22 ? 6.903   -0.488  -3.330  1.00 0.00 ? 22 ARG A CG   1 
ATOM 208  C CD   . ARG A 1 22 ? 6.586   -1.009  -1.920  1.00 0.00 ? 22 ARG A CD   1 
ATOM 209  N NE   . ARG A 1 22 ? 7.742   -0.817  -1.038  1.00 0.00 ? 22 ARG A NE   1 
ATOM 210  C CZ   . ARG A 1 22 ? 7.768   -0.145  0.110   1.00 0.00 ? 22 ARG A CZ   1 
ATOM 211  N NH1  . ARG A 1 22 ? 6.697   0.459   0.620   1.00 0.00 ? 22 ARG A NH1  1 
ATOM 212  N NH2  . ARG A 1 22 ? 8.894   -0.050  0.797   1.00 0.00 ? 22 ARG A NH2  1 
ATOM 213  H H    . ARG A 1 22 ? 3.719   -0.310  -2.538  1.00 0.00 ? 22 ARG A H    1 
ATOM 214  H HE   . ARG A 1 22 ? 8.592   -1.232  -1.354  1.00 0.00 ? 22 ARG A HE   1 
ATOM 215  H HH11 . ARG A 1 22 ? 5.815   0.376   0.147   1.00 0.00 ? 22 ARG A HH11 1 
ATOM 216  H HH12 . ARG A 1 22 ? 6.754   0.954   1.481   1.00 0.00 ? 22 ARG A HH12 1 
ATOM 217  H HH21 . ARG A 1 22 ? 9.732   -0.477  0.453   1.00 0.00 ? 22 ARG A HH21 1 
ATOM 218  H HH22 . ARG A 1 22 ? 8.908   0.459   1.651   1.00 0.00 ? 22 ARG A HH22 1 
ATOM 219  N N    . PHE A 1 23 ? 3.331   2.205   -5.246  1.00 0.00 ? 23 PHE A N    1 
ATOM 220  C CA   . PHE A 1 23 ? 2.647   2.734   -6.434  1.00 0.00 ? 23 PHE A CA   1 
ATOM 221  C C    . PHE A 1 23 ? 3.663   2.815   -7.562  1.00 0.00 ? 23 PHE A C    1 
ATOM 222  O O    . PHE A 1 23 ? 4.501   3.719   -7.582  1.00 0.00 ? 23 PHE A O    1 
ATOM 223  C CB   . PHE A 1 23 ? 2.004   4.097   -6.138  1.00 0.00 ? 23 PHE A CB   1 
ATOM 224  C CG   . PHE A 1 23 ? 1.336   4.793   -7.330  1.00 0.00 ? 23 PHE A CG   1 
ATOM 225  C CD1  . PHE A 1 23 ? 0.390   4.110   -8.131  1.00 0.00 ? 23 PHE A CD1  1 
ATOM 226  C CD2  . PHE A 1 23 ? 1.668   6.141   -7.580  1.00 0.00 ? 23 PHE A CD2  1 
ATOM 227  C CE1  . PHE A 1 23 ? -0.236  4.788   -9.197  1.00 0.00 ? 23 PHE A CE1  1 
ATOM 228  C CE2  . PHE A 1 23 ? 1.052   6.818   -8.653  1.00 0.00 ? 23 PHE A CE2  1 
ATOM 229  C CZ   . PHE A 1 23 ? 0.107   6.135   -9.454  1.00 0.00 ? 23 PHE A CZ   1 
ATOM 230  H H    . PHE A 1 23 ? 3.454   2.833   -4.474  1.00 0.00 ? 23 PHE A H    1 
ATOM 231  N N    . LEU A 1 24 ? 3.720   1.708   -8.280  1.00 0.00 ? 24 LEU A N    1 
ATOM 232  C CA   . LEU A 1 24 ? 4.496   1.586   -9.527  1.00 0.00 ? 24 LEU A CA   1 
ATOM 233  C C    . LEU A 1 24 ? 3.903   2.535   -10.570 1.00 0.00 ? 24 LEU A C    1 
ATOM 234  O O    . LEU A 1 24 ? 2.890   2.256   -11.206 1.00 0.00 ? 24 LEU A O    1 
ATOM 235  C CB   . LEU A 1 24 ? 4.448   0.127   -9.997  1.00 0.00 ? 24 LEU A CB   1 
ATOM 236  C CG   . LEU A 1 24 ? 5.202   -0.790  -9.044  1.00 0.00 ? 24 LEU A CG   1 
ATOM 237  C CD1  . LEU A 1 24 ? 4.855   -2.247  -9.344  1.00 0.00 ? 24 LEU A CD1  1 
ATOM 238  C CD2  . LEU A 1 24 ? 6.721   -0.576  -9.138  1.00 0.00 ? 24 LEU A CD2  1 
ATOM 239  H H    . LEU A 1 24 ? 3.152   0.910   -8.049  1.00 0.00 ? 24 LEU A H    1 
ATOM 240  N N    . VAL A 1 25 ? 4.440   3.745   -10.511 1.00 0.00 ? 25 VAL A N    1 
ATOM 241  C CA   . VAL A 1 25 ? 3.900   4.950   -11.183 1.00 0.00 ? 25 VAL A CA   1 
ATOM 242  C C    . VAL A 1 25 ? 3.746   4.713   -12.697 1.00 0.00 ? 25 VAL A C    1 
ATOM 243  O O    . VAL A 1 25 ? 2.643   4.806   -13.232 1.00 0.00 ? 25 VAL A O    1 
ATOM 244  C CB   . VAL A 1 25 ? 4.773   6.178   -10.885 1.00 0.00 ? 25 VAL A CB   1 
ATOM 245  C CG1  . VAL A 1 25 ? 4.303   7.451   -11.603 1.00 0.00 ? 25 VAL A CG1  1 
ATOM 246  C CG2  . VAL A 1 25 ? 4.773   6.463   -9.390  1.00 0.00 ? 25 VAL A CG2  1 
ATOM 247  H H    . VAL A 1 25 ? 5.219   3.909   -9.887  1.00 0.00 ? 25 VAL A H    1 
ATOM 248  N N    . GLN A 1 26 ? 4.820   4.195   -13.286 1.00 0.00 ? 26 GLN A N    1 
ATOM 249  C CA   . GLN A 1 26 ? 4.873   3.879   -14.711 1.00 0.00 ? 26 GLN A CA   1 
ATOM 250  C C    . GLN A 1 26 ? 3.837   2.843   -15.228 1.00 0.00 ? 26 GLN A C    1 
ATOM 251  O O    . GLN A 1 26 ? 3.477   2.821   -16.394 1.00 0.00 ? 26 GLN A O    1 
ATOM 252  C CB   . GLN A 1 26 ? 6.309   3.472   -15.118 1.00 0.00 ? 26 GLN A CB   1 
ATOM 253  C CG   . GLN A 1 26 ? 6.837   2.119   -14.606 1.00 0.00 ? 26 GLN A CG   1 
ATOM 254  C CD   . GLN A 1 26 ? 6.624   1.850   -13.111 1.00 0.00 ? 26 GLN A CD   1 
ATOM 255  O OE1  . GLN A 1 26 ? 5.678   1.187   -12.703 1.00 0.00 ? 26 GLN A OE1  1 
ATOM 256  N NE2  . GLN A 1 26 ? 7.325   2.534   -12.240 1.00 0.00 ? 26 GLN A NE2  1 
ATOM 257  H H    . GLN A 1 26 ? 5.659   4.029   -12.772 1.00 0.00 ? 26 GLN A H    1 
ATOM 258  H HE21 . GLN A 1 26 ? 7.901   3.312   -12.522 1.00 0.00 ? 26 GLN A HE21 1 
ATOM 259  H HE22 . GLN A 1 26 ? 7.221   2.304   -11.279 1.00 0.00 ? 26 GLN A HE22 1 
ATOM 260  N N    . GLU A 1 27 ? 3.425   1.983   -14.299 1.00 0.00 ? 27 GLU A N    1 
ATOM 261  C CA   . GLU A 1 27 ? 2.374   0.957   -14.448 1.00 0.00 ? 27 GLU A CA   1 
ATOM 262  C C    . GLU A 1 27 ? 0.950   1.403   -14.020 1.00 0.00 ? 27 GLU A C    1 
ATOM 263  O O    . GLU A 1 27 ? -0.022  0.690   -14.254 1.00 0.00 ? 27 GLU A O    1 
ATOM 264  C CB   . GLU A 1 27 ? 2.769   -0.235  -13.588 1.00 0.00 ? 27 GLU A CB   1 
ATOM 265  C CG   . GLU A 1 27 ? 3.844   -1.112  -14.235 1.00 0.00 ? 27 GLU A CG   1 
ATOM 266  C CD   . GLU A 1 27 ? 4.439   -2.086  -13.207 1.00 0.00 ? 27 GLU A CD   1 
ATOM 267  O OE1  . GLU A 1 27 ? 3.764   -3.084  -12.891 1.00 0.00 ? 27 GLU A OE1  1 
ATOM 268  O OE2  . GLU A 1 27 ? 5.555   -1.776  -12.727 1.00 0.00 ? 27 GLU A OE2  1 
ATOM 269  H H    . GLU A 1 27 ? 3.943   1.908   -13.447 1.00 0.00 ? 27 GLU A H    1 
ATOM 270  N N    . ASP A 1 28 ? 0.881   2.513   -13.280 1.00 0.00 ? 28 ASP A N    1 
ATOM 271  C CA   . ASP A 1 28 ? -0.276  3.032   -12.527 1.00 0.00 ? 28 ASP A CA   1 
ATOM 272  C C    . ASP A 1 28 ? -0.898  2.067   -11.505 1.00 0.00 ? 28 ASP A C    1 
ATOM 273  O O    . ASP A 1 28 ? -2.043  2.254   -11.072 1.00 0.00 ? 28 ASP A O    1 
ATOM 274  C CB   . ASP A 1 28 ? -1.278  3.697   -13.483 1.00 0.00 ? 28 ASP A CB   1 
ATOM 275  C CG   . ASP A 1 28 ? -1.982  2.746   -14.462 1.00 0.00 ? 28 ASP A CG   1 
ATOM 276  O OD1  . ASP A 1 28 ? -2.930  2.054   -14.019 1.00 0.00 ? 28 ASP A OD1  1 
ATOM 277  O OD2  . ASP A 1 28 ? -1.585  2.775   -15.646 1.00 0.00 ? 28 ASP A OD2  1 
ATOM 278  H H    . ASP A 1 28 ? 1.673   3.122   -13.224 1.00 0.00 ? 28 ASP A H    1 
ATOM 279  N N    . LYS A 1 29 ? -0.020  1.271   -10.911 1.00 0.00 ? 29 LYS A N    1 
ATOM 280  C CA   . LYS A 1 29 ? -0.417  0.150   -10.020 1.00 0.00 ? 29 LYS A CA   1 
ATOM 281  C C    . LYS A 1 29 ? 0.105   0.310   -8.570  1.00 0.00 ? 29 LYS A C    1 
ATOM 282  O O    . LYS A 1 29 ? 1.317   0.254   -8.363  1.00 0.00 ? 29 LYS A O    1 
ATOM 283  C CB   . LYS A 1 29 ? 0.065   -1.189  -10.588 1.00 0.00 ? 29 LYS A CB   1 
ATOM 284  C CG   . LYS A 1 29 ? -0.611  -1.541  -11.911 1.00 0.00 ? 29 LYS A CG   1 
ATOM 285  C CD   . LYS A 1 29 ? -0.038  -2.833  -12.496 1.00 0.00 ? 29 LYS A CD   1 
ATOM 286  C CE   . LYS A 1 29 ? -0.559  -3.104  -13.909 1.00 0.00 ? 29 LYS A CE   1 
ATOM 287  N NZ   . LYS A 1 29 ? 0.013   -2.146  -14.871 1.00 0.00 ? 29 LYS A NZ   1 
ATOM 288  H H    . LYS A 1 29 ? 0.958   1.381   -11.084 1.00 0.00 ? 29 LYS A H    1 
ATOM 289  H HZ1  . LYS A 1 29 ? -0.415  -2.290  -15.765 1.00 0.00 ? 29 LYS A HZ1  1 
ATOM 290  H HZ2  . LYS A 1 29 ? -0.195  -1.195  -14.579 1.00 0.00 ? 29 LYS A HZ2  1 
ATOM 291  N N    . PRO A 1 30 ? -0.786  0.572   -7.599  1.00 0.00 ? 30 PRO A N    1 
ATOM 292  C CA   . PRO A 1 30 ? -0.395  0.539   -6.172  1.00 0.00 ? 30 PRO A CA   1 
ATOM 293  C C    . PRO A 1 30 ? -0.525  -0.840  -5.530  1.00 0.00 ? 30 PRO A C    1 
ATOM 294  O O    . PRO A 1 30 ? -1.510  -1.538  -5.722  1.00 0.00 ? 30 PRO A O    1 
ATOM 295  C CB   . PRO A 1 30 ? -1.291  1.588   -5.524  1.00 0.00 ? 30 PRO A CB   1 
ATOM 296  C CG   . PRO A 1 30 ? -2.568  1.585   -6.351  1.00 0.00 ? 30 PRO A CG   1 
ATOM 297  C CD   . PRO A 1 30 ? -2.096  1.241   -7.771  1.00 0.00 ? 30 PRO A CD   1 
ATOM 298  N N    . ALA A 1 31 ? 0.567   -1.263  -4.890  1.00 0.00 ? 31 ALA A N    1 
ATOM 299  C CA   . ALA A 1 31 ? 0.565   -2.450  -4.007  1.00 0.00 ? 31 ALA A CA   1 
ATOM 300  C C    . ALA A 1 31 ? 1.399   -2.265  -2.727  1.00 0.00 ? 31 ALA A C    1 
ATOM 301  O O    . ALA A 1 31 ? 2.485   -1.690  -2.755  1.00 0.00 ? 31 ALA A O    1 
ATOM 302  C CB   . ALA A 1 31 ? 0.973   -3.691  -4.794  1.00 0.00 ? 31 ALA A CB   1 
ATOM 303  H H    . ALA A 1 31 ? 1.479   -0.883  -5.080  1.00 0.00 ? 31 ALA A H    1 
ATOM 304  N N    . CYS A 1 32 ? 0.935   -2.870  -1.639  1.00 0.00 ? 32 CYS A N    1 
ATOM 305  C CA   . CYS A 1 32 ? 1.138   -2.321  -0.273  1.00 0.00 ? 32 CYS A CA   1 
ATOM 306  C C    . CYS A 1 32 ? 2.059   -3.159  0.626   1.00 0.00 ? 32 CYS A C    1 
ATOM 307  O O    . CYS A 1 32 ? 1.949   -4.377  0.698   1.00 0.00 ? 32 CYS A O    1 
ATOM 308  C CB   . CYS A 1 32 ? -0.209  -2.220  0.436   1.00 0.00 ? 32 CYS A CB   1 
ATOM 309  S SG   . CYS A 1 32 ? -1.498  -1.359  -0.533  1.00 0.00 ? 32 CYS A SG   1 
ATOM 310  H H    . CYS A 1 32 ? 0.485   -3.761  -1.677  1.00 0.00 ? 32 CYS A H    1 
ATOM 311  N N    . VAL A 1 33 ? 2.827   -2.425  1.423   1.00 0.00 ? 33 VAL A N    1 
ATOM 312  C CA   . VAL A 1 33 ? 3.400   -2.907  2.691   1.00 0.00 ? 33 VAL A CA   1 
ATOM 313  C C    . VAL A 1 33 ? 2.430   -2.487  3.810   1.00 0.00 ? 33 VAL A C    1 
ATOM 314  O O    . VAL A 1 33 ? 2.334   -1.303  4.125   1.00 0.00 ? 33 VAL A O    1 
ATOM 315  C CB   . VAL A 1 33 ? 4.801   -2.282  2.910   1.00 0.00 ? 33 VAL A CB   1 
ATOM 316  C CG1  . VAL A 1 33 ? 5.431   -2.709  4.240   1.00 0.00 ? 33 VAL A CG1  1 
ATOM 317  C CG2  . VAL A 1 33 ? 5.761   -2.683  1.784   1.00 0.00 ? 33 VAL A CG2  1 
ATOM 318  H H    . VAL A 1 33 ? 3.143   -1.509  1.153   1.00 0.00 ? 33 VAL A H    1 
ATOM 319  N N    . CYS A 1 34 ? 1.621   -3.421  4.297   1.00 0.00 ? 34 CYS A N    1 
ATOM 320  C CA   . CYS A 1 34 ? 0.695   -3.138  5.410   1.00 0.00 ? 34 CYS A CA   1 
ATOM 321  C C    . CYS A 1 34 ? 1.437   -2.624  6.651   1.00 0.00 ? 34 CYS A C    1 
ATOM 322  O O    . CYS A 1 34 ? 2.559   -3.045  6.929   1.00 0.00 ? 34 CYS A O    1 
ATOM 323  C CB   . CYS A 1 34 ? -0.142  -4.363  5.811   1.00 0.00 ? 34 CYS A CB   1 
ATOM 324  S SG   . CYS A 1 34 ? -1.269  -5.010  4.525   1.00 0.00 ? 34 CYS A SG   1 
ATOM 325  H H    . CYS A 1 34 ? 1.658   -4.370  3.987   1.00 0.00 ? 34 CYS A H    1 
ATOM 326  N N    . HIS A 1 35 ? 0.832   -1.643  7.313   1.00 0.00 ? 35 HIS A N    1 
ATOM 327  C CA   . HIS A 1 35 ? 1.402   -1.002  8.520   1.00 0.00 ? 35 HIS A CA   1 
ATOM 328  C C    . HIS A 1 35 ? 1.708   -2.019  9.641   1.00 0.00 ? 35 HIS A C    1 
ATOM 329  O O    . HIS A 1 35 ? 1.132   -3.101  9.708   1.00 0.00 ? 35 HIS A O    1 
ATOM 330  C CB   . HIS A 1 35 ? 0.438   0.051   9.069   1.00 0.00 ? 35 HIS A CB   1 
ATOM 331  C CG   . HIS A 1 35 ? 0.329   1.367   8.307   1.00 0.00 ? 35 HIS A CG   1 
ATOM 332  N ND1  . HIS A 1 35 ? -0.087  2.504   8.842   1.00 0.00 ? 35 HIS A ND1  1 
ATOM 333  C CD2  . HIS A 1 35 ? 0.402   1.555   6.993   1.00 0.00 ? 35 HIS A CD2  1 
ATOM 334  C CE1  . HIS A 1 35 ? -0.281  3.391   7.877   1.00 0.00 ? 35 HIS A CE1  1 
ATOM 335  N NE2  . HIS A 1 35 ? 0.029   2.808   6.726   1.00 0.00 ? 35 HIS A NE2  1 
ATOM 336  H H    . HIS A 1 35 ? -0.066  -1.284  7.024   1.00 0.00 ? 35 HIS A H    1 
ATOM 337  H HD1  . HIS A 1 35 ? -0.240  2.672   9.812   1.00 0.00 ? 35 HIS A HD1  1 
ATOM 338  H HE2  . HIS A 1 35 ? -0.055  3.203   5.801   1.00 0.00 ? 35 HIS A HE2  1 
ATOM 339  N N    . SER A 1 36 ? 2.571   -1.582  10.554  1.00 0.00 ? 36 SER A N    1 
ATOM 340  C CA   . SER A 1 36 ? 3.006   -2.363  11.739  1.00 0.00 ? 36 SER A CA   1 
ATOM 341  C C    . SER A 1 36 ? 1.833   -2.886  12.567  1.00 0.00 ? 36 SER A C    1 
ATOM 342  O O    . SER A 1 36 ? 1.070   -2.110  13.165  1.00 0.00 ? 36 SER A O    1 
ATOM 343  C CB   . SER A 1 36 ? 3.899   -1.479  12.623  1.00 0.00 ? 36 SER A CB   1 
ATOM 344  O OG   . SER A 1 36 ? 3.178   -0.289  12.959  1.00 0.00 ? 36 SER A OG   1 
ATOM 345  H H    . SER A 1 36 ? 2.931   -0.652  10.530  1.00 0.00 ? 36 SER A H    1 
ATOM 346  H HG   . SER A 1 36 ? 2.290   -0.563  13.359  1.00 0.00 ? 36 SER A HG   1 
ATOM 347  N N    . GLY A 1 37 ? 1.639   -4.197  12.466  1.00 0.00 ? 37 GLY A N    1 
ATOM 348  C CA   . GLY A 1 37 ? 0.554   -4.940  13.154  1.00 0.00 ? 37 GLY A CA   1 
ATOM 349  C C    . GLY A 1 37 ? -0.816  -4.881  12.471  1.00 0.00 ? 37 GLY A C    1 
ATOM 350  O O    . GLY A 1 37 ? -1.854  -5.052  13.112  1.00 0.00 ? 37 GLY A O    1 
ATOM 351  H H    . GLY A 1 37 ? 2.230   -4.763  11.889  1.00 0.00 ? 37 GLY A H    1 
ATOM 352  N N    . TYR A 1 38 ? -0.805  -4.682  11.152  1.00 0.00 ? 38 TYR A N    1 
ATOM 353  C CA   . TYR A 1 38 ? -2.000  -4.760  10.303  1.00 0.00 ? 38 TYR A CA   1 
ATOM 354  C C    . TYR A 1 38 ? -1.917  -5.868  9.245   1.00 0.00 ? 38 TYR A C    1 
ATOM 355  O O    . TYR A 1 38 ? -0.835  -6.254  8.801   1.00 0.00 ? 38 TYR A O    1 
ATOM 356  C CB   . TYR A 1 38 ? -2.257  -3.421  9.607   1.00 0.00 ? 38 TYR A CB   1 
ATOM 357  C CG   . TYR A 1 38 ? -2.749  -2.330  10.569  1.00 0.00 ? 38 TYR A CG   1 
ATOM 358  C CD1  . TYR A 1 38 ? -1.786  -1.519  11.205  1.00 0.00 ? 38 TYR A CD1  1 
ATOM 359  C CD2  . TYR A 1 38 ? -4.100  -1.938  10.502  1.00 0.00 ? 38 TYR A CD2  1 
ATOM 360  C CE1  . TYR A 1 38 ? -2.154  -0.250  11.694  1.00 0.00 ? 38 TYR A CE1  1 
ATOM 361  C CE2  . TYR A 1 38 ? -4.483  -0.685  10.999  1.00 0.00 ? 38 TYR A CE2  1 
ATOM 362  C CZ   . TYR A 1 38 ? -3.499  0.162   11.549  1.00 0.00 ? 38 TYR A CZ   1 
ATOM 363  O OH   . TYR A 1 38 ? -3.820  1.462   11.775  1.00 0.00 ? 38 TYR A OH   1 
ATOM 364  H H    . TYR A 1 38 ? 0.010   -4.311  10.709  1.00 0.00 ? 38 TYR A H    1 
ATOM 365  H HH   . TYR A 1 38 ? -4.738  1.636   11.404  1.00 0.00 ? 38 TYR A HH   1 
ATOM 366  N N    . VAL A 1 39 ? -3.098  -6.350  8.856   1.00 0.00 ? 39 VAL A N    1 
ATOM 367  C CA   . VAL A 1 39 ? -3.286  -7.401  7.831   1.00 0.00 ? 39 VAL A CA   1 
ATOM 368  C C    . VAL A 1 39 ? -4.147  -6.974  6.634   1.00 0.00 ? 39 VAL A C    1 
ATOM 369  O O    . VAL A 1 39 ? -5.008  -6.096  6.723   1.00 0.00 ? 39 VAL A O    1 
ATOM 370  C CB   . VAL A 1 39 ? -3.712  -8.759  8.422   1.00 0.00 ? 39 VAL A CB   1 
ATOM 371  C CG1  . VAL A 1 39 ? -2.540  -9.438  9.142   1.00 0.00 ? 39 VAL A CG1  1 
ATOM 372  C CG2  . VAL A 1 39 ? -4.951  -8.680  9.327   1.00 0.00 ? 39 VAL A CG2  1 
ATOM 373  H H    . VAL A 1 39 ? -3.944  -5.918  9.186   1.00 0.00 ? 39 VAL A H    1 
ATOM 374  N N    . GLY A 1 40 ? -4.057  -7.812  5.606   1.00 0.00 ? 40 GLY A N    1 
ATOM 375  C CA   . GLY A 1 40 ? -3.781  -7.359  4.234   1.00 0.00 ? 40 GLY A CA   1 
ATOM 376  C C    . GLY A 1 40 ? -4.891  -7.464  3.178   1.00 0.00 ? 40 GLY A C    1 
ATOM 377  O O    . GLY A 1 40 ? -6.055  -7.143  3.426   1.00 0.00 ? 40 GLY A O    1 
ATOM 378  H H    . GLY A 1 40 ? -4.238  -8.793  5.719   1.00 0.00 ? 40 GLY A H    1 
ATOM 379  N N    . ALA A 1 41 ? -4.425  -7.813  1.986   1.00 0.00 ? 41 ALA A N    1 
ATOM 380  C CA   . ALA A 1 41 ? -5.046  -7.517  0.672   1.00 0.00 ? 41 ALA A CA   1 
ATOM 381  C C    . ALA A 1 41 ? -5.185  -5.997  0.423   1.00 0.00 ? 41 ALA A C    1 
ATOM 382  O O    . ALA A 1 41 ? -4.282  -5.388  -0.146  1.00 0.00 ? 41 ALA A O    1 
ATOM 383  C CB   . ALA A 1 41 ? -6.357  -8.278  0.425   1.00 0.00 ? 41 ALA A CB   1 
ATOM 384  H H    . ALA A 1 41 ? -3.582  -8.335  1.911   1.00 0.00 ? 41 ALA A H    1 
ATOM 385  N N    . ARG A 1 42 ? -6.160  -5.384  1.100   1.00 0.00 ? 42 ARG A N    1 
ATOM 386  C CA   . ARG A 1 42 ? -6.389  -3.926  1.039   1.00 0.00 ? 42 ARG A CA   1 
ATOM 387  C C    . ARG A 1 42 ? -6.093  -3.260  2.407   1.00 0.00 ? 42 ARG A C    1 
ATOM 388  O O    . ARG A 1 42 ? -6.627  -2.193  2.734   1.00 0.00 ? 42 ARG A O    1 
ATOM 389  C CB   . ARG A 1 42 ? -7.823  -3.721  0.544   1.00 0.00 ? 42 ARG A CB   1 
ATOM 390  C CG   . ARG A 1 42 ? -8.045  -2.321  -0.019  1.00 0.00 ? 42 ARG A CG   1 
ATOM 391  C CD   . ARG A 1 42 ? -9.477  -2.129  -0.520  1.00 0.00 ? 42 ARG A CD   1 
ATOM 392  N NE   . ARG A 1 42 ? -9.607  -0.738  -0.986  1.00 0.00 ? 42 ARG A NE   1 
ATOM 393  C CZ   . ARG A 1 42 ? -10.746 -0.098  -1.282  1.00 0.00 ? 42 ARG A CZ   1 
ATOM 394  N NH1  . ARG A 1 42 ? -11.934 -0.687  -1.195  1.00 0.00 ? 42 ARG A NH1  1 
ATOM 395  N NH2  . ARG A 1 42 ? -10.703 1.167   -1.672  1.00 0.00 ? 42 ARG A NH2  1 
ATOM 396  H H    . ARG A 1 42 ? -6.757  -5.893  1.724   1.00 0.00 ? 42 ARG A H    1 
ATOM 397  H HE   . ARG A 1 42 ? -8.744  -0.253  -1.113  1.00 0.00 ? 42 ARG A HE   1 
ATOM 398  H HH11 . ARG A 1 42 ? -11.980 -1.636  -0.902  1.00 0.00 ? 42 ARG A HH11 1 
ATOM 399  H HH12 . ARG A 1 42 ? -12.759 -0.176  -1.432  1.00 0.00 ? 42 ARG A HH12 1 
ATOM 400  H HH21 . ARG A 1 42 ? -9.839  1.667   -1.679  1.00 0.00 ? 42 ARG A HH21 1 
ATOM 401  H HH22 . ARG A 1 42 ? -11.551 1.629   -1.915  1.00 0.00 ? 42 ARG A HH22 1 
ATOM 402  N N    . CYS A 1 43 ? -5.160  -3.863  3.138   1.00 0.00 ? 43 CYS A N    1 
ATOM 403  C CA   . CYS A 1 43 ? -4.717  -3.542  4.516   1.00 0.00 ? 43 CYS A CA   1 
ATOM 404  C C    . CYS A 1 43 ? -5.774  -2.787  5.341   1.00 0.00 ? 43 CYS A C    1 
ATOM 405  O O    . CYS A 1 43 ? -5.689  -1.582  5.587   1.00 0.00 ? 43 CYS A O    1 
ATOM 406  C CB   . CYS A 1 43 ? -3.406  -2.752  4.494   1.00 0.00 ? 43 CYS A CB   1 
ATOM 407  S SG   . CYS A 1 43 ? -2.005  -3.410  3.511   1.00 0.00 ? 43 CYS A SG   1 
ATOM 408  H H    . CYS A 1 43 ? -4.687  -4.656  2.745   1.00 0.00 ? 43 CYS A H    1 
ATOM 409  N N    . GLU A 1 44 ? -6.889  -3.487  5.542   1.00 0.00 ? 44 GLU A N    1 
ATOM 410  C CA   . GLU A 1 44 ? -8.062  -2.913  6.253   1.00 0.00 ? 44 GLU A CA   1 
ATOM 411  C C    . GLU A 1 44 ? -8.047  -3.225  7.764   1.00 0.00 ? 44 GLU A C    1 
ATOM 412  O O    . GLU A 1 44 ? -8.562  -2.463  8.576   1.00 0.00 ? 44 GLU A O    1 
ATOM 413  C CB   . GLU A 1 44 ? -9.404  -3.438  5.726   1.00 0.00 ? 44 GLU A CB   1 
ATOM 414  C CG   . GLU A 1 44 ? -9.580  -3.420  4.202   1.00 0.00 ? 44 GLU A CG   1 
ATOM 415  C CD   . GLU A 1 44 ? -9.338  -4.807  3.604   1.00 0.00 ? 44 GLU A CD   1 
ATOM 416  O OE1  . GLU A 1 44 ? -8.149  -5.218  3.562   1.00 0.00 ? 44 GLU A OE1  1 
ATOM 417  O OE2  . GLU A 1 44 ? -10.325 -5.450  3.214   1.00 0.00 ? 44 GLU A OE2  1 
ATOM 418  H H    . GLU A 1 44 ? -7.010  -4.378  5.121   1.00 0.00 ? 44 GLU A H    1 
ATOM 419  N N    . HIS A 1 45 ? -7.391  -4.331  8.100   1.00 0.00 ? 45 HIS A N    1 
ATOM 420  C CA   . HIS A 1 45 ? -7.643  -5.079  9.335   1.00 0.00 ? 45 HIS A CA   1 
ATOM 421  C C    . HIS A 1 45 ? -6.371  -4.997  10.195  1.00 0.00 ? 45 HIS A C    1 
ATOM 422  O O    . HIS A 1 45 ? -5.265  -4.985  9.661   1.00 0.00 ? 45 HIS A O    1 
ATOM 423  C CB   . HIS A 1 45 ? -7.870  -6.561  8.991   1.00 0.00 ? 45 HIS A CB   1 
ATOM 424  C CG   . HIS A 1 45 ? -8.775  -6.801  7.792   1.00 0.00 ? 45 HIS A CG   1 
ATOM 425  N ND1  . HIS A 1 45 ? -10.089 -6.594  7.683   1.00 0.00 ? 45 HIS A ND1  1 
ATOM 426  C CD2  . HIS A 1 45 ? -8.336  -7.273  6.650   1.00 0.00 ? 45 HIS A CD2  1 
ATOM 427  C CE1  . HIS A 1 45 ? -10.462 -6.960  6.461   1.00 0.00 ? 45 HIS A CE1  1 
ATOM 428  N NE2  . HIS A 1 45 ? -9.377  -7.369  5.813   1.00 0.00 ? 45 HIS A NE2  1 
ATOM 429  H H    . HIS A 1 45 ? -6.623  -4.671  7.557   1.00 0.00 ? 45 HIS A H    1 
ATOM 430  H HD1  . HIS A 1 45 ? -10.681 -6.196  8.384   1.00 0.00 ? 45 HIS A HD1  1 
ATOM 431  H HE2  . HIS A 1 45 ? -9.340  -7.690  4.870   1.00 0.00 ? 45 HIS A HE2  1 
ATOM 432  N N    . ALA A 1 46 ? -6.528  -4.975  11.522  1.00 0.00 ? 46 ALA A N    1 
ATOM 433  C CA   . ALA A 1 46 ? -5.391  -5.232  12.426  1.00 0.00 ? 46 ALA A CA   1 
ATOM 434  C C    . ALA A 1 46 ? -5.077  -6.735  12.543  1.00 0.00 ? 46 ALA A C    1 
ATOM 435  O O    . ALA A 1 46 ? -5.935  -7.587  12.337  1.00 0.00 ? 46 ALA A O    1 
ATOM 436  C CB   . ALA A 1 46 ? -5.634  -4.627  13.801  1.00 0.00 ? 46 ALA A CB   1 
ATOM 437  H H    . ALA A 1 46 ? -7.404  -4.752  11.955  1.00 0.00 ? 46 ALA A H    1 
ATOM 438  N N    . ASP A 1 47 ? -3.805  -7.025  12.816  1.00 0.00 ? 47 ASP A N    1 
ATOM 439  C CA   . ASP A 1 47 ? -3.288  -8.402  12.976  1.00 0.00 ? 47 ASP A CA   1 
ATOM 440  C C    . ASP A 1 47 ? -4.017  -9.138  14.116  1.00 0.00 ? 47 ASP A C    1 
ATOM 441  O O    . ASP A 1 47 ? -3.964  -8.719  15.268  1.00 0.00 ? 47 ASP A O    1 
ATOM 442  C CB   . ASP A 1 47 ? -1.775  -8.350  13.237  1.00 0.00 ? 47 ASP A CB   1 
ATOM 443  C CG   . ASP A 1 47 ? -1.120  -9.730  13.104  1.00 0.00 ? 47 ASP A CG   1 
ATOM 444  O OD1  . ASP A 1 47 ? -1.238  -10.516 14.075  1.00 0.00 ? 47 ASP A OD1  1 
ATOM 445  O OD2  . ASP A 1 47 ? -0.531  -9.977  12.034  1.00 0.00 ? 47 ASP A OD2  1 
ATOM 446  H H    . ASP A 1 47 ? -3.125  -6.288  12.936  1.00 0.00 ? 47 ASP A H    1 
ATOM 447  N N    . LEU A 1 48 ? -4.966  -9.966  13.657  1.00 0.00 ? 48 LEU A N    1 
ATOM 448  C CA   . LEU A 1 48 ? -5.811  -10.882 14.463  1.00 0.00 ? 48 LEU A CA   1 
ATOM 449  C C    . LEU A 1 48 ? -7.020  -10.161 15.094  1.00 0.00 ? 48 LEU A C    1 
ATOM 450  O O    . LEU A 1 48 ? -8.165  -10.513 14.828  1.00 0.00 ? 48 LEU A O    1 
ATOM 451  C CB   . LEU A 1 48 ? -4.999  -11.660 15.518  1.00 0.00 ? 48 LEU A CB   1 
ATOM 452  C CG   . LEU A 1 48 ? -5.825  -12.710 16.277  1.00 0.00 ? 48 LEU A CG   1 
ATOM 453  C CD1  . LEU A 1 48 ? -6.194  -13.893 15.371  1.00 0.00 ? 48 LEU A CD1  1 
ATOM 454  C CD2  . LEU A 1 48 ? -5.028  -13.212 17.476  1.00 0.00 ? 48 LEU A CD2  1 
ATOM 455  H H    . LEU A 1 48 ? -5.286  -9.825  12.721  1.00 0.00 ? 48 LEU A H    1 
ATOM 456  N N    . LEU A 1 49 ? -6.728  -8.994  15.648  1.00 0.00 ? 49 LEU A N    1 
ATOM 457  C CA   . LEU A 1 49 ? -7.696  -8.027  16.205  1.00 0.00 ? 49 LEU A CA   1 
ATOM 458  C C    . LEU A 1 49 ? -8.279  -7.152  15.079  1.00 0.00 ? 49 LEU A C    1 
ATOM 459  O O    . LEU A 1 49 ? -8.238  -5.919  15.093  1.00 0.00 ? 49 LEU A O    1 
ATOM 460  C CB   . LEU A 1 49 ? -7.026  -7.179  17.301  1.00 0.00 ? 49 LEU A CB   1 
ATOM 461  C CG   . LEU A 1 49 ? -6.708  -7.978  18.572  1.00 0.00 ? 49 LEU A CG   1 
ATOM 462  C CD1  . LEU A 1 49 ? -5.351  -8.697  18.483  1.00 0.00 ? 49 LEU A CD1  1 
ATOM 463  C CD2  . LEU A 1 49 ? -6.654  -7.016  19.764  1.00 0.00 ? 49 LEU A CD2  1 
ATOM 464  H H    . LEU A 1 49 ? -5.767  -8.707  15.662  1.00 0.00 ? 49 LEU A H    1 
ATOM 465  N N    . ALA A 1 50 ? -8.811  -7.853  14.091  1.00 0.00 ? 50 ALA A N    1 
ATOM 466  C CA   . ALA A 1 50 ? -9.294  -7.313  12.799  1.00 0.00 ? 50 ALA A CA   1 
ATOM 467  C C    . ALA A 1 50 ? -9.998  -5.936  12.855  1.00 0.00 ? 50 ALA A C    1 
ATOM 468  O O    . ALA A 1 50 ? -9.386  -4.983  12.316  1.00 0.00 ? 50 ALA A O    1 
ATOM 469  C CB   . ALA A 1 50 ? -10.164 -8.354  12.101  1.00 0.00 ? 50 ALA A CB   1 
ATOM 470  O OXT  . ALA A 1 50 ? -11.127 -5.874  13.397  1.00 0.00 ? 50 ALA A OXT  1 
ATOM 471  H H    . ALA A 1 50 ? -8.797  -8.854  14.158  1.00 0.00 ? 50 ALA A H    1 
ATOM 472  N N    . VAL A 1 1  ? 7.098   -3.858  -17.252 1.00 0.00 ? 1  VAL A N    2 
ATOM 473  C CA   . VAL A 1 1  ? 6.466   -2.667  -16.644 1.00 0.00 ? 1  VAL A CA   2 
ATOM 474  C C    . VAL A 1 1  ? 6.867   -2.371  -15.188 1.00 0.00 ? 1  VAL A C    2 
ATOM 475  O O    . VAL A 1 1  ? 7.312   -1.272  -14.874 1.00 0.00 ? 1  VAL A O    2 
ATOM 476  C CB   . VAL A 1 1  ? 4.922   -2.660  -16.798 1.00 0.00 ? 1  VAL A CB   2 
ATOM 477  C CG1  . VAL A 1 1  ? 4.524   -2.287  -18.222 1.00 0.00 ? 1  VAL A CG1  2 
ATOM 478  C CG2  . VAL A 1 1  ? 4.240   -3.961  -16.339 1.00 0.00 ? 1  VAL A CG2  2 
ATOM 479  H H1   . VAL A 1 1  ? 7.990   -4.040  -16.836 1.00 0.00 ? 1  VAL A H1   2 
ATOM 480  H H2   . VAL A 1 1  ? 6.497   -4.652  -17.162 1.00 0.00 ? 1  VAL A H2   2 
ATOM 481  H H3   . VAL A 1 1  ? 7.237   -3.685  -18.232 1.00 0.00 ? 1  VAL A H3   2 
ATOM 482  N N    . VAL A 1 2  ? 6.882   -3.435  -14.374 1.00 0.00 ? 2  VAL A N    2 
ATOM 483  C CA   . VAL A 1 2  ? 7.119   -3.389  -12.915 1.00 0.00 ? 2  VAL A CA   2 
ATOM 484  C C    . VAL A 1 2  ? 8.554   -2.904  -12.645 1.00 0.00 ? 2  VAL A C    2 
ATOM 485  O O    . VAL A 1 2  ? 9.516   -3.640  -12.862 1.00 0.00 ? 2  VAL A O    2 
ATOM 486  C CB   . VAL A 1 2  ? 6.858   -4.776  -12.272 1.00 0.00 ? 2  VAL A CB   2 
ATOM 487  C CG1  . VAL A 1 2  ? 6.999   -4.727  -10.751 1.00 0.00 ? 2  VAL A CG1  2 
ATOM 488  C CG2  . VAL A 1 2  ? 5.467   -5.323  -12.604 1.00 0.00 ? 2  VAL A CG2  2 
ATOM 489  H H    . VAL A 1 2  ? 6.792   -4.363  -14.746 1.00 0.00 ? 2  VAL A H    2 
ATOM 490  N N    . SER A 1 3  ? 8.652   -1.618  -12.311 1.00 0.00 ? 3  SER A N    2 
ATOM 491  C CA   . SER A 1 3  ? 9.938   -0.897  -12.213 1.00 0.00 ? 3  SER A CA   2 
ATOM 492  C C    . SER A 1 3  ? 9.931   0.283   -11.236 1.00 0.00 ? 3  SER A C    2 
ATOM 493  O O    . SER A 1 3  ? 10.351  0.136   -10.086 1.00 0.00 ? 3  SER A O    2 
ATOM 494  C CB   . SER A 1 3  ? 10.441  -0.486  -13.602 1.00 0.00 ? 3  SER A CB   2 
ATOM 495  O OG   . SER A 1 3  ? 9.461   0.301   -14.286 1.00 0.00 ? 3  SER A OG   2 
ATOM 496  H H    . SER A 1 3  ? 7.833   -1.058  -12.186 1.00 0.00 ? 3  SER A H    2 
ATOM 497  H HG   . SER A 1 3  ? 8.689   -0.308  -14.589 1.00 0.00 ? 3  SER A HG   2 
ATOM 498  N N    . HIS A 1 4  ? 9.327   1.407   -11.634 1.00 0.00 ? 4  HIS A N    2 
ATOM 499  C CA   . HIS A 1 4  ? 9.476   2.688   -10.926 1.00 0.00 ? 4  HIS A CA   2 
ATOM 500  C C    . HIS A 1 4  ? 8.433   2.835   -9.804  1.00 0.00 ? 4  HIS A C    2 
ATOM 501  O O    . HIS A 1 4  ? 7.278   3.202   -10.045 1.00 0.00 ? 4  HIS A O    2 
ATOM 502  C CB   . HIS A 1 4  ? 9.376   3.843   -11.929 1.00 0.00 ? 4  HIS A CB   2 
ATOM 503  C CG   . HIS A 1 4  ? 10.502  3.827   -12.967 1.00 0.00 ? 4  HIS A CG   2 
ATOM 504  N ND1  . HIS A 1 4  ? 10.640  2.974   -13.976 1.00 0.00 ? 4  HIS A ND1  2 
ATOM 505  C CD2  . HIS A 1 4  ? 11.447  4.757   -13.093 1.00 0.00 ? 4  HIS A CD2  2 
ATOM 506  C CE1  . HIS A 1 4  ? 11.659  3.381   -14.736 1.00 0.00 ? 4  HIS A CE1  2 
ATOM 507  N NE2  . HIS A 1 4  ? 12.154  4.477   -14.186 1.00 0.00 ? 4  HIS A NE2  2 
ATOM 508  H H    . HIS A 1 4  ? 8.785   1.441   -12.481 1.00 0.00 ? 4  HIS A H    2 
ATOM 509  H HD1  . HIS A 1 4  ? 10.135  2.115   -14.118 1.00 0.00 ? 4  HIS A HD1  2 
ATOM 510  H HE2  . HIS A 1 4  ? 12.952  4.980   -14.509 1.00 0.00 ? 4  HIS A HE2  2 
ATOM 511  N N    . PHE A 1 5  ? 8.846   2.418   -8.620  1.00 0.00 ? 5  PHE A N    2 
ATOM 512  C CA   . PHE A 1 5  ? 8.044   2.557   -7.384  1.00 0.00 ? 5  PHE A CA   2 
ATOM 513  C C    . PHE A 1 5  ? 8.406   3.810   -6.570  1.00 0.00 ? 5  PHE A C    2 
ATOM 514  O O    . PHE A 1 5  ? 9.569   4.066   -6.289  1.00 0.00 ? 5  PHE A O    2 
ATOM 515  C CB   . PHE A 1 5  ? 8.088   1.284   -6.539  1.00 0.00 ? 5  PHE A CB   2 
ATOM 516  C CG   . PHE A 1 5  ? 9.489   0.785   -6.155  1.00 0.00 ? 5  PHE A CG   2 
ATOM 517  C CD1  . PHE A 1 5  ? 10.112  1.250   -4.965  1.00 0.00 ? 5  PHE A CD1  2 
ATOM 518  C CD2  . PHE A 1 5  ? 10.116  -0.191  -6.964  1.00 0.00 ? 5  PHE A CD2  2 
ATOM 519  C CE1  . PHE A 1 5  ? 11.376  0.743   -4.600  1.00 0.00 ? 5  PHE A CE1  2 
ATOM 520  C CE2  . PHE A 1 5  ? 11.373  -0.701  -6.591  1.00 0.00 ? 5  PHE A CE2  2 
ATOM 521  C CZ   . PHE A 1 5  ? 11.999  -0.240  -5.416  1.00 0.00 ? 5  PHE A CZ   2 
ATOM 522  H H    . PHE A 1 5  ? 9.694   1.885   -8.523  1.00 0.00 ? 5  PHE A H    2 
ATOM 523  N N    . ASN A 1 6  ? 7.382   4.638   -6.365  1.00 0.00 ? 6  ASN A N    2 
ATOM 524  C CA   . ASN A 1 6  ? 7.471   5.817   -5.481  1.00 0.00 ? 6  ASN A CA   2 
ATOM 525  C C    . ASN A 1 6  ? 6.566   5.716   -4.231  1.00 0.00 ? 6  ASN A C    2 
ATOM 526  O O    . ASN A 1 6  ? 5.780   4.778   -4.100  1.00 0.00 ? 6  ASN A O    2 
ATOM 527  C CB   . ASN A 1 6  ? 7.153   7.067   -6.315  1.00 0.00 ? 6  ASN A CB   2 
ATOM 528  C CG   . ASN A 1 6  ? 5.680   7.188   -6.723  1.00 0.00 ? 6  ASN A CG   2 
ATOM 529  O OD1  . ASN A 1 6  ? 4.802   7.447   -5.915  1.00 0.00 ? 6  ASN A OD1  2 
ATOM 530  N ND2  . ASN A 1 6  ? 5.389   6.915   -7.975  1.00 0.00 ? 6  ASN A ND2  2 
ATOM 531  H H    . ASN A 1 6  ? 6.547   4.572   -6.912  1.00 0.00 ? 6  ASN A H    2 
ATOM 532  H HD21 . ASN A 1 6  ? 6.082   6.626   -8.631  1.00 0.00 ? 6  ASN A HD21 2 
ATOM 533  H HD22 . ASN A 1 6  ? 4.426   6.996   -8.225  1.00 0.00 ? 6  ASN A HD22 2 
ATOM 534  N N    . ASP A 1 7  ? 6.677   6.696   -3.336  1.00 0.00 ? 7  ASP A N    2 
ATOM 535  C CA   . ASP A 1 7  ? 5.787   6.815   -2.158  1.00 0.00 ? 7  ASP A CA   2 
ATOM 536  C C    . ASP A 1 7  ? 4.354   7.207   -2.562  1.00 0.00 ? 7  ASP A C    2 
ATOM 537  O O    . ASP A 1 7  ? 4.062   8.372   -2.817  1.00 0.00 ? 7  ASP A O    2 
ATOM 538  C CB   . ASP A 1 7  ? 6.373   7.793   -1.117  1.00 0.00 ? 7  ASP A CB   2 
ATOM 539  C CG   . ASP A 1 7  ? 6.594   9.225   -1.622  1.00 0.00 ? 7  ASP A CG   2 
ATOM 540  O OD1  . ASP A 1 7  ? 7.378   9.376   -2.580  1.00 0.00 ? 7  ASP A OD1  2 
ATOM 541  O OD2  . ASP A 1 7  ? 6.042   10.143  -0.975  1.00 0.00 ? 7  ASP A OD2  2 
ATOM 542  H H    . ASP A 1 7  ? 7.296   7.463   -3.489  1.00 0.00 ? 7  ASP A H    2 
ATOM 543  N N    . CYS A 1 8  ? 3.485   6.203   -2.541  1.00 0.00 ? 8  CYS A N    2 
ATOM 544  C CA   . CYS A 1 8  ? 2.152   6.235   -3.185  1.00 0.00 ? 8  CYS A CA   2 
ATOM 545  C C    . CYS A 1 8  ? 1.258   7.454   -2.934  1.00 0.00 ? 8  CYS A C    2 
ATOM 546  O O    . CYS A 1 8  ? 0.814   7.695   -1.804  1.00 0.00 ? 8  CYS A O    2 
ATOM 547  C CB   . CYS A 1 8  ? 1.377   4.959   -2.852  1.00 0.00 ? 8  CYS A CB   2 
ATOM 548  S SG   . CYS A 1 8  ? 1.131   4.705   -1.056  1.00 0.00 ? 8  CYS A SG   2 
ATOM 549  H H    . CYS A 1 8  ? 3.725   5.318   -2.126  1.00 0.00 ? 8  CYS A H    2 
ATOM 550  N N    . PRO A 1 9  ? 0.899   8.156   -4.020  1.00 0.00 ? 9  PRO A N    2 
ATOM 551  C CA   . PRO A 1 9  ? -0.344  8.946   -4.068  1.00 0.00 ? 9  PRO A CA   2 
ATOM 552  C C    . PRO A 1 9  ? -1.559  8.018   -4.195  1.00 0.00 ? 9  PRO A C    2 
ATOM 553  O O    . PRO A 1 9  ? -1.810  7.415   -5.241  1.00 0.00 ? 9  PRO A O    2 
ATOM 554  C CB   . PRO A 1 9  ? -0.169  9.872   -5.274  1.00 0.00 ? 9  PRO A CB   2 
ATOM 555  C CG   . PRO A 1 9  ? 0.814   9.127   -6.183  1.00 0.00 ? 9  PRO A CG   2 
ATOM 556  C CD   . PRO A 1 9  ? 1.742   8.413   -5.200  1.00 0.00 ? 9  PRO A CD   2 
ATOM 557  N N    . ASP A 1 10 ? -2.178  7.771   -3.038  1.00 0.00 ? 10 ASP A N    2 
ATOM 558  C CA   . ASP A 1 10 ? -3.463  7.058   -2.950  1.00 0.00 ? 10 ASP A CA   2 
ATOM 559  C C    . ASP A 1 10 ? -4.636  8.019   -2.717  1.00 0.00 ? 10 ASP A C    2 
ATOM 560  O O    . ASP A 1 10 ? -4.707  8.672   -1.679  1.00 0.00 ? 10 ASP A O    2 
ATOM 561  C CB   . ASP A 1 10 ? -3.444  5.983   -1.847  1.00 0.00 ? 10 ASP A CB   2 
ATOM 562  C CG   . ASP A 1 10 ? -2.779  4.664   -2.274  1.00 0.00 ? 10 ASP A CG   2 
ATOM 563  O OD1  . ASP A 1 10 ? -1.756  4.748   -2.987  1.00 0.00 ? 10 ASP A OD1  2 
ATOM 564  O OD2  . ASP A 1 10 ? -3.297  3.603   -1.867  1.00 0.00 ? 10 ASP A OD2  2 
ATOM 565  H H    . ASP A 1 10 ? -1.779  8.051   -2.164  1.00 0.00 ? 10 ASP A H    2 
ATOM 566  N N    . SER A 1 11 ? -5.332  8.285   -3.818  1.00 0.00 ? 11 SER A N    2 
ATOM 567  C CA   . SER A 1 11 ? -6.594  9.066   -3.800  1.00 0.00 ? 11 SER A CA   2 
ATOM 568  C C    . SER A 1 11 ? -7.730  8.280   -4.479  1.00 0.00 ? 11 SER A C    2 
ATOM 569  O O    . SER A 1 11 ? -8.300  7.383   -3.855  1.00 0.00 ? 11 SER A O    2 
ATOM 570  C CB   . SER A 1 11 ? -6.366  10.463  -4.398  1.00 0.00 ? 11 SER A CB   2 
ATOM 571  O OG   . SER A 1 11 ? -5.849  10.370  -5.737  1.00 0.00 ? 11 SER A OG   2 
ATOM 572  H H    . SER A 1 11 ? -5.005  8.014   -4.723  1.00 0.00 ? 11 SER A H    2 
ATOM 573  H HG   . SER A 1 11 ? -5.491  11.263  -6.022  1.00 0.00 ? 11 SER A HG   2 
ATOM 574  N N    . HIS A 1 12 ? -7.891  8.451   -5.793  1.00 0.00 ? 12 HIS A N    2 
ATOM 575  C CA   . HIS A 1 12 ? -8.581  7.496   -6.683  1.00 0.00 ? 12 HIS A CA   2 
ATOM 576  C C    . HIS A 1 12 ? -7.963  6.090   -6.597  1.00 0.00 ? 12 HIS A C    2 
ATOM 577  O O    . HIS A 1 12 ? -8.648  5.088   -6.386  1.00 0.00 ? 12 HIS A O    2 
ATOM 578  C CB   . HIS A 1 12 ? -8.578  8.007   -8.139  1.00 0.00 ? 12 HIS A CB   2 
ATOM 579  C CG   . HIS A 1 12 ? -7.288  8.706   -8.591  1.00 0.00 ? 12 HIS A CG   2 
ATOM 580  N ND1  . HIS A 1 12 ? -7.197  9.998   -8.901  1.00 0.00 ? 12 HIS A ND1  2 
ATOM 581  C CD2  . HIS A 1 12 ? -6.059  8.192   -8.705  1.00 0.00 ? 12 HIS A CD2  2 
ATOM 582  C CE1  . HIS A 1 12 ? -5.939  10.284  -9.189  1.00 0.00 ? 12 HIS A CE1  2 
ATOM 583  N NE2  . HIS A 1 12 ? -5.240  9.160   -9.080  1.00 0.00 ? 12 HIS A NE2  2 
ATOM 584  H H    . HIS A 1 12 ? -7.438  9.229   -6.249  1.00 0.00 ? 12 HIS A H    2 
ATOM 585  H HD1  . HIS A 1 12 ? -7.971  10.624  -9.010  1.00 0.00 ? 12 HIS A HD1  2 
ATOM 586  H HE2  . HIS A 1 12 ? -4.260  9.047   -9.277  1.00 0.00 ? 12 HIS A HE2  2 
ATOM 587  N N    . THR A 1 13 ? -6.637  6.102   -6.539  1.00 0.00 ? 13 THR A N    2 
ATOM 588  C CA   . THR A 1 13 ? -5.721  4.983   -6.281  1.00 0.00 ? 13 THR A CA   2 
ATOM 589  C C    . THR A 1 13 ? -5.679  4.494   -4.814  1.00 0.00 ? 13 THR A C    2 
ATOM 590  O O    . THR A 1 13 ? -4.633  4.019   -4.360  1.00 0.00 ? 13 THR A O    2 
ATOM 591  C CB   . THR A 1 13 ? -4.322  5.428   -6.685  1.00 0.00 ? 13 THR A CB   2 
ATOM 592  O OG1  . THR A 1 13 ? -4.120  6.786   -6.261  1.00 0.00 ? 13 THR A OG1  2 
ATOM 593  C CG2  . THR A 1 13 ? -4.050  5.234   -8.174  1.00 0.00 ? 13 THR A CG2  2 
ATOM 594  H H    . THR A 1 13 ? -6.134  6.943   -6.755  1.00 0.00 ? 13 THR A H    2 
ATOM 595  H HG1  . THR A 1 13 ? -3.128  6.916   -6.038  1.00 0.00 ? 13 THR A HG1  2 
ATOM 596  N N    . GLN A 1 14 ? -6.807  4.543   -4.102  1.00 0.00 ? 14 GLN A N    2 
ATOM 597  C CA   . GLN A 1 14 ? -6.899  3.887   -2.786  1.00 0.00 ? 14 GLN A CA   2 
ATOM 598  C C    . GLN A 1 14 ? -7.081  2.365   -2.886  1.00 0.00 ? 14 GLN A C    2 
ATOM 599  O O    . GLN A 1 14 ? -8.162  1.792   -2.729  1.00 0.00 ? 14 GLN A O    2 
ATOM 600  C CB   . GLN A 1 14 ? -7.918  4.534   -1.839  1.00 0.00 ? 14 GLN A CB   2 
ATOM 601  C CG   . GLN A 1 14 ? -7.260  5.714   -1.114  1.00 0.00 ? 14 GLN A CG   2 
ATOM 602  C CD   . GLN A 1 14 ? -7.760  5.845   0.315   1.00 0.00 ? 14 GLN A CD   2 
ATOM 603  O OE1  . GLN A 1 14 ? -8.710  6.548   0.642   1.00 0.00 ? 14 GLN A OE1  2 
ATOM 604  N NE2  . GLN A 1 14 ? -7.109  5.151   1.241   1.00 0.00 ? 14 GLN A NE2  2 
ATOM 605  H H    . GLN A 1 14 ? -7.649  4.967   -4.452  1.00 0.00 ? 14 GLN A H    2 
ATOM 606  H HE21 . GLN A 1 14 ? -6.385  4.504   1.001   1.00 0.00 ? 14 GLN A HE21 2 
ATOM 607  H HE22 . GLN A 1 14 ? -7.423  5.264   2.173   1.00 0.00 ? 14 GLN A HE22 2 
ATOM 608  N N    . PHE A 1 15 ? -5.972  1.784   -3.321  1.00 0.00 ? 15 PHE A N    2 
ATOM 609  C CA   . PHE A 1 15 ? -5.658  0.346   -3.199  1.00 0.00 ? 15 PHE A CA   2 
ATOM 610  C C    . PHE A 1 15 ? -5.501  -0.010  -1.718  1.00 0.00 ? 15 PHE A C    2 
ATOM 611  O O    . PHE A 1 15 ? -6.099  -0.980  -1.250  1.00 0.00 ? 15 PHE A O    2 
ATOM 612  C CB   . PHE A 1 15 ? -4.357  0.116   -3.970  1.00 0.00 ? 15 PHE A CB   2 
ATOM 613  C CG   . PHE A 1 15 ? -3.961  -1.337  -4.263  1.00 0.00 ? 15 PHE A CG   2 
ATOM 614  C CD1  . PHE A 1 15 ? -3.602  -2.207  -3.210  1.00 0.00 ? 15 PHE A CD1  2 
ATOM 615  C CD2  . PHE A 1 15 ? -3.632  -1.658  -5.604  1.00 0.00 ? 15 PHE A CD2  2 
ATOM 616  C CE1  . PHE A 1 15 ? -2.870  -3.386  -3.476  1.00 0.00 ? 15 PHE A CE1  2 
ATOM 617  C CE2  . PHE A 1 15 ? -2.899  -2.827  -5.881  1.00 0.00 ? 15 PHE A CE2  2 
ATOM 618  C CZ   . PHE A 1 15 ? -2.507  -3.670  -4.814  1.00 0.00 ? 15 PHE A CZ   2 
ATOM 619  H H    . PHE A 1 15 ? -5.279  2.332   -3.792  1.00 0.00 ? 15 PHE A H    2 
ATOM 620  N N    . CYS A 1 16 ? -4.791  0.850   -0.983  1.00 0.00 ? 16 CYS A N    2 
ATOM 621  C CA   . CYS A 1 16 ? -4.512  0.644   0.448   1.00 0.00 ? 16 CYS A CA   2 
ATOM 622  C C    . CYS A 1 16 ? -4.944  1.786   1.369   1.00 0.00 ? 16 CYS A C    2 
ATOM 623  O O    . CYS A 1 16 ? -5.172  2.921   0.949   1.00 0.00 ? 16 CYS A O    2 
ATOM 624  C CB   . CYS A 1 16 ? -3.045  0.279   0.656   1.00 0.00 ? 16 CYS A CB   2 
ATOM 625  S SG   . CYS A 1 16 ? -2.769  -1.423  0.066   1.00 0.00 ? 16 CYS A SG   2 
ATOM 626  H H    . CYS A 1 16 ? -4.405  1.691   -1.374  1.00 0.00 ? 16 CYS A H    2 
ATOM 627  N N    . PHE A 1 17 ? -5.247  1.344   2.591   1.00 0.00 ? 17 PHE A N    2 
ATOM 628  C CA   . PHE A 1 17 ? -5.588  2.221   3.732   1.00 0.00 ? 17 PHE A CA   2 
ATOM 629  C C    . PHE A 1 17 ? -4.379  2.321   4.687   1.00 0.00 ? 17 PHE A C    2 
ATOM 630  O O    . PHE A 1 17 ? -3.536  3.199   4.510   1.00 0.00 ? 17 PHE A O    2 
ATOM 631  C CB   . PHE A 1 17 ? -6.853  1.686   4.425   1.00 0.00 ? 17 PHE A CB   2 
ATOM 632  C CG   . PHE A 1 17 ? -8.041  1.542   3.451   1.00 0.00 ? 17 PHE A CG   2 
ATOM 633  C CD1  . PHE A 1 17 ? -8.687  2.705   2.972   1.00 0.00 ? 17 PHE A CD1  2 
ATOM 634  C CD2  . PHE A 1 17 ? -8.331  0.279   2.911   1.00 0.00 ? 17 PHE A CD2  2 
ATOM 635  C CE1  . PHE A 1 17 ? -9.615  2.593   1.914   1.00 0.00 ? 17 PHE A CE1  2 
ATOM 636  C CE2  . PHE A 1 17 ? -9.254  0.159   1.856   1.00 0.00 ? 17 PHE A CE2  2 
ATOM 637  C CZ   . PHE A 1 17 ? -9.890  1.320   1.358   1.00 0.00 ? 17 PHE A CZ   2 
ATOM 638  H H    . PHE A 1 17 ? -5.358  0.364   2.743   1.00 0.00 ? 17 PHE A H    2 
ATOM 639  N N    . HIS A 1 18 ? -4.155  1.263   5.460   1.00 0.00 ? 18 HIS A N    2 
ATOM 640  C CA   . HIS A 1 18 ? -3.019  1.143   6.405   1.00 0.00 ? 18 HIS A CA   2 
ATOM 641  C C    . HIS A 1 18 ? -1.877  0.359   5.751   1.00 0.00 ? 18 HIS A C    2 
ATOM 642  O O    . HIS A 1 18 ? -1.327  -0.610  6.288   1.00 0.00 ? 18 HIS A O    2 
ATOM 643  C CB   . HIS A 1 18 ? -3.571  0.475   7.665   1.00 0.00 ? 18 HIS A CB   2 
ATOM 644  C CG   . HIS A 1 18 ? -4.723  1.260   8.309   1.00 0.00 ? 18 HIS A CG   2 
ATOM 645  N ND1  . HIS A 1 18 ? -4.602  2.302   9.128   1.00 0.00 ? 18 HIS A ND1  2 
ATOM 646  C CD2  . HIS A 1 18 ? -6.023  1.031   8.127   1.00 0.00 ? 18 HIS A CD2  2 
ATOM 647  C CE1  . HIS A 1 18 ? -5.822  2.722   9.453   1.00 0.00 ? 18 HIS A CE1  2 
ATOM 648  N NE2  . HIS A 1 18 ? -6.693  1.935   8.836   1.00 0.00 ? 18 HIS A NE2  2 
ATOM 649  H H    . HIS A 1 18 ? -4.746  0.456   5.420   1.00 0.00 ? 18 HIS A H    2 
ATOM 650  H HD1  . HIS A 1 18 ? -3.742  2.653   9.498   1.00 0.00 ? 18 HIS A HD1  2 
ATOM 651  H HE2  . HIS A 1 18 ? -7.684  2.029   8.863   1.00 0.00 ? 18 HIS A HE2  2 
ATOM 652  N N    . GLY A 1 19 ? -1.537  0.859   4.572   1.00 0.00 ? 19 GLY A N    2 
ATOM 653  C CA   . GLY A 1 19 ? -0.548  0.283   3.659   1.00 0.00 ? 19 GLY A CA   2 
ATOM 654  C C    . GLY A 1 19 ? 0.363   1.371   3.101   1.00 0.00 ? 19 GLY A C    2 
ATOM 655  O O    . GLY A 1 19 ? -0.048  2.173   2.261   1.00 0.00 ? 19 GLY A O    2 
ATOM 656  H H    . GLY A 1 19 ? -1.961  1.714   4.249   1.00 0.00 ? 19 GLY A H    2 
ATOM 657  N N    . THR A 1 20 ? 1.586   1.391   3.624   1.00 0.00 ? 20 THR A N    2 
ATOM 658  C CA   . THR A 1 20 ? 2.675   2.237   3.116   1.00 0.00 ? 20 THR A CA   2 
ATOM 659  C C    . THR A 1 20 ? 3.132   1.686   1.758   1.00 0.00 ? 20 THR A C    2 
ATOM 660  O O    . THR A 1 20 ? 3.737   0.618   1.673   1.00 0.00 ? 20 THR A O    2 
ATOM 661  C CB   . THR A 1 20 ? 3.828   2.242   4.117   1.00 0.00 ? 20 THR A CB   2 
ATOM 662  O OG1  . THR A 1 20 ? 4.066   0.965   4.689   1.00 0.00 ? 20 THR A OG1  2 
ATOM 663  C CG2  . THR A 1 20 ? 3.524   3.293   5.214   1.00 0.00 ? 20 THR A CG2  2 
ATOM 664  H H    . THR A 1 20 ? 1.909   0.684   4.259   1.00 0.00 ? 20 THR A H    2 
ATOM 665  H HG1  . THR A 1 20 ? 4.287   0.313   3.952   1.00 0.00 ? 20 THR A HG1  2 
ATOM 666  N N    . CYS A 1 21 ? 2.486   2.247   0.753   1.00 0.00 ? 21 CYS A N    2 
ATOM 667  C CA   . CYS A 1 21 ? 2.528   1.706   -0.620  1.00 0.00 ? 21 CYS A CA   2 
ATOM 668  C C    . CYS A 1 21 ? 3.547   2.320   -1.577  1.00 0.00 ? 21 CYS A C    2 
ATOM 669  O O    . CYS A 1 21 ? 3.918   3.494   -1.506  1.00 0.00 ? 21 CYS A O    2 
ATOM 670  C CB   . CYS A 1 21 ? 1.119   1.635   -1.241  1.00 0.00 ? 21 CYS A CB   2 
ATOM 671  S SG   . CYS A 1 21 ? -0.022  3.031   -0.938  1.00 0.00 ? 21 CYS A SG   2 
ATOM 672  H H    . CYS A 1 21 ? 1.808   2.966   0.913   1.00 0.00 ? 21 CYS A H    2 
ATOM 673  N N    . ARG A 1 22 ? 4.061   1.410   -2.385  1.00 0.00 ? 22 ARG A N    2 
ATOM 674  C CA   . ARG A 1 22 ? 5.028   1.670   -3.457  1.00 0.00 ? 22 ARG A CA   2 
ATOM 675  C C    . ARG A 1 22 ? 4.316   1.698   -4.813  1.00 0.00 ? 22 ARG A C    2 
ATOM 676  O O    . ARG A 1 22 ? 3.766   0.707   -5.302  1.00 0.00 ? 22 ARG A O    2 
ATOM 677  C CB   . ARG A 1 22 ? 6.123   0.594   -3.430  1.00 0.00 ? 22 ARG A CB   2 
ATOM 678  C CG   . ARG A 1 22 ? 7.271   0.834   -2.440  1.00 0.00 ? 22 ARG A CG   2 
ATOM 679  C CD   . ARG A 1 22 ? 6.941   0.711   -0.943  1.00 0.00 ? 22 ARG A CD   2 
ATOM 680  N NE   . ARG A 1 22 ? 6.374   1.971   -0.425  1.00 0.00 ? 22 ARG A NE   2 
ATOM 681  C CZ   . ARG A 1 22 ? 6.393   2.409   0.832   1.00 0.00 ? 22 ARG A CZ   2 
ATOM 682  N NH1  . ARG A 1 22 ? 6.952   1.724   1.828   1.00 0.00 ? 22 ARG A NH1  2 
ATOM 683  N NH2  . ARG A 1 22 ? 5.784   3.544   1.132   1.00 0.00 ? 22 ARG A NH2  2 
ATOM 684  H H    . ARG A 1 22 ? 3.828   0.434   -2.275  1.00 0.00 ? 22 ARG A H    2 
ATOM 685  H HE   . ARG A 1 22 ? 5.924   2.550   -1.101  1.00 0.00 ? 22 ARG A HE   2 
ATOM 686  H HH11 . ARG A 1 22 ? 7.387   0.849   1.625   1.00 0.00 ? 22 ARG A HH11 2 
ATOM 687  H HH12 . ARG A 1 22 ? 6.957   2.086   2.759   1.00 0.00 ? 22 ARG A HH12 2 
ATOM 688  H HH21 . ARG A 1 22 ? 5.276   4.033   0.425   1.00 0.00 ? 22 ARG A HH21 2 
ATOM 689  H HH22 . ARG A 1 22 ? 5.816   3.891   2.074   1.00 0.00 ? 22 ARG A HH22 2 
ATOM 690  N N    . PHE A 1 23 ? 4.179   2.927   -5.302  1.00 0.00 ? 23 PHE A N    2 
ATOM 691  C CA   . PHE A 1 23 ? 3.432   3.257   -6.531  1.00 0.00 ? 23 PHE A CA   2 
ATOM 692  C C    . PHE A 1 23 ? 4.278   2.976   -7.776  1.00 0.00 ? 23 PHE A C    2 
ATOM 693  O O    . PHE A 1 23 ? 5.139   3.756   -8.176  1.00 0.00 ? 23 PHE A O    2 
ATOM 694  C CB   . PHE A 1 23 ? 3.014   4.734   -6.469  1.00 0.00 ? 23 PHE A CB   2 
ATOM 695  C CG   . PHE A 1 23 ? 1.949   5.118   -7.502  1.00 0.00 ? 23 PHE A CG   2 
ATOM 696  C CD1  . PHE A 1 23 ? 2.345   5.664   -8.743  1.00 0.00 ? 23 PHE A CD1  2 
ATOM 697  C CD2  . PHE A 1 23 ? 0.594   5.093   -7.109  1.00 0.00 ? 23 PHE A CD2  2 
ATOM 698  C CE1  . PHE A 1 23 ? 1.367   6.209   -9.603  1.00 0.00 ? 23 PHE A CE1  2 
ATOM 699  C CE2  . PHE A 1 23 ? -0.385  5.651   -7.966  1.00 0.00 ? 23 PHE A CE2  2 
ATOM 700  C CZ   . PHE A 1 23 ? 0.014   6.204   -9.201  1.00 0.00 ? 23 PHE A CZ   2 
ATOM 701  H H    . PHE A 1 23 ? 4.623   3.707   -4.841  1.00 0.00 ? 23 PHE A H    2 
ATOM 702  N N    . LEU A 1 24 ? 4.018   1.796   -8.318  1.00 0.00 ? 24 LEU A N    2 
ATOM 703  C CA   . LEU A 1 24 ? 4.573   1.329   -9.606  1.00 0.00 ? 24 LEU A CA   2 
ATOM 704  C C    . LEU A 1 24 ? 3.966   2.111   -10.775 1.00 0.00 ? 24 LEU A C    2 
ATOM 705  O O    . LEU A 1 24 ? 2.935   1.739   -11.339 1.00 0.00 ? 24 LEU A O    2 
ATOM 706  C CB   . LEU A 1 24 ? 4.337   -0.175  -9.759  1.00 0.00 ? 24 LEU A CB   2 
ATOM 707  C CG   . LEU A 1 24 ? 5.236   -0.973  -8.803  1.00 0.00 ? 24 LEU A CG   2 
ATOM 708  C CD1  . LEU A 1 24 ? 4.669   -2.378  -8.612  1.00 0.00 ? 24 LEU A CD1  2 
ATOM 709  C CD2  . LEU A 1 24 ? 6.678   -1.022  -9.320  1.00 0.00 ? 24 LEU A CD2  2 
ATOM 710  H H    . LEU A 1 24 ? 3.384   1.149   -7.873  1.00 0.00 ? 24 LEU A H    2 
ATOM 711  N N    . VAL A 1 25 ? 4.684   3.167   -11.145 1.00 0.00 ? 25 VAL A N    2 
ATOM 712  C CA   . VAL A 1 25 ? 4.252   4.232   -12.084 1.00 0.00 ? 25 VAL A CA   2 
ATOM 713  C C    . VAL A 1 25 ? 3.656   3.639   -13.371 1.00 0.00 ? 25 VAL A C    2 
ATOM 714  O O    . VAL A 1 25 ? 2.486   3.866   -13.671 1.00 0.00 ? 25 VAL A O    2 
ATOM 715  C CB   . VAL A 1 25 ? 5.403   5.198   -12.412 1.00 0.00 ? 25 VAL A CB   2 
ATOM 716  C CG1  . VAL A 1 25 ? 4.993   6.319   -13.370 1.00 0.00 ? 25 VAL A CG1  2 
ATOM 717  C CG2  . VAL A 1 25 ? 5.950   5.852   -11.144 1.00 0.00 ? 25 VAL A CG2  2 
ATOM 718  H H    . VAL A 1 25 ? 5.581   3.320   -10.701 1.00 0.00 ? 25 VAL A H    2 
ATOM 719  N N    . GLN A 1 26 ? 4.418   2.737   -13.979 1.00 0.00 ? 26 GLN A N    2 
ATOM 720  C CA   . GLN A 1 26 ? 4.091   2.098   -15.257 1.00 0.00 ? 26 GLN A CA   2 
ATOM 721  C C    . GLN A 1 26 ? 2.779   1.288   -15.289 1.00 0.00 ? 26 GLN A C    2 
ATOM 722  O O    . GLN A 1 26 ? 2.271   0.930   -16.350 1.00 0.00 ? 26 GLN A O    2 
ATOM 723  C CB   . GLN A 1 26 ? 5.231   1.177   -15.727 1.00 0.00 ? 26 GLN A CB   2 
ATOM 724  C CG   . GLN A 1 26 ? 6.562   1.887   -16.037 1.00 0.00 ? 26 GLN A CG   2 
ATOM 725  C CD   . GLN A 1 26 ? 7.285   2.481   -14.821 1.00 0.00 ? 26 GLN A CD   2 
ATOM 726  O OE1  . GLN A 1 26 ? 7.183   2.033   -13.683 1.00 0.00 ? 26 GLN A OE1  2 
ATOM 727  N NE2  . GLN A 1 26 ? 7.979   3.570   -15.055 1.00 0.00 ? 26 GLN A NE2  2 
ATOM 728  H H    . GLN A 1 26 ? 5.326   2.493   -13.609 1.00 0.00 ? 26 GLN A H    2 
ATOM 729  H HE21 . GLN A 1 26 ? 8.028   3.955   -15.967 1.00 0.00 ? 26 GLN A HE21 2 
ATOM 730  H HE22 . GLN A 1 26 ? 8.487   3.971   -14.301 1.00 0.00 ? 26 GLN A HE22 2 
ATOM 731  N N    . GLU A 1 27 ? 2.295   0.953   -14.100 1.00 0.00 ? 27 GLU A N    2 
ATOM 732  C CA   . GLU A 1 27 ? 1.030   0.233   -13.855 1.00 0.00 ? 27 GLU A CA   2 
ATOM 733  C C    . GLU A 1 27 ? -0.052  1.065   -13.151 1.00 0.00 ? 27 GLU A C    2 
ATOM 734  O O    . GLU A 1 27 ? -1.193  0.619   -12.994 1.00 0.00 ? 27 GLU A O    2 
ATOM 735  C CB   . GLU A 1 27 ? 1.295   -0.976  -12.961 1.00 0.00 ? 27 GLU A CB   2 
ATOM 736  C CG   . GLU A 1 27 ? 2.219   -2.044  -13.560 1.00 0.00 ? 27 GLU A CG   2 
ATOM 737  C CD   . GLU A 1 27 ? 3.621   -1.923  -12.962 1.00 0.00 ? 27 GLU A CD   2 
ATOM 738  O OE1  . GLU A 1 27 ? 4.434   -1.135  -13.503 1.00 0.00 ? 27 GLU A OE1  2 
ATOM 739  O OE2  . GLU A 1 27 ? 3.862   -2.603  -11.938 1.00 0.00 ? 27 GLU A OE2  2 
ATOM 740  H H    . GLU A 1 27 ? 2.805   1.222   -13.275 1.00 0.00 ? 27 GLU A H    2 
ATOM 741  N N    . ASP A 1 28 ? 0.358   2.226   -12.646 1.00 0.00 ? 28 ASP A N    2 
ATOM 742  C CA   . ASP A 1 28 ? -0.337  3.088   -11.674 1.00 0.00 ? 28 ASP A CA   2 
ATOM 743  C C    . ASP A 1 28 ? -0.739  2.373   -10.368 1.00 0.00 ? 28 ASP A C    2 
ATOM 744  O O    . ASP A 1 28 ? -1.493  2.916   -9.567  1.00 0.00 ? 28 ASP A O    2 
ATOM 745  C CB   . ASP A 1 28 ? -1.455  3.790   -12.459 1.00 0.00 ? 28 ASP A CB   2 
ATOM 746  C CG   . ASP A 1 28 ? -2.583  4.448   -11.643 1.00 0.00 ? 28 ASP A CG   2 
ATOM 747  O OD1  . ASP A 1 28 ? -2.383  5.619   -11.261 1.00 0.00 ? 28 ASP A OD1  2 
ATOM 748  O OD2  . ASP A 1 28 ? -3.626  3.778   -11.474 1.00 0.00 ? 28 ASP A OD2  2 
ATOM 749  H H    . ASP A 1 28 ? 1.163   2.642   -13.031 1.00 0.00 ? 28 ASP A H    2 
ATOM 750  N N    . LYS A 1 29 ? 0.082   1.382   -10.024 1.00 0.00 ? 29 LYS A N    2 
ATOM 751  C CA   . LYS A 1 29 ? -0.227  0.380   -8.989  1.00 0.00 ? 29 LYS A CA   2 
ATOM 752  C C    . LYS A 1 29 ? 0.400   0.722   -7.619  1.00 0.00 ? 29 LYS A C    2 
ATOM 753  O O    . LYS A 1 29 ? 1.627   0.629   -7.476  1.00 0.00 ? 29 LYS A O    2 
ATOM 754  C CB   . LYS A 1 29 ? 0.248   -0.997  -9.461  1.00 0.00 ? 29 LYS A CB   2 
ATOM 755  C CG   . LYS A 1 29 ? -0.242  -2.134  -8.574  1.00 0.00 ? 29 LYS A CG   2 
ATOM 756  C CD   . LYS A 1 29 ? 0.381   -3.465  -8.991  1.00 0.00 ? 29 LYS A CD   2 
ATOM 757  C CE   . LYS A 1 29 ? -0.138  -4.648  -8.164  1.00 0.00 ? 29 LYS A CE   2 
ATOM 758  N NZ   . LYS A 1 29 ? 0.263   -4.529  -6.759  1.00 0.00 ? 29 LYS A NZ   2 
ATOM 759  H H    . LYS A 1 29 ? 0.945   1.271   -10.532 1.00 0.00 ? 29 LYS A H    2 
ATOM 760  H HZ1  . LYS A 1 29 ? -0.114  -3.678  -6.379  1.00 0.00 ? 29 LYS A HZ1  2 
ATOM 761  H HZ2  . LYS A 1 29 ? -0.109  -5.303  -6.244  1.00 0.00 ? 29 LYS A HZ2  2 
ATOM 762  N N    . PRO A 1 30 ? -0.419  1.055   -6.619  1.00 0.00 ? 30 PRO A N    2 
ATOM 763  C CA   . PRO A 1 30 ? 0.037   1.207   -5.220  1.00 0.00 ? 30 PRO A CA   2 
ATOM 764  C C    . PRO A 1 30 ? 0.170   -0.184  -4.570  1.00 0.00 ? 30 PRO A C    2 
ATOM 765  O O    . PRO A 1 30 ? -0.822  -0.781  -4.139  1.00 0.00 ? 30 PRO A O    2 
ATOM 766  C CB   . PRO A 1 30 ? -1.057  2.045   -4.542  1.00 0.00 ? 30 PRO A CB   2 
ATOM 767  C CG   . PRO A 1 30 ? -1.887  2.627   -5.683  1.00 0.00 ? 30 PRO A CG   2 
ATOM 768  C CD   . PRO A 1 30 ? -1.804  1.564   -6.770  1.00 0.00 ? 30 PRO A CD   2 
ATOM 769  N N    . ALA A 1 31 ? 1.384   -0.726  -4.587  1.00 0.00 ? 31 ALA A N    2 
ATOM 770  C CA   . ALA A 1 31 ? 1.682   -2.045  -3.992  1.00 0.00 ? 31 ALA A CA   2 
ATOM 771  C C    . ALA A 1 31 ? 2.264   -1.890  -2.576  1.00 0.00 ? 31 ALA A C    2 
ATOM 772  O O    . ALA A 1 31 ? 3.260   -1.207  -2.353  1.00 0.00 ? 31 ALA A O    2 
ATOM 773  C CB   . ALA A 1 31 ? 2.627   -2.824  -4.892  1.00 0.00 ? 31 ALA A CB   2 
ATOM 774  H H    . ALA A 1 31 ? 2.169   -0.266  -5.014  1.00 0.00 ? 31 ALA A H    2 
ATOM 775  N N    . CYS A 1 32 ? 1.673   -2.609  -1.632  1.00 0.00 ? 32 CYS A N    2 
ATOM 776  C CA   . CYS A 1 32 ? 1.603   -2.142  -0.235  1.00 0.00 ? 32 CYS A CA   2 
ATOM 777  C C    . CYS A 1 32 ? 2.445   -2.931  0.767   1.00 0.00 ? 32 CYS A C    2 
ATOM 778  O O    . CYS A 1 32 ? 2.418   -4.163  0.800   1.00 0.00 ? 32 CYS A O    2 
ATOM 779  C CB   . CYS A 1 32 ? 0.146   -2.133  0.239   1.00 0.00 ? 32 CYS A CB   2 
ATOM 780  S SG   . CYS A 1 32 ? -0.999  -1.309  -0.921  1.00 0.00 ? 32 CYS A SG   2 
ATOM 781  H H    . CYS A 1 32 ? 1.299   -3.525  -1.812  1.00 0.00 ? 32 CYS A H    2 
ATOM 782  N N    . VAL A 1 33 ? 3.101   -2.168  1.625   1.00 0.00 ? 33 VAL A N    2 
ATOM 783  C CA   . VAL A 1 33 ? 3.633   -2.663  2.918   1.00 0.00 ? 33 VAL A CA   2 
ATOM 784  C C    . VAL A 1 33 ? 2.535   -2.384  3.959   1.00 0.00 ? 33 VAL A C    2 
ATOM 785  O O    . VAL A 1 33 ? 2.270   -1.230  4.278   1.00 0.00 ? 33 VAL A O    2 
ATOM 786  C CB   . VAL A 1 33 ? 4.933   -1.914  3.296   1.00 0.00 ? 33 VAL A CB   2 
ATOM 787  C CG1  . VAL A 1 33 ? 5.523   -2.435  4.617   1.00 0.00 ? 33 VAL A CG1  2 
ATOM 788  C CG2  . VAL A 1 33 ? 6.004   -2.015  2.205   1.00 0.00 ? 33 VAL A CG2  2 
ATOM 789  H H    . VAL A 1 33 ? 3.315   -1.201  1.431   1.00 0.00 ? 33 VAL A H    2 
ATOM 790  N N    . CYS A 1 34 ? 1.806   -3.424  4.352   1.00 0.00 ? 34 CYS A N    2 
ATOM 791  C CA   . CYS A 1 34 ? 0.875   -3.307  5.499   1.00 0.00 ? 34 CYS A CA   2 
ATOM 792  C C    . CYS A 1 34 ? 1.634   -2.919  6.770   1.00 0.00 ? 34 CYS A C    2 
ATOM 793  O O    . CYS A 1 34 ? 2.704   -3.467  7.047   1.00 0.00 ? 34 CYS A O    2 
ATOM 794  C CB   . CYS A 1 34 ? 0.091   -4.592  5.743   1.00 0.00 ? 34 CYS A CB   2 
ATOM 795  S SG   . CYS A 1 34 ? -1.084  -5.107  4.430   1.00 0.00 ? 34 CYS A SG   2 
ATOM 796  H H    . CYS A 1 34 ? 1.876   -4.323  3.921   1.00 0.00 ? 34 CYS A H    2 
ATOM 797  N N    . HIS A 1 35 ? 1.120   -1.918  7.468   1.00 0.00 ? 35 HIS A N    2 
ATOM 798  C CA   . HIS A 1 35 ? 1.658   -1.494  8.779   1.00 0.00 ? 35 HIS A CA   2 
ATOM 799  C C    . HIS A 1 35 ? 1.666   -2.688  9.743   1.00 0.00 ? 35 HIS A C    2 
ATOM 800  O O    . HIS A 1 35 ? 0.714   -3.468  9.785   1.00 0.00 ? 35 HIS A O    2 
ATOM 801  C CB   . HIS A 1 35 ? 0.790   -0.409  9.414   1.00 0.00 ? 35 HIS A CB   2 
ATOM 802  C CG   . HIS A 1 35 ? 0.670   0.962   8.728   1.00 0.00 ? 35 HIS A CG   2 
ATOM 803  N ND1  . HIS A 1 35 ? 0.202   2.035   9.346   1.00 0.00 ? 35 HIS A ND1  2 
ATOM 804  C CD2  . HIS A 1 35 ? 0.798   1.272   7.441   1.00 0.00 ? 35 HIS A CD2  2 
ATOM 805  C CE1  . HIS A 1 35 ? 0.032   3.001   8.454   1.00 0.00 ? 35 HIS A CE1  2 
ATOM 806  N NE2  . HIS A 1 35 ? 0.423   2.536   7.275   1.00 0.00 ? 35 HIS A NE2  2 
ATOM 807  H H    . HIS A 1 35 ? 0.328   -1.391  7.127   1.00 0.00 ? 35 HIS A H    2 
ATOM 808  H HD1  . HIS A 1 35 ? 0.020   2.116   10.323  1.00 0.00 ? 35 HIS A HD1  2 
ATOM 809  H HE2  . HIS A 1 35 ? 0.480   3.058   6.429   1.00 0.00 ? 35 HIS A HE2  2 
ATOM 810  N N    . SER A 1 36 ? 2.758   -2.831  10.497  1.00 0.00 ? 36 SER A N    2 
ATOM 811  C CA   . SER A 1 36 ? 2.891   -3.870  11.540  1.00 0.00 ? 36 SER A CA   2 
ATOM 812  C C    . SER A 1 36 ? 1.794   -3.720  12.604  1.00 0.00 ? 36 SER A C    2 
ATOM 813  O O    . SER A 1 36 ? 1.818   -2.802  13.432  1.00 0.00 ? 36 SER A O    2 
ATOM 814  C CB   . SER A 1 36 ? 4.267   -3.839  12.204  1.00 0.00 ? 36 SER A CB   2 
ATOM 815  O OG   . SER A 1 36 ? 4.436   -5.004  13.020  1.00 0.00 ? 36 SER A OG   2 
ATOM 816  H H    . SER A 1 36 ? 3.568   -2.272  10.342  1.00 0.00 ? 36 SER A H    2 
ATOM 817  H HG   . SER A 1 36 ? 3.959   -4.876  13.913  1.00 0.00 ? 36 SER A HG   2 
ATOM 818  N N    . GLY A 1 37 ? 0.804   -4.605  12.497  1.00 0.00 ? 37 GLY A N    2 
ATOM 819  C CA   . GLY A 1 37 ? -0.505  -4.424  13.138  1.00 0.00 ? 37 GLY A CA   2 
ATOM 820  C C    . GLY A 1 37 ? -1.731  -4.639  12.237  1.00 0.00 ? 37 GLY A C    2 
ATOM 821  O O    . GLY A 1 37 ? -2.846  -4.708  12.746  1.00 0.00 ? 37 GLY A O    2 
ATOM 822  H H    . GLY A 1 37 ? 0.944   -5.457  12.007  1.00 0.00 ? 37 GLY A H    2 
ATOM 823  N N    . TYR A 1 38 ? -1.520  -4.696  10.920  1.00 0.00 ? 38 TYR A N    2 
ATOM 824  C CA   . TYR A 1 38 ? -2.579  -4.931  9.924   1.00 0.00 ? 38 TYR A CA   2 
ATOM 825  C C    . TYR A 1 38 ? -2.232  -6.046  8.933   1.00 0.00 ? 38 TYR A C    2 
ATOM 826  O O    . TYR A 1 38 ? -1.072  -6.366  8.692   1.00 0.00 ? 38 TYR A O    2 
ATOM 827  C CB   . TYR A 1 38 ? -2.863  -3.668  9.099   1.00 0.00 ? 38 TYR A CB   2 
ATOM 828  C CG   . TYR A 1 38 ? -3.306  -2.483  9.960   1.00 0.00 ? 38 TYR A CG   2 
ATOM 829  C CD1  . TYR A 1 38 ? -2.294  -1.625  10.465  1.00 0.00 ? 38 TYR A CD1  2 
ATOM 830  C CD2  . TYR A 1 38 ? -4.670  -2.214  10.188  1.00 0.00 ? 38 TYR A CD2  2 
ATOM 831  C CE1  . TYR A 1 38 ? -2.653  -0.474  11.180  1.00 0.00 ? 38 TYR A CE1  2 
ATOM 832  C CE2  . TYR A 1 38 ? -5.035  -1.056  10.899  1.00 0.00 ? 38 TYR A CE2  2 
ATOM 833  C CZ   . TYR A 1 38 ? -4.020  -0.188  11.364  1.00 0.00 ? 38 TYR A CZ   2 
ATOM 834  O OH   . TYR A 1 38 ? -4.371  0.978   11.986  1.00 0.00 ? 38 TYR A OH   2 
ATOM 835  H H    . TYR A 1 38 ? -0.617  -4.438  10.551  1.00 0.00 ? 38 TYR A H    2 
ATOM 836  H HH   . TYR A 1 38 ? -5.360  1.095   11.885  1.00 0.00 ? 38 TYR A HH   2 
ATOM 837  N N    . VAL A 1 39 ? -3.297  -6.686  8.449   1.00 0.00 ? 39 VAL A N    2 
ATOM 838  C CA   . VAL A 1 39 ? -3.304  -7.562  7.257   1.00 0.00 ? 39 VAL A CA   2 
ATOM 839  C C    . VAL A 1 39 ? -4.314  -7.093  6.188   1.00 0.00 ? 39 VAL A C    2 
ATOM 840  O O    . VAL A 1 39 ? -5.150  -6.203  6.421   1.00 0.00 ? 39 VAL A O    2 
ATOM 841  C CB   . VAL A 1 39 ? -3.529  -9.049  7.590   1.00 0.00 ? 39 VAL A CB   2 
ATOM 842  C CG1  . VAL A 1 39 ? -2.240  -9.674  8.117   1.00 0.00 ? 39 VAL A CG1  2 
ATOM 843  C CG2  . VAL A 1 39 ? -4.725  -9.322  8.512   1.00 0.00 ? 39 VAL A CG2  2 
ATOM 844  H H    . VAL A 1 39 ? -4.188  -6.606  8.900   1.00 0.00 ? 39 VAL A H    2 
ATOM 845  N N    . GLY A 1 40 ? -4.143  -7.665  5.010   1.00 0.00 ? 40 GLY A N    2 
ATOM 846  C CA   . GLY A 1 40 ? -5.061  -7.460  3.874   1.00 0.00 ? 40 GLY A CA   2 
ATOM 847  C C    . GLY A 1 40 ? -4.307  -6.954  2.636   1.00 0.00 ? 40 GLY A C    2 
ATOM 848  O O    . GLY A 1 40 ? -3.372  -6.168  2.777   1.00 0.00 ? 40 GLY A O    2 
ATOM 849  H H    . GLY A 1 40 ? -3.327  -8.194  4.813   1.00 0.00 ? 40 GLY A H    2 
ATOM 850  N N    . ALA A 1 41 ? -4.807  -7.260  1.449   1.00 0.00 ? 41 ALA A N    2 
ATOM 851  C CA   . ALA A 1 41 ? -4.251  -6.688  0.196   1.00 0.00 ? 41 ALA A CA   2 
ATOM 852  C C    . ALA A 1 41 ? -4.453  -5.163  0.131   1.00 0.00 ? 41 ALA A C    2 
ATOM 853  O O    . ALA A 1 41 ? -3.574  -4.425  -0.306  1.00 0.00 ? 41 ALA A O    2 
ATOM 854  C CB   . ALA A 1 41 ? -4.869  -7.362  -1.036  1.00 0.00 ? 41 ALA A CB   2 
ATOM 855  H H    . ALA A 1 41 ? -5.649  -7.793  1.334   1.00 0.00 ? 41 ALA A H    2 
ATOM 856  N N    . ARG A 1 42 ? -5.561  -4.738  0.733   1.00 0.00 ? 42 ARG A N    2 
ATOM 857  C CA   . ARG A 1 42 ? -5.941  -3.319  0.926   1.00 0.00 ? 42 ARG A CA   2 
ATOM 858  C C    . ARG A 1 42 ? -5.353  -2.714  2.224   1.00 0.00 ? 42 ARG A C    2 
ATOM 859  O O    . ARG A 1 42 ? -5.575  -1.548  2.535   1.00 0.00 ? 42 ARG A O    2 
ATOM 860  C CB   . ARG A 1 42 ? -7.471  -3.195  0.990   1.00 0.00 ? 42 ARG A CB   2 
ATOM 861  C CG   . ARG A 1 42 ? -8.306  -3.723  -0.195  1.00 0.00 ? 42 ARG A CG   2 
ATOM 862  C CD   . ARG A 1 42 ? -8.343  -5.256  -0.367  1.00 0.00 ? 42 ARG A CD   2 
ATOM 863  N NE   . ARG A 1 42 ? -8.501  -5.941  0.929   1.00 0.00 ? 42 ARG A NE   2 
ATOM 864  C CZ   . ARG A 1 42 ? -8.213  -7.214  1.207   1.00 0.00 ? 42 ARG A CZ   2 
ATOM 865  N NH1  . ARG A 1 42 ? -7.819  -8.069  0.267   1.00 0.00 ? 42 ARG A NH1  2 
ATOM 866  N NH2  . ARG A 1 42 ? -8.069  -7.598  2.469   1.00 0.00 ? 42 ARG A NH2  2 
ATOM 867  H H    . ARG A 1 42 ? -6.261  -5.372  1.018   1.00 0.00 ? 42 ARG A H    2 
ATOM 868  H HE   . ARG A 1 42 ? -8.952  -5.390  1.640   1.00 0.00 ? 42 ARG A HE   2 
ATOM 869  H HH11 . ARG A 1 42 ? -7.805  -7.773  -0.677  1.00 0.00 ? 42 ARG A HH11 2 
ATOM 870  H HH12 . ARG A 1 42 ? -7.629  -9.031  0.499   1.00 0.00 ? 42 ARG A HH12 2 
ATOM 871  H HH21 . ARG A 1 42 ? -8.137  -6.923  3.200   1.00 0.00 ? 42 ARG A HH21 2 
ATOM 872  H HH22 . ARG A 1 42 ? -7.886  -8.561  2.676   1.00 0.00 ? 42 ARG A HH22 2 
ATOM 873  N N    . CYS A 1 43 ? -4.695  -3.570  3.005   1.00 0.00 ? 43 CYS A N    2 
ATOM 874  C CA   . CYS A 1 43 ? -4.165  -3.286  4.356   1.00 0.00 ? 43 CYS A CA   2 
ATOM 875  C C    . CYS A 1 43 ? -5.137  -2.519  5.269   1.00 0.00 ? 43 CYS A C    2 
ATOM 876  O O    . CYS A 1 43 ? -5.206  -1.295  5.278   1.00 0.00 ? 43 CYS A O    2 
ATOM 877  C CB   . CYS A 1 43 ? -2.817  -2.565  4.250   1.00 0.00 ? 43 CYS A CB   2 
ATOM 878  S SG   . CYS A 1 43 ? -1.502  -3.437  3.336   1.00 0.00 ? 43 CYS A SG   2 
ATOM 879  H H    . CYS A 1 43 ? -4.388  -4.444  2.647   1.00 0.00 ? 43 CYS A H    2 
ATOM 880  N N    . GLU A 1 44 ? -6.033  -3.311  5.839   1.00 0.00 ? 44 GLU A N    2 
ATOM 881  C CA   . GLU A 1 44 ? -7.099  -2.797  6.726   1.00 0.00 ? 44 GLU A CA   2 
ATOM 882  C C    . GLU A 1 44 ? -7.453  -3.671  7.946   1.00 0.00 ? 44 GLU A C    2 
ATOM 883  O O    . GLU A 1 44 ? -7.810  -3.151  8.995   1.00 0.00 ? 44 GLU A O    2 
ATOM 884  C CB   . GLU A 1 44 ? -8.367  -2.429  5.934   1.00 0.00 ? 44 GLU A CB   2 
ATOM 885  C CG   . GLU A 1 44 ? -9.254  -3.590  5.449   1.00 0.00 ? 44 GLU A CG   2 
ATOM 886  C CD   . GLU A 1 44 ? -8.731  -4.395  4.257   1.00 0.00 ? 44 GLU A CD   2 
ATOM 887  O OE1  . GLU A 1 44 ? -7.702  -5.095  4.398   1.00 0.00 ? 44 GLU A OE1  2 
ATOM 888  O OE2  . GLU A 1 44 ? -9.435  -4.384  3.224   1.00 0.00 ? 44 GLU A OE2  2 
ATOM 889  H H    . GLU A 1 44 ? -6.040  -4.290  5.605   1.00 0.00 ? 44 GLU A H    2 
ATOM 890  N N    . HIS A 1 45 ? -7.325  -4.992  7.806   1.00 0.00 ? 45 HIS A N    2 
ATOM 891  C CA   . HIS A 1 45 ? -7.834  -5.961  8.812   1.00 0.00 ? 45 HIS A CA   2 
ATOM 892  C C    . HIS A 1 45 ? -6.778  -6.092  9.910   1.00 0.00 ? 45 HIS A C    2 
ATOM 893  O O    . HIS A 1 45 ? -5.685  -6.593  9.650   1.00 0.00 ? 45 HIS A O    2 
ATOM 894  C CB   . HIS A 1 45 ? -8.058  -7.336  8.177   1.00 0.00 ? 45 HIS A CB   2 
ATOM 895  C CG   . HIS A 1 45 ? -8.990  -7.325  6.968   1.00 0.00 ? 45 HIS A CG   2 
ATOM 896  N ND1  . HIS A 1 45 ? -10.194 -6.770  6.850   1.00 0.00 ? 45 HIS A ND1  2 
ATOM 897  C CD2  . HIS A 1 45 ? -8.691  -7.922  5.832   1.00 0.00 ? 45 HIS A CD2  2 
ATOM 898  C CE1  . HIS A 1 45 ? -10.646 -7.032  5.635   1.00 0.00 ? 45 HIS A CE1  2 
ATOM 899  N NE2  . HIS A 1 45 ? -9.722  -7.744  5.004   1.00 0.00 ? 45 HIS A NE2  2 
ATOM 900  H H    . HIS A 1 45 ? -6.711  -5.405  7.134   1.00 0.00 ? 45 HIS A H    2 
ATOM 901  H HD1  . HIS A 1 45 ? -10.695 -6.298  7.573   1.00 0.00 ? 45 HIS A HD1  2 
ATOM 902  H HE2  . HIS A 1 45 ? -9.810  -8.120  4.082   1.00 0.00 ? 45 HIS A HE2  2 
ATOM 903  N N    . ALA A 1 46 ? -7.027  -5.482  11.060  1.00 0.00 ? 46 ALA A N    2 
ATOM 904  C CA   . ALA A 1 46 ? -6.005  -5.409  12.119  1.00 0.00 ? 46 ALA A CA   2 
ATOM 905  C C    . ALA A 1 46 ? -5.572  -6.764  12.717  1.00 0.00 ? 46 ALA A C    2 
ATOM 906  O O    . ALA A 1 46 ? -6.309  -7.451  13.431  1.00 0.00 ? 46 ALA A O    2 
ATOM 907  C CB   . ALA A 1 46 ? -6.381  -4.403  13.198  1.00 0.00 ? 46 ALA A CB   2 
ATOM 908  H H    . ALA A 1 46 ? -7.859  -4.966  11.219  1.00 0.00 ? 46 ALA A H    2 
ATOM 909  N N    . ASP A 1 47 ? -4.344  -7.095  12.351  1.00 0.00 ? 47 ASP A N    2 
ATOM 910  C CA   . ASP A 1 47 ? -3.616  -8.290  12.774  1.00 0.00 ? 47 ASP A CA   2 
ATOM 911  C C    . ASP A 1 47 ? -2.521  -7.777  13.740  1.00 0.00 ? 47 ASP A C    2 
ATOM 912  O O    . ASP A 1 47 ? -1.412  -7.458  13.311  1.00 0.00 ? 47 ASP A O    2 
ATOM 913  C CB   . ASP A 1 47 ? -2.968  -8.964  11.577  1.00 0.00 ? 47 ASP A CB   2 
ATOM 914  C CG   . ASP A 1 47 ? -2.538  -10.411 11.855  1.00 0.00 ? 47 ASP A CG   2 
ATOM 915  O OD1  . ASP A 1 47 ? -2.027  -10.668 12.966  1.00 0.00 ? 47 ASP A OD1  2 
ATOM 916  O OD2  . ASP A 1 47 ? -2.758  -11.240 10.943  1.00 0.00 ? 47 ASP A OD2  2 
ATOM 917  H H    . ASP A 1 47 ? -3.801  -6.412  11.861  1.00 0.00 ? 47 ASP A H    2 
ATOM 918  N N    . LEU A 1 48 ? -2.883  -7.661  15.014  1.00 0.00 ? 48 LEU A N    2 
ATOM 919  C CA   . LEU A 1 48 ? -2.268  -6.684  15.950  1.00 0.00 ? 48 LEU A CA   2 
ATOM 920  C C    . LEU A 1 48 ? -0.844  -6.976  16.480  1.00 0.00 ? 48 LEU A C    2 
ATOM 921  O O    . LEU A 1 48 ? -0.551  -6.898  17.663  1.00 0.00 ? 48 LEU A O    2 
ATOM 922  C CB   . LEU A 1 48 ? -3.259  -6.362  17.075  1.00 0.00 ? 48 LEU A CB   2 
ATOM 923  C CG   . LEU A 1 48 ? -4.416  -5.492  16.555  1.00 0.00 ? 48 LEU A CG   2 
ATOM 924  C CD1  . LEU A 1 48 ? -5.570  -5.484  17.560  1.00 0.00 ? 48 LEU A CD1  2 
ATOM 925  C CD2  . LEU A 1 48 ? -3.957  -4.061  16.235  1.00 0.00 ? 48 LEU A CD2  2 
ATOM 926  H H    . LEU A 1 48 ? -3.639  -8.188  15.391  1.00 0.00 ? 48 LEU A H    2 
ATOM 927  N N    . LEU A 1 49 ? 0.076   -6.978  15.521  1.00 0.00 ? 49 LEU A N    2 
ATOM 928  C CA   . LEU A 1 49 ? 1.533   -6.934  15.717  1.00 0.00 ? 49 LEU A CA   2 
ATOM 929  C C    . LEU A 1 49 ? 2.026   -5.472  15.855  1.00 0.00 ? 49 LEU A C    2 
ATOM 930  O O    . LEU A 1 49 ? 2.999   -5.024  15.255  1.00 0.00 ? 49 LEU A O    2 
ATOM 931  C CB   . LEU A 1 49 ? 2.251   -7.648  14.554  1.00 0.00 ? 49 LEU A CB   2 
ATOM 932  C CG   . LEU A 1 49 ? 2.237   -9.191  14.586  1.00 0.00 ? 49 LEU A CG   2 
ATOM 933  C CD1  . LEU A 1 49 ? 2.894   -9.745  15.848  1.00 0.00 ? 49 LEU A CD1  2 
ATOM 934  C CD2  . LEU A 1 49 ? 0.838   -9.794  14.368  1.00 0.00 ? 49 LEU A CD2  2 
ATOM 935  H H    . LEU A 1 49 ? -0.219  -7.059  14.565  1.00 0.00 ? 49 LEU A H    2 
ATOM 936  N N    . ALA A 1 50 ? 1.284   -4.730  16.681  1.00 0.00 ? 50 ALA A N    2 
ATOM 937  C CA   . ALA A 1 50 ? 1.460   -3.279  16.891  1.00 0.00 ? 50 ALA A CA   2 
ATOM 938  C C    . ALA A 1 50 ? 2.810   -2.875  17.513  1.00 0.00 ? 50 ALA A C    2 
ATOM 939  O O    . ALA A 1 50 ? 3.314   -1.794  17.143  1.00 0.00 ? 50 ALA A O    2 
ATOM 940  C CB   . ALA A 1 50 ? 0.309   -2.766  17.759  1.00 0.00 ? 50 ALA A CB   2 
ATOM 941  O OXT  . ALA A 1 50 ? 3.298   -3.655  18.371  1.00 0.00 ? 50 ALA A OXT  2 
ATOM 942  H H    . ALA A 1 50 ? 0.551   -5.167  17.201  1.00 0.00 ? 50 ALA A H    2 
ATOM 943  N N    . VAL A 1 1  ? 15.754  1.822   -8.043  1.00 0.00 ? 1  VAL A N    3 
ATOM 944  C CA   . VAL A 1 1  ? 15.169  2.940   -8.824  1.00 0.00 ? 1  VAL A CA   3 
ATOM 945  C C    . VAL A 1 1  ? 13.811  3.430   -8.264  1.00 0.00 ? 1  VAL A C    3 
ATOM 946  O O    . VAL A 1 1  ? 12.752  3.288   -8.873  1.00 0.00 ? 1  VAL A O    3 
ATOM 947  C CB   . VAL A 1 1  ? 15.103  2.640   -10.335 1.00 0.00 ? 1  VAL A CB   3 
ATOM 948  C CG1  . VAL A 1 1  ? 16.492  2.755   -10.965 1.00 0.00 ? 1  VAL A CG1  3 
ATOM 949  C CG2  . VAL A 1 1  ? 14.443  1.293   -10.685 1.00 0.00 ? 1  VAL A CG2  3 
ATOM 950  H H1   . VAL A 1 1  ? 15.102  1.512   -7.355  1.00 0.00 ? 1  VAL A H1   3 
ATOM 951  H H2   . VAL A 1 1  ? 15.956  1.053   -8.658  1.00 0.00 ? 1  VAL A H2   3 
ATOM 952  H H3   . VAL A 1 1  ? 16.598  2.128   -7.597  1.00 0.00 ? 1  VAL A H3   3 
ATOM 953  N N    . VAL A 1 2  ? 13.935  4.208   -7.194  1.00 0.00 ? 2  VAL A N    3 
ATOM 954  C CA   . VAL A 1 2  ? 12.815  4.630   -6.303  1.00 0.00 ? 2  VAL A CA   3 
ATOM 955  C C    . VAL A 1 2  ? 11.600  5.193   -7.075  1.00 0.00 ? 2  VAL A C    3 
ATOM 956  O O    . VAL A 1 2  ? 10.494  4.714   -6.867  1.00 0.00 ? 2  VAL A O    3 
ATOM 957  C CB   . VAL A 1 2  ? 13.304  5.606   -5.216  1.00 0.00 ? 2  VAL A CB   3 
ATOM 958  C CG1  . VAL A 1 2  ? 12.193  5.994   -4.230  1.00 0.00 ? 2  VAL A CG1  3 
ATOM 959  C CG2  . VAL A 1 2  ? 14.446  4.993   -4.388  1.00 0.00 ? 2  VAL A CG2  3 
ATOM 960  H H    . VAL A 1 2  ? 14.842  4.475   -6.865  1.00 0.00 ? 2  VAL A H    3 
ATOM 961  N N    . SER A 1 3  ? 11.866  6.064   -8.056  1.00 0.00 ? 3  SER A N    3 
ATOM 962  C CA   . SER A 1 3  ? 10.822  6.683   -8.914  1.00 0.00 ? 3  SER A CA   3 
ATOM 963  C C    . SER A 1 3  ? 9.805   5.698   -9.509  1.00 0.00 ? 3  SER A C    3 
ATOM 964  O O    . SER A 1 3  ? 8.606   5.930   -9.386  1.00 0.00 ? 3  SER A O    3 
ATOM 965  C CB   . SER A 1 3  ? 11.497  7.483   -10.038 1.00 0.00 ? 3  SER A CB   3 
ATOM 966  O OG   . SER A 1 3  ? 10.523  8.067   -10.899 1.00 0.00 ? 3  SER A OG   3 
ATOM 967  H H    . SER A 1 3  ? 12.799  6.340   -8.248  1.00 0.00 ? 3  SER A H    3 
ATOM 968  H HG   . SER A 1 3  ? 9.807   8.521   -10.359 1.00 0.00 ? 3  SER A HG   3 
ATOM 969  N N    . HIS A 1 4  ? 10.288  4.542   -9.960  1.00 0.00 ? 4  HIS A N    3 
ATOM 970  C CA   . HIS A 1 4  ? 9.462   3.462   -10.548 1.00 0.00 ? 4  HIS A CA   3 
ATOM 971  C C    . HIS A 1 4  ? 8.483   2.785   -9.568  1.00 0.00 ? 4  HIS A C    3 
ATOM 972  O O    . HIS A 1 4  ? 7.499   2.188   -10.010 1.00 0.00 ? 4  HIS A O    3 
ATOM 973  C CB   . HIS A 1 4  ? 10.380  2.411   -11.186 1.00 0.00 ? 4  HIS A CB   3 
ATOM 974  C CG   . HIS A 1 4  ? 10.936  2.929   -12.513 1.00 0.00 ? 4  HIS A CG   3 
ATOM 975  N ND1  . HIS A 1 4  ? 10.287  2.877   -13.678 1.00 0.00 ? 4  HIS A ND1  3 
ATOM 976  C CD2  . HIS A 1 4  ? 12.086  3.554   -12.715 1.00 0.00 ? 4  HIS A CD2  3 
ATOM 977  C CE1  . HIS A 1 4  ? 11.039  3.465   -14.603 1.00 0.00 ? 4  HIS A CE1  3 
ATOM 978  N NE2  . HIS A 1 4  ? 12.149  3.884   -14.000 1.00 0.00 ? 4  HIS A NE2  3 
ATOM 979  H H    . HIS A 1 4  ? 11.270  4.315   -9.894  1.00 0.00 ? 4  HIS A H    3 
ATOM 980  H HD1  . HIS A 1 4  ? 9.363   2.503   -13.803 1.00 0.00 ? 4  HIS A HD1  3 
ATOM 981  H HE2  . HIS A 1 4  ? 12.894  4.372   -14.446 1.00 0.00 ? 4  HIS A HE2  3 
ATOM 982  N N    . PHE A 1 5  ? 8.803   2.864   -8.287  1.00 0.00 ? 5  PHE A N    3 
ATOM 983  C CA   . PHE A 1 5  ? 7.990   2.337   -7.168  1.00 0.00 ? 5  PHE A CA   3 
ATOM 984  C C    . PHE A 1 5  ? 7.896   3.371   -6.022  1.00 0.00 ? 5  PHE A C    3 
ATOM 985  O O    . PHE A 1 5  ? 8.250   3.115   -4.871  1.00 0.00 ? 5  PHE A O    3 
ATOM 986  C CB   . PHE A 1 5  ? 8.545   0.968   -6.710  1.00 0.00 ? 5  PHE A CB   3 
ATOM 987  C CG   . PHE A 1 5  ? 10.064  0.904   -6.492  1.00 0.00 ? 5  PHE A CG   3 
ATOM 988  C CD1  . PHE A 1 5  ? 10.612  1.167   -5.212  1.00 0.00 ? 5  PHE A CD1  3 
ATOM 989  C CD2  . PHE A 1 5  ? 10.898  0.479   -7.556  1.00 0.00 ? 5  PHE A CD2  3 
ATOM 990  C CE1  . PHE A 1 5  ? 11.994  1.002   -4.995  1.00 0.00 ? 5  PHE A CE1  3 
ATOM 991  C CE2  . PHE A 1 5  ? 12.279  0.314   -7.340  1.00 0.00 ? 5  PHE A CE2  3 
ATOM 992  C CZ   . PHE A 1 5  ? 12.816  0.567   -6.058  1.00 0.00 ? 5  PHE A CZ   3 
ATOM 993  H H    . PHE A 1 5  ? 9.606   3.377   -7.989  1.00 0.00 ? 5  PHE A H    3 
ATOM 994  N N    . ASN A 1 6  ? 7.386   4.547   -6.377  1.00 0.00 ? 6  ASN A N    3 
ATOM 995  C CA   . ASN A 1 6  ? 7.510   5.742   -5.513  1.00 0.00 ? 6  ASN A CA   3 
ATOM 996  C C    . ASN A 1 6  ? 6.525   5.742   -4.332  1.00 0.00 ? 6  ASN A C    3 
ATOM 997  O O    . ASN A 1 6  ? 5.337   5.482   -4.493  1.00 0.00 ? 6  ASN A O    3 
ATOM 998  C CB   . ASN A 1 6  ? 7.377   7.017   -6.338  1.00 0.00 ? 6  ASN A CB   3 
ATOM 999  C CG   . ASN A 1 6  ? 6.051   7.137   -7.091  1.00 0.00 ? 6  ASN A CG   3 
ATOM 1000 O OD1  . ASN A 1 6  ? 5.027   7.585   -6.581  1.00 0.00 ? 6  ASN A OD1  3 
ATOM 1001 N ND2  . ASN A 1 6  ? 6.049   6.735   -8.336  1.00 0.00 ? 6  ASN A ND2  3 
ATOM 1002 H H    . ASN A 1 6  ? 6.850   4.673   -7.206  1.00 0.00 ? 6  ASN A H    3 
ATOM 1003 H HD21 . ASN A 1 6  ? 6.890   6.443   -8.802  1.00 0.00 ? 6  ASN A HD21 3 
ATOM 1004 H HD22 . ASN A 1 6  ? 5.174   6.766   -8.809  1.00 0.00 ? 6  ASN A HD22 3 
ATOM 1005 N N    . ASP A 1 7  ? 7.082   6.014   -3.159  1.00 0.00 ? 7  ASP A N    3 
ATOM 1006 C CA   . ASP A 1 7  ? 6.332   6.208   -1.889  1.00 0.00 ? 7  ASP A CA   3 
ATOM 1007 C C    . ASP A 1 7  ? 5.177   7.205   -2.086  1.00 0.00 ? 7  ASP A C    3 
ATOM 1008 O O    . ASP A 1 7  ? 5.403   8.408   -2.255  1.00 0.00 ? 7  ASP A O    3 
ATOM 1009 C CB   . ASP A 1 7  ? 7.259   6.713   -0.774  1.00 0.00 ? 7  ASP A CB   3 
ATOM 1010 C CG   . ASP A 1 7  ? 8.367   5.754   -0.316  1.00 0.00 ? 7  ASP A CG   3 
ATOM 1011 O OD1  . ASP A 1 7  ? 8.910   5.017   -1.179  1.00 0.00 ? 7  ASP A OD1  3 
ATOM 1012 O OD2  . ASP A 1 7  ? 8.771   5.899   0.858   1.00 0.00 ? 7  ASP A OD2  3 
ATOM 1013 H H    . ASP A 1 7  ? 8.072   5.984   -3.065  1.00 0.00 ? 7  ASP A H    3 
ATOM 1014 N N    . CYS A 1 8  ? 3.963   6.663   -2.105  1.00 0.00 ? 8  CYS A N    3 
ATOM 1015 C CA   . CYS A 1 8  ? 2.734   7.331   -2.574  1.00 0.00 ? 8  CYS A CA   3 
ATOM 1016 C C    . CYS A 1 8  ? 2.512   8.755   -2.006  1.00 0.00 ? 8  CYS A C    3 
ATOM 1017 O O    . CYS A 1 8  ? 2.402   8.933   -0.800  1.00 0.00 ? 8  CYS A O    3 
ATOM 1018 C CB   . CYS A 1 8  ? 1.521   6.474   -2.219  1.00 0.00 ? 8  CYS A CB   3 
ATOM 1019 S SG   . CYS A 1 8  ? 1.173   5.054   -3.313  1.00 0.00 ? 8  CYS A SG   3 
ATOM 1020 H H    . CYS A 1 8  ? 3.826   5.715   -1.792  1.00 0.00 ? 8  CYS A H    3 
ATOM 1021 N N    . PRO A 1 9  ? 2.407   9.745   -2.902  1.00 0.00 ? 9  PRO A N    3 
ATOM 1022 C CA   . PRO A 1 9  ? 1.723   11.014  -2.587  1.00 0.00 ? 9  PRO A CA   3 
ATOM 1023 C C    . PRO A 1 9  ? 0.207   10.753  -2.688  1.00 0.00 ? 9  PRO A C    3 
ATOM 1024 O O    . PRO A 1 9  ? -0.391  10.860  -3.756  1.00 0.00 ? 9  PRO A O    3 
ATOM 1025 C CB   . PRO A 1 9  ? 2.198   11.995  -3.655  1.00 0.00 ? 9  PRO A CB   3 
ATOM 1026 C CG   . PRO A 1 9  ? 3.477   11.371  -4.215  1.00 0.00 ? 9  PRO A CG   3 
ATOM 1027 C CD   . PRO A 1 9  ? 3.198   9.870   -4.142  1.00 0.00 ? 9  PRO A CD   3 
ATOM 1028 N N    . ASP A 1 10 ? -0.334  10.199  -1.592  1.00 0.00 ? 10 ASP A N    3 
ATOM 1029 C CA   . ASP A 1 10 ? -1.667  9.562   -1.557  1.00 0.00 ? 10 ASP A CA   3 
ATOM 1030 C C    . ASP A 1 10 ? -2.875  10.456  -1.907  1.00 0.00 ? 10 ASP A C    3 
ATOM 1031 O O    . ASP A 1 10 ? -3.227  11.373  -1.164  1.00 0.00 ? 10 ASP A O    3 
ATOM 1032 C CB   . ASP A 1 10 ? -1.919  8.885   -0.211  1.00 0.00 ? 10 ASP A CB   3 
ATOM 1033 C CG   . ASP A 1 10 ? -1.097  7.618   0.028   1.00 0.00 ? 10 ASP A CG   3 
ATOM 1034 O OD1  . ASP A 1 10 ? 0.084   7.779   0.391   1.00 0.00 ? 10 ASP A OD1  3 
ATOM 1035 O OD2  . ASP A 1 10 ? -1.700  6.526   -0.044  1.00 0.00 ? 10 ASP A OD2  3 
ATOM 1036 H H    . ASP A 1 10 ? 0.195   10.145  -0.748  1.00 0.00 ? 10 ASP A H    3 
ATOM 1037 N N    . SER A 1 11 ? -3.393  10.211  -3.104  1.00 0.00 ? 11 SER A N    3 
ATOM 1038 C CA   . SER A 1 11 ? -4.716  10.654  -3.627  1.00 0.00 ? 11 SER A CA   3 
ATOM 1039 C C    . SER A 1 11 ? -5.018  9.898   -4.924  1.00 0.00 ? 11 SER A C    3 
ATOM 1040 O O    . SER A 1 11 ? -4.329  10.108  -5.923  1.00 0.00 ? 11 SER A O    3 
ATOM 1041 C CB   . SER A 1 11 ? -4.775  12.160  -3.894  1.00 0.00 ? 11 SER A CB   3 
ATOM 1042 O OG   . SER A 1 11 ? -4.815  12.880  -2.666  1.00 0.00 ? 11 SER A OG   3 
ATOM 1043 H H    . SER A 1 11 ? -2.824  9.747   -3.798  1.00 0.00 ? 11 SER A H    3 
ATOM 1044 H HG   . SER A 1 11 ? -4.194  12.428  -2.004  1.00 0.00 ? 11 SER A HG   3 
ATOM 1045 N N    . HIS A 1 12 ? -5.873  8.887   -4.801  1.00 0.00 ? 12 HIS A N    3 
ATOM 1046 C CA   . HIS A 1 12 ? -6.057  7.761   -5.770  1.00 0.00 ? 12 HIS A CA   3 
ATOM 1047 C C    . HIS A 1 12 ? -4.865  6.785   -5.788  1.00 0.00 ? 12 HIS A C    3 
ATOM 1048 O O    . HIS A 1 12 ? -5.059  5.568   -5.760  1.00 0.00 ? 12 HIS A O    3 
ATOM 1049 C CB   . HIS A 1 12 ? -6.432  8.266   -7.181  1.00 0.00 ? 12 HIS A CB   3 
ATOM 1050 C CG   . HIS A 1 12 ? -6.595  7.173   -8.240  1.00 0.00 ? 12 HIS A CG   3 
ATOM 1051 N ND1  . HIS A 1 12 ? -6.134  7.252   -9.492  1.00 0.00 ? 12 HIS A ND1  3 
ATOM 1052 C CD2  . HIS A 1 12 ? -7.222  6.006   -8.125  1.00 0.00 ? 12 HIS A CD2  3 
ATOM 1053 C CE1  . HIS A 1 12 ? -6.469  6.145   -10.142 1.00 0.00 ? 12 HIS A CE1  3 
ATOM 1054 N NE2  . HIS A 1 12 ? -7.148  5.379   -9.299  1.00 0.00 ? 12 HIS A NE2  3 
ATOM 1055 H H    . HIS A 1 12 ? -6.452  8.817   -3.989  1.00 0.00 ? 12 HIS A H    3 
ATOM 1056 H HD1  . HIS A 1 12 ? -5.619  8.014   -9.876  1.00 0.00 ? 12 HIS A HD1  3 
ATOM 1057 H HE2  . HIS A 1 12 ? -7.503  4.460   -9.491  1.00 0.00 ? 12 HIS A HE2  3 
ATOM 1058 N N    . THR A 1 13 ? -3.662  7.338   -5.692  1.00 0.00 ? 13 THR A N    3 
ATOM 1059 C CA   . THR A 1 13 ? -2.410  6.688   -5.225  1.00 0.00 ? 13 THR A CA   3 
ATOM 1060 C C    . THR A 1 13 ? -2.502  6.215   -3.761  1.00 0.00 ? 13 THR A C    3 
ATOM 1061 O O    . THR A 1 13 ? -1.751  6.629   -2.883  1.00 0.00 ? 13 THR A O    3 
ATOM 1062 C CB   . THR A 1 13 ? -1.249  7.690   -5.352  1.00 0.00 ? 13 THR A CB   3 
ATOM 1063 O OG1  . THR A 1 13 ? -1.731  8.979   -4.958  1.00 0.00 ? 13 THR A OG1  3 
ATOM 1064 C CG2  . THR A 1 13 ? -0.668  7.732   -6.759  1.00 0.00 ? 13 THR A CG2  3 
ATOM 1065 H H    . THR A 1 13 ? -3.541  8.306   -5.928  1.00 0.00 ? 13 THR A H    3 
ATOM 1066 H HG1  . THR A 1 13 ? -0.955  9.619   -4.808  1.00 0.00 ? 13 THR A HG1  3 
ATOM 1067 N N    . GLN A 1 14 ? -3.521  5.404   -3.520  1.00 0.00 ? 14 GLN A N    3 
ATOM 1068 C CA   . GLN A 1 14 ? -3.927  4.898   -2.197  1.00 0.00 ? 14 GLN A CA   3 
ATOM 1069 C C    . GLN A 1 14 ? -4.005  3.370   -2.146  1.00 0.00 ? 14 GLN A C    3 
ATOM 1070 O O    . GLN A 1 14 ? -3.059  2.714   -1.709  1.00 0.00 ? 14 GLN A O    3 
ATOM 1071 C CB   . GLN A 1 14 ? -5.250  5.565   -1.769  1.00 0.00 ? 14 GLN A CB   3 
ATOM 1072 C CG   . GLN A 1 14 ? -5.073  7.049   -1.461  1.00 0.00 ? 14 GLN A CG   3 
ATOM 1073 C CD   . GLN A 1 14 ? -6.414  7.766   -1.302  1.00 0.00 ? 14 GLN A CD   3 
ATOM 1074 O OE1  . GLN A 1 14 ? -6.966  8.319   -2.238  1.00 0.00 ? 14 GLN A OE1  3 
ATOM 1075 N NE2  . GLN A 1 14 ? -6.953  7.762   -0.098  1.00 0.00 ? 14 GLN A NE2  3 
ATOM 1076 H H    . GLN A 1 14 ? -4.129  5.157   -4.282  1.00 0.00 ? 14 GLN A H    3 
ATOM 1077 H HE21 . GLN A 1 14 ? -6.526  7.274   0.656   1.00 0.00 ? 14 GLN A HE21 3 
ATOM 1078 H HE22 . GLN A 1 14 ? -7.816  8.242   0.000   1.00 0.00 ? 14 GLN A HE22 3 
ATOM 1079 N N    . PHE A 1 15 ? -5.033  2.844   -2.816  1.00 0.00 ? 15 PHE A N    3 
ATOM 1080 C CA   . PHE A 1 15 ? -5.409  1.406   -2.904  1.00 0.00 ? 15 PHE A CA   3 
ATOM 1081 C C    . PHE A 1 15 ? -5.555  0.606   -1.591  1.00 0.00 ? 15 PHE A C    3 
ATOM 1082 O O    . PHE A 1 15 ? -6.297  -0.379  -1.543  1.00 0.00 ? 15 PHE A O    3 
ATOM 1083 C CB   . PHE A 1 15 ? -4.457  0.833   -3.948  1.00 0.00 ? 15 PHE A CB   3 
ATOM 1084 C CG   . PHE A 1 15 ? -4.243  -0.679  -4.045  1.00 0.00 ? 15 PHE A CG   3 
ATOM 1085 C CD1  . PHE A 1 15 ? -3.286  -1.278  -3.203  1.00 0.00 ? 15 PHE A CD1  3 
ATOM 1086 C CD2  . PHE A 1 15 ? -4.733  -1.371  -5.176  1.00 0.00 ? 15 PHE A CD2  3 
ATOM 1087 C CE1  . PHE A 1 15 ? -2.791  -2.572  -3.483  1.00 0.00 ? 15 PHE A CE1  3 
ATOM 1088 C CE2  . PHE A 1 15 ? -4.244  -2.659  -5.471  1.00 0.00 ? 15 PHE A CE2  3 
ATOM 1089 C CZ   . PHE A 1 15 ? -3.270  -3.244  -4.622  1.00 0.00 ? 15 PHE A CZ   3 
ATOM 1090 H H    . PHE A 1 15 ? -5.455  3.390   -3.526  1.00 0.00 ? 15 PHE A H    3 
ATOM 1091 N N    . CYS A 1 16 ? -4.859  1.043   -0.544  1.00 0.00 ? 16 CYS A N    3 
ATOM 1092 C CA   . CYS A 1 16 ? -5.022  0.548   0.832   1.00 0.00 ? 16 CYS A CA   3 
ATOM 1093 C C    . CYS A 1 16 ? -5.500  1.621   1.831   1.00 0.00 ? 16 CYS A C    3 
ATOM 1094 O O    . CYS A 1 16 ? -5.581  2.804   1.504   1.00 0.00 ? 16 CYS A O    3 
ATOM 1095 C CB   . CYS A 1 16 ? -3.696  -0.032  1.332   1.00 0.00 ? 16 CYS A CB   3 
ATOM 1096 S SG   . CYS A 1 16 ? -3.113  -1.418  0.292   1.00 0.00 ? 16 CYS A SG   3 
ATOM 1097 H H    . CYS A 1 16 ? -4.101  1.695   -0.680  1.00 0.00 ? 16 CYS A H    3 
ATOM 1098 N N    . PHE A 1 17 ? -5.932  1.116   2.976   1.00 0.00 ? 17 PHE A N    3 
ATOM 1099 C CA   . PHE A 1 17 ? -6.274  1.908   4.173   1.00 0.00 ? 17 PHE A CA   3 
ATOM 1100 C C    . PHE A 1 17 ? -5.017  2.146   5.026   1.00 0.00 ? 17 PHE A C    3 
ATOM 1101 O O    . PHE A 1 17 ? -4.284  3.108   4.802   1.00 0.00 ? 17 PHE A O    3 
ATOM 1102 C CB   . PHE A 1 17 ? -7.395  1.208   4.958   1.00 0.00 ? 17 PHE A CB   3 
ATOM 1103 C CG   . PHE A 1 17 ? -8.708  1.122   4.162   1.00 0.00 ? 17 PHE A CG   3 
ATOM 1104 C CD1  . PHE A 1 17 ? -8.952  0.002   3.335   1.00 0.00 ? 17 PHE A CD1  3 
ATOM 1105 C CD2  . PHE A 1 17 ? -9.684  2.135   4.329   1.00 0.00 ? 17 PHE A CD2  3 
ATOM 1106 C CE1  . PHE A 1 17 ? -10.187 -0.103  2.654   1.00 0.00 ? 17 PHE A CE1  3 
ATOM 1107 C CE2  . PHE A 1 17 ? -10.923 2.026   3.655   1.00 0.00 ? 17 PHE A CE2  3 
ATOM 1108 C CZ   . PHE A 1 17 ? -11.169 0.907   2.828   1.00 0.00 ? 17 PHE A CZ   3 
ATOM 1109 H H    . PHE A 1 17 ? -6.055  0.123   3.080   1.00 0.00 ? 17 PHE A H    3 
ATOM 1110 N N    . HIS A 1 18 ? -4.625  1.120   5.785   1.00 0.00 ? 18 HIS A N    3 
ATOM 1111 C CA   . HIS A 1 18 ? -3.432  1.151   6.667   1.00 0.00 ? 18 HIS A CA   3 
ATOM 1112 C C    . HIS A 1 18 ? -2.274  0.435   5.962   1.00 0.00 ? 18 HIS A C    3 
ATOM 1113 O O    . HIS A 1 18 ? -1.669  -0.518  6.464   1.00 0.00 ? 18 HIS A O    3 
ATOM 1114 C CB   . HIS A 1 18 ? -3.823  0.494   7.998   1.00 0.00 ? 18 HIS A CB   3 
ATOM 1115 C CG   . HIS A 1 18 ? -5.095  1.079   8.627   1.00 0.00 ? 18 HIS A CG   3 
ATOM 1116 N ND1  . HIS A 1 18 ? -5.172  2.154   9.406   1.00 0.00 ? 18 HIS A ND1  3 
ATOM 1117 C CD2  . HIS A 1 18 ? -6.311  0.566   8.526   1.00 0.00 ? 18 HIS A CD2  3 
ATOM 1118 C CE1  . HIS A 1 18 ? -6.434  2.291   9.809   1.00 0.00 ? 18 HIS A CE1  3 
ATOM 1119 N NE2  . HIS A 1 18 ? -7.139  1.303   9.259   1.00 0.00 ? 18 HIS A NE2  3 
ATOM 1120 H H    . HIS A 1 18 ? -5.132  0.245   5.805   1.00 0.00 ? 18 HIS A H    3 
ATOM 1121 H HD1  . HIS A 1 18 ? -4.420  2.783   9.614   1.00 0.00 ? 18 HIS A HD1  3 
ATOM 1122 H HE2  . HIS A 1 18 ? -8.116  1.148   9.354   1.00 0.00 ? 18 HIS A HE2  3 
ATOM 1123 N N    . GLY A 1 19 ? -1.994  0.974   4.787   1.00 0.00 ? 19 GLY A N    3 
ATOM 1124 C CA   . GLY A 1 19 ? -1.012  0.432   3.846   1.00 0.00 ? 19 GLY A CA   3 
ATOM 1125 C C    . GLY A 1 19 ? -0.366  1.536   3.013   1.00 0.00 ? 19 GLY A C    3 
ATOM 1126 O O    . GLY A 1 19 ? -0.925  1.979   2.009   1.00 0.00 ? 19 GLY A O    3 
ATOM 1127 H H    . GLY A 1 19 ? -2.484  1.794   4.483   1.00 0.00 ? 19 GLY A H    3 
ATOM 1128 N N    . THR A 1 20 ? 0.812   1.915   3.461   1.00 0.00 ? 20 THR A N    3 
ATOM 1129 C CA   . THR A 1 20 ? 1.629   2.994   2.876   1.00 0.00 ? 20 THR A CA   3 
ATOM 1130 C C    . THR A 1 20 ? 2.203   2.548   1.520   1.00 0.00 ? 20 THR A C    3 
ATOM 1131 O O    . THR A 1 20 ? 3.109   1.717   1.464   1.00 0.00 ? 20 THR A O    3 
ATOM 1132 C CB   . THR A 1 20 ? 2.741   3.361   3.853   1.00 0.00 ? 20 THR A CB   3 
ATOM 1133 O OG1  . THR A 1 20 ? 3.335   2.221   4.458   1.00 0.00 ? 20 THR A OG1  3 
ATOM 1134 C CG2  . THR A 1 20 ? 2.173   4.324   4.921   1.00 0.00 ? 20 THR A CG2  3 
ATOM 1135 H H    . THR A 1 20 ? 1.314   1.378   4.156   1.00 0.00 ? 20 THR A H    3 
ATOM 1136 H HG1  . THR A 1 20 ? 3.893   1.736   3.774   1.00 0.00 ? 20 THR A HG1  3 
ATOM 1137 N N    . CYS A 1 21 ? 1.467   2.918   0.484   1.00 0.00 ? 21 CYS A N    3 
ATOM 1138 C CA   . CYS A 1 21 ? 1.720   2.397   -0.868  1.00 0.00 ? 21 CYS A CA   3 
ATOM 1139 C C    . CYS A 1 21 ? 2.950   2.971   -1.577  1.00 0.00 ? 21 CYS A C    3 
ATOM 1140 O O    . CYS A 1 21 ? 3.459   4.042   -1.253  1.00 0.00 ? 21 CYS A O    3 
ATOM 1141 C CB   . CYS A 1 21 ? 0.469   2.434   -1.762  1.00 0.00 ? 21 CYS A CB   3 
ATOM 1142 S SG   . CYS A 1 21 ? -0.236  4.053   -2.230  1.00 0.00 ? 21 CYS A SG   3 
ATOM 1143 H H    . CYS A 1 21 ? 0.633   3.459   0.604   1.00 0.00 ? 21 CYS A H    3 
ATOM 1144 N N    . ARG A 1 22 ? 3.502   2.106   -2.414  1.00 0.00 ? 22 ARG A N    3 
ATOM 1145 C CA   . ARG A 1 22 ? 4.511   2.465   -3.426  1.00 0.00 ? 22 ARG A CA   3 
ATOM 1146 C C    . ARG A 1 22 ? 3.895   2.304   -4.829  1.00 0.00 ? 22 ARG A C    3 
ATOM 1147 O O    . ARG A 1 22 ? 3.235   1.310   -5.137  1.00 0.00 ? 22 ARG A O    3 
ATOM 1148 C CB   . ARG A 1 22 ? 5.773   1.604   -3.285  1.00 0.00 ? 22 ARG A CB   3 
ATOM 1149 C CG   . ARG A 1 22 ? 6.696   2.057   -2.144  1.00 0.00 ? 22 ARG A CG   3 
ATOM 1150 C CD   . ARG A 1 22 ? 6.148   1.714   -0.757  1.00 0.00 ? 22 ARG A CD   3 
ATOM 1151 N NE   . ARG A 1 22 ? 6.982   2.293   0.308   1.00 0.00 ? 22 ARG A NE   3 
ATOM 1152 C CZ   . ARG A 1 22 ? 6.624   3.254   1.160   1.00 0.00 ? 22 ARG A CZ   3 
ATOM 1153 N NH1  . ARG A 1 22 ? 5.471   3.901   1.069   1.00 0.00 ? 22 ARG A NH1  3 
ATOM 1154 N NH2  . ARG A 1 22 ? 7.382   3.503   2.219   1.00 0.00 ? 22 ARG A NH2  3 
ATOM 1155 H H    . ARG A 1 22 ? 3.298   1.123   -2.353  1.00 0.00 ? 22 ARG A H    3 
ATOM 1156 H HE   . ARG A 1 22 ? 7.914   1.930   0.366   1.00 0.00 ? 22 ARG A HE   3 
ATOM 1157 H HH11 . ARG A 1 22 ? 4.835   3.661   0.343   1.00 0.00 ? 22 ARG A HH11 3 
ATOM 1158 H HH12 . ARG A 1 22 ? 5.243   4.616   1.732   1.00 0.00 ? 22 ARG A HH12 3 
ATOM 1159 H HH21 . ARG A 1 22 ? 8.205   2.967   2.382   1.00 0.00 ? 22 ARG A HH21 3 
ATOM 1160 H HH22 . ARG A 1 22 ? 7.119   4.227   2.859   1.00 0.00 ? 22 ARG A HH22 3 
ATOM 1161 N N    . PHE A 1 23 ? 3.924   3.423   -5.541  1.00 0.00 ? 23 PHE A N    3 
ATOM 1162 C CA   . PHE A 1 23 ? 3.303   3.565   -6.861  1.00 0.00 ? 23 PHE A CA   3 
ATOM 1163 C C    . PHE A 1 23 ? 4.230   3.065   -7.983  1.00 0.00 ? 23 PHE A C    3 
ATOM 1164 O O    . PHE A 1 23 ? 5.222   3.693   -8.354  1.00 0.00 ? 23 PHE A O    3 
ATOM 1165 C CB   . PHE A 1 23 ? 2.854   5.011   -7.074  1.00 0.00 ? 23 PHE A CB   3 
ATOM 1166 C CG   . PHE A 1 23 ? 2.054   5.198   -8.360  1.00 0.00 ? 23 PHE A CG   3 
ATOM 1167 C CD1  . PHE A 1 23 ? 0.771   4.620   -8.488  1.00 0.00 ? 23 PHE A CD1  3 
ATOM 1168 C CD2  . PHE A 1 23 ? 2.633   5.932   -9.425  1.00 0.00 ? 23 PHE A CD2  3 
ATOM 1169 C CE1  . PHE A 1 23 ? 0.048   4.784   -9.688  1.00 0.00 ? 23 PHE A CE1  3 
ATOM 1170 C CE2  . PHE A 1 23 ? 1.916   6.089   -10.624 1.00 0.00 ? 23 PHE A CE2  3 
ATOM 1171 C CZ   . PHE A 1 23 ? 0.626   5.518   -10.753 1.00 0.00 ? 23 PHE A CZ   3 
ATOM 1172 H H    . PHE A 1 23 ? 4.375   4.253   -5.185  1.00 0.00 ? 23 PHE A H    3 
ATOM 1173 N N    . LEU A 1 24 ? 3.859   1.894   -8.476  1.00 0.00 ? 24 LEU A N    3 
ATOM 1174 C CA   . LEU A 1 24 ? 4.488   1.221   -9.618  1.00 0.00 ? 24 LEU A CA   3 
ATOM 1175 C C    . LEU A 1 24 ? 4.059   1.895   -10.924 1.00 0.00 ? 24 LEU A C    3 
ATOM 1176 O O    . LEU A 1 24 ? 3.045   1.548   -11.528 1.00 0.00 ? 24 LEU A O    3 
ATOM 1177 C CB   . LEU A 1 24 ? 4.126   -0.274  -9.630  1.00 0.00 ? 24 LEU A CB   3 
ATOM 1178 C CG   . LEU A 1 24 ? 4.856   -1.190  -8.623  1.00 0.00 ? 24 LEU A CG   3 
ATOM 1179 C CD1  . LEU A 1 24 ? 6.358   -1.233  -8.897  1.00 0.00 ? 24 LEU A CD1  3 
ATOM 1180 C CD2  . LEU A 1 24 ? 4.556   -0.866  -7.158  1.00 0.00 ? 24 LEU A CD2  3 
ATOM 1181 H H    . LEU A 1 24 ? 3.048   1.425   -8.110  1.00 0.00 ? 24 LEU A H    3 
ATOM 1182 N N    . VAL A 1 25 ? 4.869   2.873   -11.335 1.00 0.00 ? 25 VAL A N    3 
ATOM 1183 C CA   . VAL A 1 25 ? 4.571   3.825   -12.430 1.00 0.00 ? 25 VAL A CA   3 
ATOM 1184 C C    . VAL A 1 25 ? 4.166   3.081   -13.720 1.00 0.00 ? 25 VAL A C    3 
ATOM 1185 O O    . VAL A 1 25 ? 3.003   3.117   -14.125 1.00 0.00 ? 25 VAL A O    3 
ATOM 1186 C CB   . VAL A 1 25 ? 5.766   4.764   -12.708 1.00 0.00 ? 25 VAL A CB   3 
ATOM 1187 C CG1  . VAL A 1 25 ? 5.449   5.818   -13.771 1.00 0.00 ? 25 VAL A CG1  3 
ATOM 1188 C CG2  . VAL A 1 25 ? 6.188   5.505   -11.447 1.00 0.00 ? 25 VAL A CG2  3 
ATOM 1189 H H    . VAL A 1 25 ? 5.723   3.041   -10.839 1.00 0.00 ? 25 VAL A H    3 
ATOM 1190 N N    . GLN A 1 26 ? 5.105   2.263   -14.183 1.00 0.00 ? 26 GLN A N    3 
ATOM 1191 C CA   . GLN A 1 26 ? 4.992   1.386   -15.358 1.00 0.00 ? 26 GLN A CA   3 
ATOM 1192 C C    . GLN A 1 26 ? 3.806   0.388   -15.380 1.00 0.00 ? 26 GLN A C    3 
ATOM 1193 O O    . GLN A 1 26 ? 3.523   -0.228  -16.400 1.00 0.00 ? 26 GLN A O    3 
ATOM 1194 C CB   . GLN A 1 26 ? 6.309   0.630   -15.606 1.00 0.00 ? 26 GLN A CB   3 
ATOM 1195 C CG   . GLN A 1 26 ? 6.826   -0.227  -14.424 1.00 0.00 ? 26 GLN A CG   3 
ATOM 1196 C CD   . GLN A 1 26 ? 7.275   0.594   -13.199 1.00 0.00 ? 26 GLN A CD   3 
ATOM 1197 O OE1  . GLN A 1 26 ? 7.718   1.728   -13.279 1.00 0.00 ? 26 GLN A OE1  3 
ATOM 1198 N NE2  . GLN A 1 26 ? 7.029   0.068   -12.018 1.00 0.00 ? 26 GLN A NE2  3 
ATOM 1199 H H    . GLN A 1 26 ? 6.024   2.285   -13.773 1.00 0.00 ? 26 GLN A H    3 
ATOM 1200 H HE21 . GLN A 1 26 ? 6.599   -0.831  -11.928 1.00 0.00 ? 26 GLN A HE21 3 
ATOM 1201 H HE22 . GLN A 1 26 ? 7.309   0.612   -11.219 1.00 0.00 ? 26 GLN A HE22 3 
ATOM 1202 N N    . GLU A 1 27 ? 3.194   0.215   -14.216 1.00 0.00 ? 27 GLU A N    3 
ATOM 1203 C CA   . GLU A 1 27 ? 2.044   -0.695  -13.984 1.00 0.00 ? 27 GLU A CA   3 
ATOM 1204 C C    . GLU A 1 27 ? 0.724   0.030   -13.633 1.00 0.00 ? 27 GLU A C    3 
ATOM 1205 O O    . GLU A 1 27 ? -0.299  -0.612  -13.425 1.00 0.00 ? 27 GLU A O    3 
ATOM 1206 C CB   . GLU A 1 27 ? 2.423   -1.607  -12.823 1.00 0.00 ? 27 GLU A CB   3 
ATOM 1207 C CG   . GLU A 1 27 ? 3.409   -2.700  -13.259 1.00 0.00 ? 27 GLU A CG   3 
ATOM 1208 C CD   . GLU A 1 27 ? 4.337   -3.054  -12.100 1.00 0.00 ? 27 GLU A CD   3 
ATOM 1209 O OE1  . GLU A 1 27 ? 3.953   -3.927  -11.286 1.00 0.00 ? 27 GLU A OE1  3 
ATOM 1210 O OE2  . GLU A 1 27 ? 5.399   -2.392  -12.005 1.00 0.00 ? 27 GLU A OE2  3 
ATOM 1211 H H    . GLU A 1 27 ? 3.480   0.737   -13.420 1.00 0.00 ? 27 GLU A H    3 
ATOM 1212 N N    . ASP A 1 28 ? 0.817   1.342   -13.428 1.00 0.00 ? 28 ASP A N    3 
ATOM 1213 C CA   . ASP A 1 28 ? -0.227  2.251   -12.894 1.00 0.00 ? 28 ASP A CA   3 
ATOM 1214 C C    . ASP A 1 28 ? -0.865  1.810   -11.567 1.00 0.00 ? 28 ASP A C    3 
ATOM 1215 O O    . ASP A 1 28 ? -1.885  2.339   -11.150 1.00 0.00 ? 28 ASP A O    3 
ATOM 1216 C CB   . ASP A 1 28 ? -1.235  2.601   -13.995 1.00 0.00 ? 28 ASP A CB   3 
ATOM 1217 C CG   . ASP A 1 28 ? -2.086  1.422   -14.501 1.00 0.00 ? 28 ASP A CG   3 
ATOM 1218 O OD1  . ASP A 1 28 ? -3.096  1.121   -13.822 1.00 0.00 ? 28 ASP A OD1  3 
ATOM 1219 O OD2  . ASP A 1 28 ? -1.747  0.913   -15.584 1.00 0.00 ? 28 ASP A OD2  3 
ATOM 1220 H H    . ASP A 1 28 ? 1.663   1.825   -13.668 1.00 0.00 ? 28 ASP A H    3 
ATOM 1221 N N    . LYS A 1 29 ? -0.052  1.098   -10.802 1.00 0.00 ? 29 LYS A N    3 
ATOM 1222 C CA   . LYS A 1 29 ? -0.518  0.333   -9.629  1.00 0.00 ? 29 LYS A CA   3 
ATOM 1223 C C    . LYS A 1 29 ? 0.135   0.814   -8.316  1.00 0.00 ? 29 LYS A C    3 
ATOM 1224 O O    . LYS A 1 29 ? 1.362   0.799   -8.198  1.00 0.00 ? 29 LYS A O    3 
ATOM 1225 C CB   . LYS A 1 29 ? -0.226  -1.158  -9.858  1.00 0.00 ? 29 LYS A CB   3 
ATOM 1226 C CG   . LYS A 1 29 ? -0.907  -2.042  -8.804  1.00 0.00 ? 29 LYS A CG   3 
ATOM 1227 C CD   . LYS A 1 29 ? -0.405  -3.476  -8.879  1.00 0.00 ? 29 LYS A CD   3 
ATOM 1228 C CE   . LYS A 1 29 ? -1.003  -4.344  -7.771  1.00 0.00 ? 29 LYS A CE   3 
ATOM 1229 N NZ   . LYS A 1 29 ? -0.550  -3.887  -6.446  1.00 0.00 ? 29 LYS A NZ   3 
ATOM 1230 H H    . LYS A 1 29 ? 0.916   1.009   -11.042 1.00 0.00 ? 29 LYS A H    3 
ATOM 1231 H HZ1  . LYS A 1 29 ? 0.448   -3.867  -6.428  1.00 0.00 ? 29 LYS A HZ1  3 
ATOM 1232 H HZ2  . LYS A 1 29 ? -0.896  -2.953  -6.273  1.00 0.00 ? 29 LYS A HZ2  3 
ATOM 1233 N N    . PRO A 1 30 ? -0.665  1.221   -7.330  1.00 0.00 ? 30 PRO A N    3 
ATOM 1234 C CA   . PRO A 1 30 ? -0.209  1.288   -5.928  1.00 0.00 ? 30 PRO A CA   3 
ATOM 1235 C C    . PRO A 1 30 ? -0.124  -0.131  -5.336  1.00 0.00 ? 30 PRO A C    3 
ATOM 1236 O O    . PRO A 1 30 ? -0.943  -0.983  -5.656  1.00 0.00 ? 30 PRO A O    3 
ATOM 1237 C CB   . PRO A 1 30 ? -1.288  2.101   -5.199  1.00 0.00 ? 30 PRO A CB   3 
ATOM 1238 C CG   . PRO A 1 30 ? -2.038  2.842   -6.302  1.00 0.00 ? 30 PRO A CG   3 
ATOM 1239 C CD   . PRO A 1 30 ? -1.958  1.905   -7.508  1.00 0.00 ? 30 PRO A CD   3 
ATOM 1240 N N    . ALA A 1 31 ? 0.991   -0.404  -4.665  1.00 0.00 ? 31 ALA A N    3 
ATOM 1241 C CA   . ALA A 1 31 ? 1.140   -1.616  -3.824  1.00 0.00 ? 31 ALA A CA   3 
ATOM 1242 C C    . ALA A 1 31 ? 1.757   -1.282  -2.460  1.00 0.00 ? 31 ALA A C    3 
ATOM 1243 O O    . ALA A 1 31 ? 2.725   -0.517  -2.375  1.00 0.00 ? 31 ALA A O    3 
ATOM 1244 C CB   . ALA A 1 31 ? 1.980   -2.659  -4.569  1.00 0.00 ? 31 ALA A CB   3 
ATOM 1245 H H    . ALA A 1 31 ? 1.815   0.163   -4.763  1.00 0.00 ? 31 ALA A H    3 
ATOM 1246 N N    . CYS A 1 32 ? 1.257   -1.935  -1.419  1.00 0.00 ? 32 CYS A N    3 
ATOM 1247 C CA   . CYS A 1 32 ? 1.274   -1.360  -0.056  1.00 0.00 ? 32 CYS A CA   3 
ATOM 1248 C C    . CYS A 1 32 ? 2.252   -2.019  0.920   1.00 0.00 ? 32 CYS A C    3 
ATOM 1249 O O    . CYS A 1 32 ? 2.286   -3.242  1.073   1.00 0.00 ? 32 CYS A O    3 
ATOM 1250 C CB   . CYS A 1 32 ? -0.129  -1.437  0.541   1.00 0.00 ? 32 CYS A CB   3 
ATOM 1251 S SG   . CYS A 1 32 ? -1.411  -0.635  -0.488  1.00 0.00 ? 32 CYS A SG   3 
ATOM 1252 H H    . CYS A 1 32 ? 0.882   -2.858  -1.497  1.00 0.00 ? 32 CYS A H    3 
ATOM 1253 N N    . VAL A 1 33 ? 2.911   -1.148  1.674   1.00 0.00 ? 33 VAL A N    3 
ATOM 1254 C CA   . VAL A 1 33 ? 3.542   -1.511  2.953   1.00 0.00 ? 33 VAL A CA   3 
ATOM 1255 C C    . VAL A 1 33 ? 2.427   -1.493  4.020   1.00 0.00 ? 33 VAL A C    3 
ATOM 1256 O O    . VAL A 1 33 ? 2.014   -0.423  4.471   1.00 0.00 ? 33 VAL A O    3 
ATOM 1257 C CB   . VAL A 1 33 ? 4.688   -0.527  3.297   1.00 0.00 ? 33 VAL A CB   3 
ATOM 1258 C CG1  . VAL A 1 33 ? 5.324   -0.829  4.662   1.00 0.00 ? 33 VAL A CG1  3 
ATOM 1259 C CG2  . VAL A 1 33 ? 5.791   -0.566  2.240   1.00 0.00 ? 33 VAL A CG2  3 
ATOM 1260 H H    . VAL A 1 33 ? 3.042   -0.186  1.403   1.00 0.00 ? 33 VAL A H    3 
ATOM 1261 N N    . CYS A 1 34 ? 1.814   -2.653  4.255   1.00 0.00 ? 34 CYS A N    3 
ATOM 1262 C CA   . CYS A 1 34 ? 0.866   -2.806  5.379   1.00 0.00 ? 34 CYS A CA   3 
ATOM 1263 C C    . CYS A 1 34 ? 1.510   -2.417  6.709   1.00 0.00 ? 34 CYS A C    3 
ATOM 1264 O O    . CYS A 1 34 ? 2.650   -2.805  7.001   1.00 0.00 ? 34 CYS A O    3 
ATOM 1265 C CB   . CYS A 1 34 ? 0.320   -4.238  5.499   1.00 0.00 ? 34 CYS A CB   3 
ATOM 1266 S SG   . CYS A 1 34 ? -0.856  -4.829  4.226   1.00 0.00 ? 34 CYS A SG   3 
ATOM 1267 H H    . CYS A 1 34 ? 1.965   -3.455  3.680   1.00 0.00 ? 34 CYS A H    3 
ATOM 1268 N N    . HIS A 1 35 ? 0.813   -1.558  7.435   1.00 0.00 ? 35 HIS A N    3 
ATOM 1269 C CA   . HIS A 1 35 ? 1.225   -1.104  8.783   1.00 0.00 ? 35 HIS A CA   3 
ATOM 1270 C C    . HIS A 1 35 ? 1.445   -2.291  9.740   1.00 0.00 ? 35 HIS A C    3 
ATOM 1271 O O    . HIS A 1 35 ? 0.869   -3.357  9.580   1.00 0.00 ? 35 HIS A O    3 
ATOM 1272 C CB   . HIS A 1 35 ? 0.160   -0.191  9.394   1.00 0.00 ? 35 HIS A CB   3 
ATOM 1273 C CG   . HIS A 1 35 ? -0.030  1.215   8.813   1.00 0.00 ? 35 HIS A CG   3 
ATOM 1274 N ND1  . HIS A 1 35 ? -0.702  2.171   9.443   1.00 0.00 ? 35 HIS A ND1  3 
ATOM 1275 C CD2  . HIS A 1 35 ? 0.281   1.673   7.596   1.00 0.00 ? 35 HIS A CD2  3 
ATOM 1276 C CE1  . HIS A 1 35 ? -0.819  3.210   8.628   1.00 0.00 ? 35 HIS A CE1  3 
ATOM 1277 N NE2  . HIS A 1 35 ? -0.185  2.917   7.504   1.00 0.00 ? 35 HIS A NE2  3 
ATOM 1278 H H    . HIS A 1 35 ? -0.045  -1.153  7.094   1.00 0.00 ? 35 HIS A H    3 
ATOM 1279 H HD1  . HIS A 1 35 ? -1.060  2.102   10.366  1.00 0.00 ? 35 HIS A HD1  3 
ATOM 1280 H HE2  . HIS A 1 35 ? -0.026  3.540   6.741   1.00 0.00 ? 35 HIS A HE2  3 
ATOM 1281 N N    . SER A 1 36 ? 2.265   -2.037  10.754  1.00 0.00 ? 36 SER A N    3 
ATOM 1282 C CA   . SER A 1 36 ? 2.621   -2.999  11.835  1.00 0.00 ? 36 SER A CA   3 
ATOM 1283 C C    . SER A 1 36 ? 1.452   -3.848  12.330  1.00 0.00 ? 36 SER A C    3 
ATOM 1284 O O    . SER A 1 36 ? 0.468   -3.343  12.869  1.00 0.00 ? 36 SER A O    3 
ATOM 1285 C CB   . SER A 1 36 ? 3.214   -2.225  13.011  1.00 0.00 ? 36 SER A CB   3 
ATOM 1286 O OG   . SER A 1 36 ? 4.269   -1.382  12.547  1.00 0.00 ? 36 SER A OG   3 
ATOM 1287 H H    . SER A 1 36 ? 2.774   -1.178  10.821  1.00 0.00 ? 36 SER A H    3 
ATOM 1288 H HG   . SER A 1 36 ? 4.772   -1.012  13.340  1.00 0.00 ? 36 SER A HG   3 
ATOM 1289 N N    . GLY A 1 37 ? 1.493   -5.117  11.912  1.00 0.00 ? 37 GLY A N    3 
ATOM 1290 C CA   . GLY A 1 37 ? 0.552   -6.168  12.325  1.00 0.00 ? 37 GLY A CA   3 
ATOM 1291 C C    . GLY A 1 37 ? -0.794  -6.212  11.575  1.00 0.00 ? 37 GLY A C    3 
ATOM 1292 O O    . GLY A 1 37 ? -1.679  -6.974  11.951  1.00 0.00 ? 37 GLY A O    3 
ATOM 1293 H H    . GLY A 1 37 ? 2.187   -5.400  11.248  1.00 0.00 ? 37 GLY A H    3 
ATOM 1294 N N    . TYR A 1 38 ? -0.898  -5.451  10.496  1.00 0.00 ? 38 TYR A N    3 
ATOM 1295 C CA   . TYR A 1 38 ? -2.079  -5.473  9.614   1.00 0.00 ? 38 TYR A CA   3 
ATOM 1296 C C    . TYR A 1 38 ? -1.962  -6.489  8.479   1.00 0.00 ? 38 TYR A C    3 
ATOM 1297 O O    . TYR A 1 38 ? -0.950  -6.598  7.785   1.00 0.00 ? 38 TYR A O    3 
ATOM 1298 C CB   . TYR A 1 38 ? -2.371  -4.096  9.008   1.00 0.00 ? 38 TYR A CB   3 
ATOM 1299 C CG   . TYR A 1 38 ? -2.986  -3.147  10.036  1.00 0.00 ? 38 TYR A CG   3 
ATOM 1300 C CD1  . TYR A 1 38 ? -2.121  -2.390  10.863  1.00 0.00 ? 38 TYR A CD1  3 
ATOM 1301 C CD2  . TYR A 1 38 ? -4.356  -2.852  9.927   1.00 0.00 ? 38 TYR A CD2  3 
ATOM 1302 C CE1  . TYR A 1 38 ? -2.635  -1.261  11.544  1.00 0.00 ? 38 TYR A CE1  3 
ATOM 1303 C CE2  . TYR A 1 38 ? -4.865  -1.729  10.623  1.00 0.00 ? 38 TYR A CE2  3 
ATOM 1304 C CZ   . TYR A 1 38 ? -3.996  -0.926  11.381  1.00 0.00 ? 38 TYR A CZ   3 
ATOM 1305 O OH   . TYR A 1 38 ? -4.397  0.332   11.727  1.00 0.00 ? 38 TYR A OH   3 
ATOM 1306 H H    . TYR A 1 38 ? -0.200  -4.765  10.266  1.00 0.00 ? 38 TYR A H    3 
ATOM 1307 H HH   . TYR A 1 38 ? -5.191  0.576   11.160  1.00 0.00 ? 38 TYR A HH   3 
ATOM 1308 N N    . VAL A 1 39 ? -3.065  -7.211  8.314   1.00 0.00 ? 39 VAL A N    3 
ATOM 1309 C CA   . VAL A 1 39 ? -3.303  -8.095  7.149   1.00 0.00 ? 39 VAL A CA   3 
ATOM 1310 C C    . VAL A 1 39 ? -4.404  -7.560  6.237   1.00 0.00 ? 39 VAL A C    3 
ATOM 1311 O O    . VAL A 1 39 ? -5.191  -6.663  6.583   1.00 0.00 ? 39 VAL A O    3 
ATOM 1312 C CB   . VAL A 1 39 ? -3.584  -9.565  7.567   1.00 0.00 ? 39 VAL A CB   3 
ATOM 1313 C CG1  . VAL A 1 39 ? -2.336  -10.205 8.183   1.00 0.00 ? 39 VAL A CG1  3 
ATOM 1314 C CG2  . VAL A 1 39 ? -4.795  -9.744  8.485   1.00 0.00 ? 39 VAL A CG2  3 
ATOM 1315 H H    . VAL A 1 39 ? -3.811  -7.180  8.983   1.00 0.00 ? 39 VAL A H    3 
ATOM 1316 N N    . GLY A 1 40 ? -4.357  -8.062  5.008   1.00 0.00 ? 40 GLY A N    3 
ATOM 1317 C CA   . GLY A 1 40 ? -5.346  -7.755  3.968   1.00 0.00 ? 40 GLY A CA   3 
ATOM 1318 C C    . GLY A 1 40 ? -4.688  -7.102  2.739   1.00 0.00 ? 40 GLY A C    3 
ATOM 1319 O O    . GLY A 1 40 ? -3.754  -6.320  2.873   1.00 0.00 ? 40 GLY A O    3 
ATOM 1320 H H    . GLY A 1 40 ? -3.588  -8.639  4.729   1.00 0.00 ? 40 GLY A H    3 
ATOM 1321 N N    . ALA A 1 41 ? -5.309  -7.320  1.584   1.00 0.00 ? 41 ALA A N    3 
ATOM 1322 C CA   . ALA A 1 41 ? -4.876  -6.689  0.311   1.00 0.00 ? 41 ALA A CA   3 
ATOM 1323 C C    . ALA A 1 41 ? -5.011  -5.160  0.356   1.00 0.00 ? 41 ALA A C    3 
ATOM 1324 O O    . ALA A 1 41 ? -4.114  -4.433  -0.066  1.00 0.00 ? 41 ALA A O    3 
ATOM 1325 C CB   . ALA A 1 41 ? -5.687  -7.261  -0.855  1.00 0.00 ? 41 ALA A CB   3 
ATOM 1326 H H    . ALA A 1 41 ? -6.160  -7.833  1.528   1.00 0.00 ? 41 ALA A H    3 
ATOM 1327 N N    . ARG A 1 42 ? -6.041  -4.724  1.080   1.00 0.00 ? 42 ARG A N    3 
ATOM 1328 C CA   . ARG A 1 42 ? -6.366  -3.306  1.331   1.00 0.00 ? 42 ARG A CA   3 
ATOM 1329 C C    . ARG A 1 42 ? -5.708  -2.785  2.625   1.00 0.00 ? 42 ARG A C    3 
ATOM 1330 O O    . ARG A 1 42 ? -6.017  -1.685  3.086   1.00 0.00 ? 42 ARG A O    3 
ATOM 1331 C CB   . ARG A 1 42 ? -7.887  -3.125  1.471   1.00 0.00 ? 42 ARG A CB   3 
ATOM 1332 C CG   . ARG A 1 42 ? -8.811  -3.722  0.394   1.00 0.00 ? 42 ARG A CG   3 
ATOM 1333 C CD   . ARG A 1 42 ? -8.981  -5.244  0.446   1.00 0.00 ? 42 ARG A CD   3 
ATOM 1334 N NE   . ARG A 1 42 ? -9.150  -5.717  1.840   1.00 0.00 ? 42 ARG A NE   3 
ATOM 1335 C CZ   . ARG A 1 42 ? -8.656  -6.838  2.367   1.00 0.00 ? 42 ARG A CZ   3 
ATOM 1336 N NH1  . ARG A 1 42 ? -8.300  -7.879  1.622   1.00 0.00 ? 42 ARG A NH1  3 
ATOM 1337 N NH2  . ARG A 1 42 ? -8.767  -7.040  3.676   1.00 0.00 ? 42 ARG A NH2  3 
ATOM 1338 H H    . ARG A 1 42 ? -6.691  -5.358  1.475   1.00 0.00 ? 42 ARG A H    3 
ATOM 1339 H HE   . ARG A 1 42 ? -9.741  -5.143  2.409   1.00 0.00 ? 42 ARG A HE   3 
ATOM 1340 H HH11 . ARG A 1 42 ? -8.497  -7.852  0.641   1.00 0.00 ? 42 ARG A HH11 3 
ATOM 1341 H HH12 . ARG A 1 42 ? -7.970  -8.719  2.051   1.00 0.00 ? 42 ARG A HH12 3 
ATOM 1342 H HH21 . ARG A 1 42 ? -9.216  -6.359  4.253   1.00 0.00 ? 42 ARG A HH21 3 
ATOM 1343 H HH22 . ARG A 1 42 ? -8.408  -7.872  4.090   1.00 0.00 ? 42 ARG A HH22 3 
ATOM 1344 N N    . CYS A 1 43 ? -4.849  -3.615  3.238   1.00 0.00 ? 43 CYS A N    3 
ATOM 1345 C CA   . CYS A 1 43 ? -4.246  -3.432  4.575   1.00 0.00 ? 43 CYS A CA   3 
ATOM 1346 C C    . CYS A 1 43 ? -5.217  -2.825  5.594   1.00 0.00 ? 43 CYS A C    3 
ATOM 1347 O O    . CYS A 1 43 ? -5.272  -1.620  5.826   1.00 0.00 ? 43 CYS A O    3 
ATOM 1348 C CB   . CYS A 1 43 ? -2.971  -2.593  4.470   1.00 0.00 ? 43 CYS A CB   3 
ATOM 1349 S SG   . CYS A 1 43 ? -1.662  -3.184  3.338   1.00 0.00 ? 43 CYS A SG   3 
ATOM 1350 H H    . CYS A 1 43 ? -4.500  -4.413  2.746   1.00 0.00 ? 43 CYS A H    3 
ATOM 1351 N N    . GLU A 1 44 ? -6.128  -3.686  6.037   1.00 0.00 ? 44 GLU A N    3 
ATOM 1352 C CA   . GLU A 1 44 ? -7.254  -3.260  6.885   1.00 0.00 ? 44 GLU A CA   3 
ATOM 1353 C C    . GLU A 1 44 ? -7.332  -3.942  8.264   1.00 0.00 ? 44 GLU A C    3 
ATOM 1354 O O    . GLU A 1 44 ? -7.697  -3.311  9.250   1.00 0.00 ? 44 GLU A O    3 
ATOM 1355 C CB   . GLU A 1 44 ? -8.570  -3.423  6.090   1.00 0.00 ? 44 GLU A CB   3 
ATOM 1356 C CG   . GLU A 1 44 ? -9.810  -2.857  6.797   1.00 0.00 ? 44 GLU A CG   3 
ATOM 1357 C CD   . GLU A 1 44 ? -9.817  -1.328  6.911   1.00 0.00 ? 44 GLU A CD   3 
ATOM 1358 O OE1  . GLU A 1 44 ? -9.285  -0.814  7.923   1.00 0.00 ? 44 GLU A OE1  3 
ATOM 1359 O OE2  . GLU A 1 44 ? -10.446 -0.713  6.025   1.00 0.00 ? 44 GLU A OE2  3 
ATOM 1360 H H    . GLU A 1 44 ? -6.096  -4.640  5.729   1.00 0.00 ? 44 GLU A H    3 
ATOM 1361 N N    . HIS A 1 45 ? -6.952  -5.215  8.331   1.00 0.00 ? 45 HIS A N    3 
ATOM 1362 C CA   . HIS A 1 45 ? -7.313  -6.067  9.477   1.00 0.00 ? 45 HIS A CA   3 
ATOM 1363 C C    . HIS A 1 45 ? -6.092  -6.301  10.377  1.00 0.00 ? 45 HIS A C    3 
ATOM 1364 O O    . HIS A 1 45 ? -5.171  -7.037  10.005  1.00 0.00 ? 45 HIS A O    3 
ATOM 1365 C CB   . HIS A 1 45 ? -7.871  -7.412  9.004   1.00 0.00 ? 45 HIS A CB   3 
ATOM 1366 C CG   . HIS A 1 45 ? -9.064  -7.260  8.061   1.00 0.00 ? 45 HIS A CG   3 
ATOM 1367 N ND1  . HIS A 1 45 ? -10.067 -6.387  8.143   1.00 0.00 ? 45 HIS A ND1  3 
ATOM 1368 C CD2  . HIS A 1 45 ? -9.229  -7.971  6.963   1.00 0.00 ? 45 HIS A CD2  3 
ATOM 1369 C CE1  . HIS A 1 45 ? -10.856 -6.569  7.092   1.00 0.00 ? 45 HIS A CE1  3 
ATOM 1370 N NE2  . HIS A 1 45 ? -10.340 -7.552  6.361   1.00 0.00 ? 45 HIS A NE2  3 
ATOM 1371 H H    . HIS A 1 45 ? -6.348  -5.652  7.664   1.00 0.00 ? 45 HIS A H    3 
ATOM 1372 H HD1  . HIS A 1 45 ? -10.224 -5.737  8.882   1.00 0.00 ? 45 HIS A HD1  3 
ATOM 1373 H HE2  . HIS A 1 45 ? -10.772 -7.983  5.566   1.00 0.00 ? 45 HIS A HE2  3 
ATOM 1374 N N    . ALA A 1 46 ? -6.046  -5.603  11.499  1.00 0.00 ? 46 ALA A N    3 
ATOM 1375 C CA   . ALA A 1 46 ? -4.974  -5.813  12.500  1.00 0.00 ? 46 ALA A CA   3 
ATOM 1376 C C    . ALA A 1 46 ? -5.090  -7.189  13.161  1.00 0.00 ? 46 ALA A C    3 
ATOM 1377 O O    . ALA A 1 46 ? -6.083  -7.530  13.809  1.00 0.00 ? 46 ALA A O    3 
ATOM 1378 C CB   . ALA A 1 46 ? -4.927  -4.685  13.529  1.00 0.00 ? 46 ALA A CB   3 
ATOM 1379 H H    . ALA A 1 46 ? -6.727  -4.901  11.715  1.00 0.00 ? 46 ALA A H    3 
ATOM 1380 N N    . ASP A 1 47 ? -4.068  -7.979  12.878  1.00 0.00 ? 47 ASP A N    3 
ATOM 1381 C CA   . ASP A 1 47 ? -4.068  -9.431  13.127  1.00 0.00 ? 47 ASP A CA   3 
ATOM 1382 C C    . ASP A 1 47 ? -3.835  -9.734  14.619  1.00 0.00 ? 47 ASP A C    3 
ATOM 1383 O O    . ASP A 1 47 ? -2.700  -9.734  15.099  1.00 0.00 ? 47 ASP A O    3 
ATOM 1384 C CB   . ASP A 1 47 ? -3.036  -10.131 12.244  1.00 0.00 ? 47 ASP A CB   3 
ATOM 1385 C CG   . ASP A 1 47 ? -3.273  -11.644 12.105  1.00 0.00 ? 47 ASP A CG   3 
ATOM 1386 O OD1  . ASP A 1 47 ? -4.015  -12.193 12.961  1.00 0.00 ? 47 ASP A OD1  3 
ATOM 1387 O OD2  . ASP A 1 47 ? -2.818  -12.186 11.079  1.00 0.00 ? 47 ASP A OD2  3 
ATOM 1388 H H    . ASP A 1 47 ? -3.198  -7.587  12.549  1.00 0.00 ? 47 ASP A H    3 
ATOM 1389 N N    . LEU A 1 48 ? -4.944  -9.946  15.318  1.00 0.00 ? 48 LEU A N    3 
ATOM 1390 C CA   . LEU A 1 48 ? -4.968  -10.449 16.700  1.00 0.00 ? 48 LEU A CA   3 
ATOM 1391 C C    . LEU A 1 48 ? -4.072  -11.671 16.960  1.00 0.00 ? 48 LEU A C    3 
ATOM 1392 O O    . LEU A 1 48 ? -3.282  -11.685 17.910  1.00 0.00 ? 48 LEU A O    3 
ATOM 1393 C CB   . LEU A 1 48 ? -6.410  -10.758 17.123  1.00 0.00 ? 48 LEU A CB   3 
ATOM 1394 C CG   . LEU A 1 48 ? -7.303  -9.499  17.121  1.00 0.00 ? 48 LEU A CG   3 
ATOM 1395 C CD1  . LEU A 1 48 ? -8.771  -9.909  17.199  1.00 0.00 ? 48 LEU A CD1  3 
ATOM 1396 C CD2  . LEU A 1 48 ? -6.944  -8.540  18.262  1.00 0.00 ? 48 LEU A CD2  3 
ATOM 1397 H H    . LEU A 1 48 ? -5.824  -9.581  14.982  1.00 0.00 ? 48 LEU A H    3 
ATOM 1398 N N    . LEU A 1 49 ? -4.025  -12.540 15.961  1.00 0.00 ? 49 LEU A N    3 
ATOM 1399 C CA   . LEU A 1 49 ? -3.101  -13.694 15.915  1.00 0.00 ? 49 LEU A CA   3 
ATOM 1400 C C    . LEU A 1 49 ? -1.818  -13.256 15.183  1.00 0.00 ? 49 LEU A C    3 
ATOM 1401 O O    . LEU A 1 49 ? -1.602  -13.503 13.996  1.00 0.00 ? 49 LEU A O    3 
ATOM 1402 C CB   . LEU A 1 49 ? -3.788  -14.880 15.222  1.00 0.00 ? 49 LEU A CB   3 
ATOM 1403 C CG   . LEU A 1 49 ? -5.024  -15.367 15.981  1.00 0.00 ? 49 LEU A CG   3 
ATOM 1404 C CD1  . LEU A 1 49 ? -5.858  -16.283 15.078  1.00 0.00 ? 49 LEU A CD1  3 
ATOM 1405 C CD2  . LEU A 1 49 ? -4.658  -16.076 17.292  1.00 0.00 ? 49 LEU A CD2  3 
ATOM 1406 H H    . LEU A 1 49 ? -4.489  -12.338 15.101  1.00 0.00 ? 49 LEU A H    3 
ATOM 1407 N N    . ALA A 1 50 ? -1.131  -12.346 15.868  1.00 0.00 ? 50 ALA A N    3 
ATOM 1408 C CA   . ALA A 1 50 ? 0.148   -11.771 15.421  1.00 0.00 ? 50 ALA A CA   3 
ATOM 1409 C C    . ALA A 1 50 ? 1.298   -12.792 15.260  1.00 0.00 ? 50 ALA A C    3 
ATOM 1410 O O    . ALA A 1 50 ? 2.150   -12.553 14.369  1.00 0.00 ? 50 ALA A O    3 
ATOM 1411 C CB   . ALA A 1 50 ? 0.570   -10.669 16.396  1.00 0.00 ? 50 ALA A CB   3 
ATOM 1412 O OXT  . ALA A 1 50 ? 1.320   -13.766 16.048  1.00 0.00 ? 50 ALA A OXT  3 
ATOM 1413 H H    . ALA A 1 50 ? -1.561  -11.905 16.655  1.00 0.00 ? 50 ALA A H    3 
ATOM 1414 N N    . VAL A 1 1  ? 8.354   1.369   -19.779 1.00 0.00 ? 1  VAL A N    4 
ATOM 1415 C CA   . VAL A 1 1  ? 8.004   0.902   -18.419 1.00 0.00 ? 1  VAL A CA   4 
ATOM 1416 C C    . VAL A 1 1  ? 8.988   1.362   -17.322 1.00 0.00 ? 1  VAL A C    4 
ATOM 1417 O O    . VAL A 1 1  ? 10.069  0.818   -17.128 1.00 0.00 ? 1  VAL A O    4 
ATOM 1418 C CB   . VAL A 1 1  ? 7.744   -0.618  -18.349 1.00 0.00 ? 1  VAL A CB   4 
ATOM 1419 C CG1  . VAL A 1 1  ? 6.372   -0.953  -18.933 1.00 0.00 ? 1  VAL A CG1  4 
ATOM 1420 C CG2  . VAL A 1 1  ? 8.849   -1.480  -18.960 1.00 0.00 ? 1  VAL A CG2  4 
ATOM 1421 H H1   . VAL A 1 1  ? 9.215   1.882   -19.744 1.00 0.00 ? 1  VAL A H1   4 
ATOM 1422 H H2   . VAL A 1 1  ? 8.478   0.576   -20.383 1.00 0.00 ? 1  VAL A H2   4 
ATOM 1423 H H3   . VAL A 1 1  ? 7.629   1.963   -20.129 1.00 0.00 ? 1  VAL A H3   4 
ATOM 1424 N N    . VAL A 1 2  ? 8.580   2.418   -16.620 1.00 0.00 ? 2  VAL A N    4 
ATOM 1425 C CA   . VAL A 1 2  ? 9.416   3.094   -15.603 1.00 0.00 ? 2  VAL A CA   4 
ATOM 1426 C C    . VAL A 1 2  ? 9.404   2.287   -14.300 1.00 0.00 ? 2  VAL A C    4 
ATOM 1427 O O    . VAL A 1 2  ? 8.441   2.316   -13.530 1.00 0.00 ? 2  VAL A O    4 
ATOM 1428 C CB   . VAL A 1 2  ? 8.945   4.559   -15.389 1.00 0.00 ? 2  VAL A CB   4 
ATOM 1429 C CG1  . VAL A 1 2  ? 9.807   5.293   -14.360 1.00 0.00 ? 2  VAL A CG1  4 
ATOM 1430 C CG2  . VAL A 1 2  ? 8.977   5.354   -16.700 1.00 0.00 ? 2  VAL A CG2  4 
ATOM 1431 H H    . VAL A 1 2  ? 7.651   2.780   -16.731 1.00 0.00 ? 2  VAL A H    4 
ATOM 1432 N N    . SER A 1 3  ? 10.461  1.489   -14.137 1.00 0.00 ? 3  SER A N    4 
ATOM 1433 C CA   . SER A 1 3  ? 10.729  0.709   -12.908 1.00 0.00 ? 3  SER A CA   4 
ATOM 1434 C C    . SER A 1 3  ? 11.035  1.601   -11.689 1.00 0.00 ? 3  SER A C    4 
ATOM 1435 O O    . SER A 1 3  ? 12.185  1.932   -11.399 1.00 0.00 ? 3  SER A O    4 
ATOM 1436 C CB   . SER A 1 3  ? 11.863  -0.284  -13.175 1.00 0.00 ? 3  SER A CB   4 
ATOM 1437 O OG   . SER A 1 3  ? 13.038  0.439   -13.545 1.00 0.00 ? 3  SER A OG   4 
ATOM 1438 H H    . SER A 1 3  ? 11.090  1.305   -14.891 1.00 0.00 ? 3  SER A H    4 
ATOM 1439 H HG   . SER A 1 3  ? 13.234  1.098   -12.803 1.00 0.00 ? 3  SER A HG   4 
ATOM 1440 N N    . HIS A 1 4  ? 9.958   2.016   -11.036 1.00 0.00 ? 4  HIS A N    4 
ATOM 1441 C CA   . HIS A 1 4  ? 9.991   2.909   -9.853  1.00 0.00 ? 4  HIS A CA   4 
ATOM 1442 C C    . HIS A 1 4  ? 8.676   2.878   -9.057  1.00 0.00 ? 4  HIS A C    4 
ATOM 1443 O O    . HIS A 1 4  ? 7.598   2.667   -9.614  1.00 0.00 ? 4  HIS A O    4 
ATOM 1444 C CB   . HIS A 1 4  ? 10.309  4.356   -10.268 1.00 0.00 ? 4  HIS A CB   4 
ATOM 1445 C CG   . HIS A 1 4  ? 10.701  5.199   -9.054  1.00 0.00 ? 4  HIS A CG   4 
ATOM 1446 N ND1  . HIS A 1 4  ? 11.479  4.806   -8.048  1.00 0.00 ? 4  HIS A ND1  4 
ATOM 1447 C CD2  . HIS A 1 4  ? 10.190  6.381   -8.727  1.00 0.00 ? 4  HIS A CD2  4 
ATOM 1448 C CE1  . HIS A 1 4  ? 11.419  5.717   -7.087  1.00 0.00 ? 4  HIS A CE1  4 
ATOM 1449 N NE2  . HIS A 1 4  ? 10.628  6.693   -7.510  1.00 0.00 ? 4  HIS A NE2  4 
ATOM 1450 H H    . HIS A 1 4  ? 9.038   1.737   -11.341 1.00 0.00 ? 4  HIS A H    4 
ATOM 1451 H HD1  . HIS A 1 4  ? 12.162  4.077   -8.111  1.00 0.00 ? 4  HIS A HD1  4 
ATOM 1452 H HE2  . HIS A 1 4  ? 10.524  7.584   -7.066  1.00 0.00 ? 4  HIS A HE2  4 
ATOM 1453 N N    . PHE A 1 5  ? 8.808   3.209   -7.781  1.00 0.00 ? 5  PHE A N    4 
ATOM 1454 C CA   . PHE A 1 5  ? 7.737   3.084   -6.772  1.00 0.00 ? 5  PHE A CA   4 
ATOM 1455 C C    . PHE A 1 5  ? 7.204   4.395   -6.168  1.00 0.00 ? 5  PHE A C    4 
ATOM 1456 O O    . PHE A 1 5  ? 6.081   4.418   -5.677  1.00 0.00 ? 5  PHE A O    4 
ATOM 1457 C CB   . PHE A 1 5  ? 8.177   2.121   -5.664  1.00 0.00 ? 5  PHE A CB   4 
ATOM 1458 C CG   . PHE A 1 5  ? 9.452   2.532   -4.918  1.00 0.00 ? 5  PHE A CG   4 
ATOM 1459 C CD1  . PHE A 1 5  ? 9.352   3.309   -3.740  1.00 0.00 ? 5  PHE A CD1  4 
ATOM 1460 C CD2  . PHE A 1 5  ? 10.699  2.039   -5.359  1.00 0.00 ? 5  PHE A CD2  4 
ATOM 1461 C CE1  . PHE A 1 5  ? 10.515  3.606   -2.996  1.00 0.00 ? 5  PHE A CE1  4 
ATOM 1462 C CE2  . PHE A 1 5  ? 11.868  2.334   -4.624  1.00 0.00 ? 5  PHE A CE2  4 
ATOM 1463 C CZ   . PHE A 1 5  ? 11.759  3.108   -3.451  1.00 0.00 ? 5  PHE A CZ   4 
ATOM 1464 H H    . PHE A 1 5  ? 9.695   3.528   -7.435  1.00 0.00 ? 5  PHE A H    4 
ATOM 1465 N N    . ASN A 1 6  ? 8.038   5.439   -6.111  1.00 0.00 ? 6  ASN A N    4 
ATOM 1466 C CA   . ASN A 1 6  ? 7.721   6.761   -5.521  1.00 0.00 ? 6  ASN A CA   4 
ATOM 1467 C C    . ASN A 1 6  ? 6.875   6.742   -4.229  1.00 0.00 ? 6  ASN A C    4 
ATOM 1468 O O    . ASN A 1 6  ? 7.403   6.357   -3.175  1.00 0.00 ? 6  ASN A O    4 
ATOM 1469 C CB   . ASN A 1 6  ? 7.214   7.708   -6.629  1.00 0.00 ? 6  ASN A CB   4 
ATOM 1470 C CG   . ASN A 1 6  ? 5.999   7.139   -7.391  1.00 0.00 ? 6  ASN A CG   4 
ATOM 1471 O OD1  . ASN A 1 6  ? 4.865   7.242   -6.978  1.00 0.00 ? 6  ASN A OD1  4 
ATOM 1472 N ND2  . ASN A 1 6  ? 6.256   6.489   -8.506  1.00 0.00 ? 6  ASN A ND2  4 
ATOM 1473 H H    . ASN A 1 6  ? 8.917   5.424   -6.587  1.00 0.00 ? 6  ASN A H    4 
ATOM 1474 H HD21 . ASN A 1 6  ? 7.150   6.507   -8.944  1.00 0.00 ? 6  ASN A HD21 4 
ATOM 1475 H HD22 . ASN A 1 6  ? 5.479   6.026   -8.926  1.00 0.00 ? 6  ASN A HD22 4 
ATOM 1476 N N    . ASP A 1 7  ? 5.587   7.076   -4.315  1.00 0.00 ? 7  ASP A N    4 
ATOM 1477 C CA   . ASP A 1 7  ? 4.634   7.218   -3.194  1.00 0.00 ? 7  ASP A CA   4 
ATOM 1478 C C    . ASP A 1 7  ? 3.217   7.454   -3.721  1.00 0.00 ? 7  ASP A C    4 
ATOM 1479 O O    . ASP A 1 7  ? 3.014   8.224   -4.664  1.00 0.00 ? 7  ASP A O    4 
ATOM 1480 C CB   . ASP A 1 7  ? 5.036   8.371   -2.264  1.00 0.00 ? 7  ASP A CB   4 
ATOM 1481 C CG   . ASP A 1 7  ? 5.149   9.734   -2.965  1.00 0.00 ? 7  ASP A CG   4 
ATOM 1482 O OD1  . ASP A 1 7  ? 6.226   9.980   -3.557  1.00 0.00 ? 7  ASP A OD1  4 
ATOM 1483 O OD2  . ASP A 1 7  ? 4.183   10.508  -2.860  1.00 0.00 ? 7  ASP A OD2  4 
ATOM 1484 H H    . ASP A 1 7  ? 5.172   7.209   -5.227  1.00 0.00 ? 7  ASP A H    4 
ATOM 1485 N N    . CYS A 1 8  ? 2.258   6.772   -3.106  1.00 0.00 ? 8  CYS A N    4 
ATOM 1486 C CA   . CYS A 1 8  ? 0.821   6.918   -3.451  1.00 0.00 ? 8  CYS A CA   4 
ATOM 1487 C C    . CYS A 1 8  ? 0.177   8.235   -2.966  1.00 0.00 ? 8  CYS A C    4 
ATOM 1488 O O    . CYS A 1 8  ? 0.427   8.654   -1.835  1.00 0.00 ? 8  CYS A O    4 
ATOM 1489 C CB   . CYS A 1 8  ? 0.062   5.726   -2.863  1.00 0.00 ? 8  CYS A CB   4 
ATOM 1490 S SG   . CYS A 1 8  ? 0.209   5.586   -1.049  1.00 0.00 ? 8  CYS A SG   4 
ATOM 1491 H H    . CYS A 1 8  ? 2.459   6.084   -2.405  1.00 0.00 ? 8  CYS A H    4 
ATOM 1492 N N    . PRO A 1 9  ? -0.645  8.876   -3.813  1.00 0.00 ? 9  PRO A N    4 
ATOM 1493 C CA   . PRO A 1 9  ? -1.558  9.963   -3.396  1.00 0.00 ? 9  PRO A CA   4 
ATOM 1494 C C    . PRO A 1 9  ? -2.811  9.469   -2.653  1.00 0.00 ? 9  PRO A C    4 
ATOM 1495 O O    . PRO A 1 9  ? -3.042  8.267   -2.543  1.00 0.00 ? 9  PRO A O    4 
ATOM 1496 C CB   . PRO A 1 9  ? -1.897  10.682  -4.701  1.00 0.00 ? 9  PRO A CB   4 
ATOM 1497 C CG   . PRO A 1 9  ? -1.807  9.584   -5.762  1.00 0.00 ? 9  PRO A CG   4 
ATOM 1498 C CD   . PRO A 1 9  ? -0.622  8.746   -5.288  1.00 0.00 ? 9  PRO A CD   4 
ATOM 1499 N N    . ASP A 1 10 ? -3.659  10.424  -2.271  1.00 0.00 ? 10 ASP A N    4 
ATOM 1500 C CA   . ASP A 1 10 ? -4.886  10.203  -1.465  1.00 0.00 ? 10 ASP A CA   4 
ATOM 1501 C C    . ASP A 1 10 ? -5.848  9.118   -1.988  1.00 0.00 ? 10 ASP A C    4 
ATOM 1502 O O    . ASP A 1 10 ? -6.248  8.234   -1.235  1.00 0.00 ? 10 ASP A O    4 
ATOM 1503 C CB   . ASP A 1 10 ? -5.661  11.515  -1.266  1.00 0.00 ? 10 ASP A CB   4 
ATOM 1504 C CG   . ASP A 1 10 ? -4.872  12.526  -0.442  1.00 0.00 ? 10 ASP A CG   4 
ATOM 1505 O OD1  . ASP A 1 10 ? -3.946  13.126  -1.045  1.00 0.00 ? 10 ASP A OD1  4 
ATOM 1506 O OD2  . ASP A 1 10 ? -5.216  12.710  0.744   1.00 0.00 ? 10 ASP A OD2  4 
ATOM 1507 H H    . ASP A 1 10 ? -3.414  11.387  -2.404  1.00 0.00 ? 10 ASP A H    4 
ATOM 1508 N N    . SER A 1 11 ? -6.053  9.075   -3.302  1.00 0.00 ? 11 SER A N    4 
ATOM 1509 C CA   . SER A 1 11 ? -6.828  8.016   -3.983  1.00 0.00 ? 11 SER A CA   4 
ATOM 1510 C C    . SER A 1 11 ? -6.380  6.583   -3.626  1.00 0.00 ? 11 SER A C    4 
ATOM 1511 O O    . SER A 1 11 ? -7.169  5.676   -3.425  1.00 0.00 ? 11 SER A O    4 
ATOM 1512 C CB   . SER A 1 11 ? -6.709  8.206   -5.499  1.00 0.00 ? 11 SER A CB   4 
ATOM 1513 O OG   . SER A 1 11 ? -5.319  8.274   -5.858  1.00 0.00 ? 11 SER A OG   4 
ATOM 1514 H H    . SER A 1 11 ? -5.621  9.728   -3.925  1.00 0.00 ? 11 SER A H    4 
ATOM 1515 H HG   . SER A 1 11 ? -5.037  7.400   -6.290  1.00 0.00 ? 11 SER A HG   4 
ATOM 1516 N N    . HIS A 1 12 ? -5.073  6.465   -3.394  1.00 0.00 ? 12 HIS A N    4 
ATOM 1517 C CA   . HIS A 1 12 ? -4.372  5.183   -3.284  1.00 0.00 ? 12 HIS A CA   4 
ATOM 1518 C C    . HIS A 1 12 ? -3.958  4.817   -1.848  1.00 0.00 ? 12 HIS A C    4 
ATOM 1519 O O    . HIS A 1 12 ? -3.898  3.637   -1.536  1.00 0.00 ? 12 HIS A O    4 
ATOM 1520 C CB   . HIS A 1 12 ? -3.187  5.224   -4.249  1.00 0.00 ? 12 HIS A CB   4 
ATOM 1521 C CG   . HIS A 1 12 ? -3.636  5.436   -5.702  1.00 0.00 ? 12 HIS A CG   4 
ATOM 1522 N ND1  . HIS A 1 12 ? -4.773  5.004   -6.246  1.00 0.00 ? 12 HIS A ND1  4 
ATOM 1523 C CD2  . HIS A 1 12 ? -2.975  6.125   -6.627  1.00 0.00 ? 12 HIS A CD2  4 
ATOM 1524 C CE1  . HIS A 1 12 ? -4.820  5.432   -7.506  1.00 0.00 ? 12 HIS A CE1  4 
ATOM 1525 N NE2  . HIS A 1 12 ? -3.703  6.122   -7.735  1.00 0.00 ? 12 HIS A NE2  4 
ATOM 1526 H H    . HIS A 1 12 ? -4.491  7.277   -3.287  1.00 0.00 ? 12 HIS A H    4 
ATOM 1527 H HD1  . HIS A 1 12 ? -5.432  4.404   -5.804  1.00 0.00 ? 12 HIS A HD1  4 
ATOM 1528 H HE2  . HIS A 1 12 ? -3.417  6.468   -8.631  1.00 0.00 ? 12 HIS A HE2  4 
ATOM 1529 N N    . THR A 1 13 ? -3.800  5.817   -0.981  1.00 0.00 ? 13 THR A N    4 
ATOM 1530 C CA   . THR A 1 13 ? -3.939  5.631   0.485   1.00 0.00 ? 13 THR A CA   4 
ATOM 1531 C C    . THR A 1 13 ? -5.353  5.221   0.934   1.00 0.00 ? 13 THR A C    4 
ATOM 1532 O O    . THR A 1 13 ? -5.524  4.643   2.002   1.00 0.00 ? 13 THR A O    4 
ATOM 1533 C CB   . THR A 1 13 ? -3.520  6.880   1.278   1.00 0.00 ? 13 THR A CB   4 
ATOM 1534 O OG1  . THR A 1 13 ? -4.129  8.042   0.700   1.00 0.00 ? 13 THR A OG1  4 
ATOM 1535 C CG2  . THR A 1 13 ? -2.007  7.024   1.361   1.00 0.00 ? 13 THR A CG2  4 
ATOM 1536 H H    . THR A 1 13 ? -3.516  6.742   -1.249  1.00 0.00 ? 13 THR A H    4 
ATOM 1537 H HG1  . THR A 1 13 ? -5.074  8.181   1.053   1.00 0.00 ? 13 THR A HG1  4 
ATOM 1538 N N    . GLN A 1 14 ? -6.355  5.644   0.169   1.00 0.00 ? 14 GLN A N    4 
ATOM 1539 C CA   . GLN A 1 14 ? -7.738  5.199   0.368   1.00 0.00 ? 14 GLN A CA   4 
ATOM 1540 C C    . GLN A 1 14 ? -8.163  3.884   -0.301  1.00 0.00 ? 14 GLN A C    4 
ATOM 1541 O O    . GLN A 1 14 ? -9.265  3.392   -0.081  1.00 0.00 ? 14 GLN A O    4 
ATOM 1542 C CB   . GLN A 1 14 ? -8.668  6.387   0.079   1.00 0.00 ? 14 GLN A CB   4 
ATOM 1543 C CG   . GLN A 1 14 ? -8.802  7.329   1.289   1.00 0.00 ? 14 GLN A CG   4 
ATOM 1544 C CD   . GLN A 1 14 ? -7.496  7.781   1.959   1.00 0.00 ? 14 GLN A CD   4 
ATOM 1545 O OE1  . GLN A 1 14 ? -6.694  8.556   1.438   1.00 0.00 ? 14 GLN A OE1  4 
ATOM 1546 N NE2  . GLN A 1 14 ? -7.179  7.192   3.080   1.00 0.00 ? 14 GLN A NE2  4 
ATOM 1547 H H    . GLN A 1 14 ? -6.245  6.466   -0.412  1.00 0.00 ? 14 GLN A H    4 
ATOM 1548 H HE21 . GLN A 1 14 ? -7.658  6.370   3.380   1.00 0.00 ? 14 GLN A HE21 4 
ATOM 1549 H HE22 . GLN A 1 14 ? -6.352  7.498   3.562   1.00 0.00 ? 14 GLN A HE22 4 
ATOM 1550 N N    . PHE A 1 15 ? -7.310  3.417   -1.202  1.00 0.00 ? 15 PHE A N    4 
ATOM 1551 C CA   . PHE A 1 15 ? -7.087  1.969   -1.442  1.00 0.00 ? 15 PHE A CA   4 
ATOM 1552 C C    . PHE A 1 15 ? -6.386  1.305   -0.242  1.00 0.00 ? 15 PHE A C    4 
ATOM 1553 O O    . PHE A 1 15 ? -6.969  0.455   0.425   1.00 0.00 ? 15 PHE A O    4 
ATOM 1554 C CB   . PHE A 1 15 ? -6.310  1.814   -2.766  1.00 0.00 ? 15 PHE A CB   4 
ATOM 1555 C CG   . PHE A 1 15 ? -5.654  0.454   -3.087  1.00 0.00 ? 15 PHE A CG   4 
ATOM 1556 C CD1  . PHE A 1 15 ? -6.281  -0.775  -2.781  1.00 0.00 ? 15 PHE A CD1  4 
ATOM 1557 C CD2  . PHE A 1 15 ? -4.381  0.486   -3.703  1.00 0.00 ? 15 PHE A CD2  4 
ATOM 1558 C CE1  . PHE A 1 15 ? -5.609  -1.986  -3.070  1.00 0.00 ? 15 PHE A CE1  4 
ATOM 1559 C CE2  . PHE A 1 15 ? -3.716  -0.727  -3.997  1.00 0.00 ? 15 PHE A CE2  4 
ATOM 1560 C CZ   . PHE A 1 15 ? -4.331  -1.961  -3.671  1.00 0.00 ? 15 PHE A CZ   4 
ATOM 1561 H H    . PHE A 1 15 ? -6.890  4.054   -1.840  1.00 0.00 ? 15 PHE A H    4 
ATOM 1562 N N    . CYS A 1 16 ? -5.167  1.760   0.058   1.00 0.00 ? 16 CYS A N    4 
ATOM 1563 C CA   . CYS A 1 16 ? -4.323  1.202   1.126   1.00 0.00 ? 16 CYS A CA   4 
ATOM 1564 C C    . CYS A 1 16 ? -4.527  1.929   2.471   1.00 0.00 ? 16 CYS A C    4 
ATOM 1565 O O    . CYS A 1 16 ? -3.656  2.652   2.963   1.00 0.00 ? 16 CYS A O    4 
ATOM 1566 C CB   . CYS A 1 16 ? -2.870  1.286   0.668   1.00 0.00 ? 16 CYS A CB   4 
ATOM 1567 S SG   . CYS A 1 16 ? -2.467  0.280   -0.803  1.00 0.00 ? 16 CYS A SG   4 
ATOM 1568 H H    . CYS A 1 16 ? -4.705  2.454   -0.509  1.00 0.00 ? 16 CYS A H    4 
ATOM 1569 N N    . PHE A 1 17 ? -5.601  1.540   3.140   1.00 0.00 ? 17 PHE A N    4 
ATOM 1570 C CA   . PHE A 1 17 ? -6.127  2.231   4.341   1.00 0.00 ? 17 PHE A CA   4 
ATOM 1571 C C    . PHE A 1 17 ? -5.099  2.347   5.473   1.00 0.00 ? 17 PHE A C    4 
ATOM 1572 O O    . PHE A 1 17 ? -4.880  3.423   6.031   1.00 0.00 ? 17 PHE A O    4 
ATOM 1573 C CB   . PHE A 1 17 ? -7.392  1.532   4.842   1.00 0.00 ? 17 PHE A CB   4 
ATOM 1574 C CG   . PHE A 1 17 ? -8.526  1.542   3.803   1.00 0.00 ? 17 PHE A CG   4 
ATOM 1575 C CD1  . PHE A 1 17 ? -9.358  2.671   3.701   1.00 0.00 ? 17 PHE A CD1  4 
ATOM 1576 C CD2  . PHE A 1 17 ? -8.779  0.373   3.056   1.00 0.00 ? 17 PHE A CD2  4 
ATOM 1577 C CE1  . PHE A 1 17 ? -10.479 2.631   2.829   1.00 0.00 ? 17 PHE A CE1  4 
ATOM 1578 C CE2  . PHE A 1 17 ? -9.886  0.333   2.180   1.00 0.00 ? 17 PHE A CE2  4 
ATOM 1579 C CZ   . PHE A 1 17 ? -10.732 1.462   2.082   1.00 0.00 ? 17 PHE A CZ   4 
ATOM 1580 H H    . PHE A 1 17 ? -6.097  0.712   2.862   1.00 0.00 ? 17 PHE A H    4 
ATOM 1581 N N    . HIS A 1 18 ? -4.509  1.207   5.826   1.00 0.00 ? 18 HIS A N    4 
ATOM 1582 C CA   . HIS A 1 18 ? -3.319  1.125   6.690   1.00 0.00 ? 18 HIS A CA   4 
ATOM 1583 C C    . HIS A 1 18 ? -2.145  0.498   5.913   1.00 0.00 ? 18 HIS A C    4 
ATOM 1584 O O    . HIS A 1 18 ? -1.474  -0.442  6.346   1.00 0.00 ? 18 HIS A O    4 
ATOM 1585 C CB   . HIS A 1 18 ? -3.695  0.305   7.938   1.00 0.00 ? 18 HIS A CB   4 
ATOM 1586 C CG   . HIS A 1 18 ? -4.977  0.796   8.612   1.00 0.00 ? 18 HIS A CG   4 
ATOM 1587 N ND1  . HIS A 1 18 ? -5.100  1.860   9.407   1.00 0.00 ? 18 HIS A ND1  4 
ATOM 1588 C CD2  . HIS A 1 18 ? -6.181  0.242   8.494   1.00 0.00 ? 18 HIS A CD2  4 
ATOM 1589 C CE1  . HIS A 1 18 ? -6.367  1.953   9.788   1.00 0.00 ? 18 HIS A CE1  4 
ATOM 1590 N NE2  . HIS A 1 18 ? -7.032  0.958   9.219   1.00 0.00 ? 18 HIS A NE2  4 
ATOM 1591 H H    . HIS A 1 18 ? -4.952  0.329   5.644   1.00 0.00 ? 18 HIS A H    4 
ATOM 1592 H HD1  . HIS A 1 18 ? -4.378  2.533   9.578   1.00 0.00 ? 18 HIS A HD1  4 
ATOM 1593 H HE2  . HIS A 1 18 ? -8.029  0.830   9.236   1.00 0.00 ? 18 HIS A HE2  4 
ATOM 1594 N N    . GLY A 1 19 ? -1.961  1.060   4.724   1.00 0.00 ? 19 GLY A N    4 
ATOM 1595 C CA   . GLY A 1 19 ? -0.892  0.668   3.781   1.00 0.00 ? 19 GLY A CA   4 
ATOM 1596 C C    . GLY A 1 19 ? -0.147  1.907   3.280   1.00 0.00 ? 19 GLY A C    4 
ATOM 1597 O O    . GLY A 1 19 ? -0.684  2.747   2.569   1.00 0.00 ? 19 GLY A O    4 
ATOM 1598 H H    . GLY A 1 19 ? -2.564  1.784   4.391   1.00 0.00 ? 19 GLY A H    4 
ATOM 1599 N N    . THR A 1 20 ? 1.124   1.957   3.649   1.00 0.00 ? 20 THR A N    4 
ATOM 1600 C CA   . THR A 1 20 ? 2.095   2.943   3.128   1.00 0.00 ? 20 THR A CA   4 
ATOM 1601 C C    . THR A 1 20 ? 2.498   2.568   1.690   1.00 0.00 ? 20 THR A C    4 
ATOM 1602 O O    . THR A 1 20 ? 3.402   1.760   1.459   1.00 0.00 ? 20 THR A O    4 
ATOM 1603 C CB   . THR A 1 20 ? 3.297   2.998   4.059   1.00 0.00 ? 20 THR A CB   4 
ATOM 1604 O OG1  . THR A 1 20 ? 3.703   1.714   4.530   1.00 0.00 ? 20 THR A OG1  4 
ATOM 1605 C CG2  . THR A 1 20 ? 2.963   3.934   5.228   1.00 0.00 ? 20 THR A CG2  4 
ATOM 1606 H H    . THR A 1 20 ? 1.568   1.254   4.215   1.00 0.00 ? 20 THR A H    4 
ATOM 1607 H HG1  . THR A 1 20 ? 4.078   1.181   3.759   1.00 0.00 ? 20 THR A HG1  4 
ATOM 1608 N N    . CYS A 1 21 ? 1.598   2.949   0.805   1.00 0.00 ? 21 CYS A N    4 
ATOM 1609 C CA   . CYS A 1 21 ? 1.579   2.484   -0.593  1.00 0.00 ? 21 CYS A CA   4 
ATOM 1610 C C    . CYS A 1 21 ? 2.589   3.124   -1.552  1.00 0.00 ? 21 CYS A C    4 
ATOM 1611 O O    . CYS A 1 21 ? 2.881   4.314   -1.513  1.00 0.00 ? 21 CYS A O    4 
ATOM 1612 C CB   . CYS A 1 21 ? 0.165   2.522   -1.185  1.00 0.00 ? 21 CYS A CB   4 
ATOM 1613 S SG   . CYS A 1 21 ? -0.901  3.923   -0.673  1.00 0.00 ? 21 CYS A SG   4 
ATOM 1614 H H    . CYS A 1 21 ? 0.788   3.461   1.104   1.00 0.00 ? 21 CYS A H    4 
ATOM 1615 N N    . ARG A 1 22 ? 2.991   2.277   -2.486  1.00 0.00 ? 22 ARG A N    4 
ATOM 1616 C CA   . ARG A 1 22 ? 3.975   2.605   -3.534  1.00 0.00 ? 22 ARG A CA   4 
ATOM 1617 C C    . ARG A 1 22 ? 3.335   2.488   -4.919  1.00 0.00 ? 22 ARG A C    4 
ATOM 1618 O O    . ARG A 1 22 ? 2.825   1.436   -5.302  1.00 0.00 ? 22 ARG A O    4 
ATOM 1619 C CB   . ARG A 1 22 ? 5.163   1.644   -3.412  1.00 0.00 ? 22 ARG A CB   4 
ATOM 1620 C CG   . ARG A 1 22 ? 5.961   1.876   -2.129  1.00 0.00 ? 22 ARG A CG   4 
ATOM 1621 C CD   . ARG A 1 22 ? 7.031   0.799   -1.952  1.00 0.00 ? 22 ARG A CD   4 
ATOM 1622 N NE   . ARG A 1 22 ? 7.795   1.086   -0.718  1.00 0.00 ? 22 ARG A NE   4 
ATOM 1623 C CZ   . ARG A 1 22 ? 8.633   0.262   -0.090  1.00 0.00 ? 22 ARG A CZ   4 
ATOM 1624 N NH1  . ARG A 1 22 ? 8.834   -0.984  -0.484  1.00 0.00 ? 22 ARG A NH1  4 
ATOM 1625 N NH2  . ARG A 1 22 ? 9.252   0.675   1.009   1.00 0.00 ? 22 ARG A NH2  4 
ATOM 1626 H H    . ARG A 1 22 ? 2.636   1.337   -2.524  1.00 0.00 ? 22 ARG A H    4 
ATOM 1627 H HE   . ARG A 1 22 ? 7.652   1.995   -0.341  1.00 0.00 ? 22 ARG A HE   4 
ATOM 1628 H HH11 . ARG A 1 22 ? 8.348   -1.326  -1.288  1.00 0.00 ? 22 ARG A HH11 4 
ATOM 1629 H HH12 . ARG A 1 22 ? 9.478   -1.571  0.007   1.00 0.00 ? 22 ARG A HH12 4 
ATOM 1630 H HH21 . ARG A 1 22 ? 9.097   1.597   1.361   1.00 0.00 ? 22 ARG A HH21 4 
ATOM 1631 H HH22 . ARG A 1 22 ? 9.870   0.049   1.481   1.00 0.00 ? 22 ARG A HH22 4 
ATOM 1632 N N    . PHE A 1 23 ? 3.401   3.595   -5.653  1.00 0.00 ? 23 PHE A N    4 
ATOM 1633 C CA   . PHE A 1 23 ? 2.876   3.681   -7.021  1.00 0.00 ? 23 PHE A CA   4 
ATOM 1634 C C    . PHE A 1 23 ? 3.934   3.149   -8.006  1.00 0.00 ? 23 PHE A C    4 
ATOM 1635 O O    . PHE A 1 23 ? 4.790   3.862   -8.536  1.00 0.00 ? 23 PHE A O    4 
ATOM 1636 C CB   . PHE A 1 23 ? 2.452   5.117   -7.339  1.00 0.00 ? 23 PHE A CB   4 
ATOM 1637 C CG   . PHE A 1 23 ? 1.628   5.196   -8.627  1.00 0.00 ? 23 PHE A CG   4 
ATOM 1638 C CD1  . PHE A 1 23 ? 0.245   4.937   -8.574  1.00 0.00 ? 23 PHE A CD1  4 
ATOM 1639 C CD2  . PHE A 1 23 ? 2.272   5.462   -9.857  1.00 0.00 ? 23 PHE A CD2  4 
ATOM 1640 C CE1  . PHE A 1 23 ? -0.507  4.912   -9.776  1.00 0.00 ? 23 PHE A CE1  4 
ATOM 1641 C CE2  . PHE A 1 23 ? 1.529   5.439   -11.055 1.00 0.00 ? 23 PHE A CE2  4 
ATOM 1642 C CZ   . PHE A 1 23 ? 0.139   5.159   -11.001 1.00 0.00 ? 23 PHE A CZ   4 
ATOM 1643 H H    . PHE A 1 23 ? 4.001   4.362   -5.390  1.00 0.00 ? 23 PHE A H    4 
ATOM 1644 N N    . LEU A 1 24 ? 3.870   1.828   -8.145  1.00 0.00 ? 24 LEU A N    4 
ATOM 1645 C CA   . LEU A 1 24 ? 4.755   1.025   -9.019  1.00 0.00 ? 24 LEU A CA   4 
ATOM 1646 C C    . LEU A 1 24 ? 4.447   1.239   -10.494 1.00 0.00 ? 24 LEU A C    4 
ATOM 1647 O O    . LEU A 1 24 ? 3.734   0.469   -11.140 1.00 0.00 ? 24 LEU A O    4 
ATOM 1648 C CB   . LEU A 1 24 ? 4.646   -0.445  -8.590  1.00 0.00 ? 24 LEU A CB   4 
ATOM 1649 C CG   . LEU A 1 24 ? 5.352   -0.652  -7.245  1.00 0.00 ? 24 LEU A CG   4 
ATOM 1650 C CD1  . LEU A 1 24 ? 4.744   -1.833  -6.491  1.00 0.00 ? 24 LEU A CD1  4 
ATOM 1651 C CD2  . LEU A 1 24 ? 6.863   -0.826  -7.438  1.00 0.00 ? 24 LEU A CD2  4 
ATOM 1652 H H    . LEU A 1 24 ? 3.191   1.300   -7.639  1.00 0.00 ? 24 LEU A H    4 
ATOM 1653 N N    . VAL A 1 25 ? 5.139   2.245   -11.025 1.00 0.00 ? 25 VAL A N    4 
ATOM 1654 C CA   . VAL A 1 25 ? 4.802   2.947   -12.287 1.00 0.00 ? 25 VAL A CA   4 
ATOM 1655 C C    . VAL A 1 25 ? 4.745   1.977   -13.475 1.00 0.00 ? 25 VAL A C    4 
ATOM 1656 O O    . VAL A 1 25 ? 3.767   1.957   -14.214 1.00 0.00 ? 25 VAL A O    4 
ATOM 1657 C CB   . VAL A 1 25 ? 5.809   4.070   -12.616 1.00 0.00 ? 25 VAL A CB   4 
ATOM 1658 C CG1  . VAL A 1 25 ? 5.306   4.953   -13.766 1.00 0.00 ? 25 VAL A CG1  4 
ATOM 1659 C CG2  . VAL A 1 25 ? 6.093   4.982   -11.429 1.00 0.00 ? 25 VAL A CG2  4 
ATOM 1660 H H    . VAL A 1 25 ? 5.939   2.594   -10.535 1.00 0.00 ? 25 VAL A H    4 
ATOM 1661 N N    . GLN A 1 26 ? 5.739   1.099   -13.545 1.00 0.00 ? 26 GLN A N    4 
ATOM 1662 C CA   . GLN A 1 26 ? 5.864   0.063   -14.589 1.00 0.00 ? 26 GLN A CA   4 
ATOM 1663 C C    . GLN A 1 26 ? 4.683   -0.922  -14.744 1.00 0.00 ? 26 GLN A C    4 
ATOM 1664 O O    . GLN A 1 26 ? 4.523   -1.554  -15.773 1.00 0.00 ? 26 GLN A O    4 
ATOM 1665 C CB   . GLN A 1 26 ? 7.204   -0.683  -14.455 1.00 0.00 ? 26 GLN A CB   4 
ATOM 1666 C CG   . GLN A 1 26 ? 7.402   -1.571  -13.218 1.00 0.00 ? 26 GLN A CG   4 
ATOM 1667 C CD   . GLN A 1 26 ? 7.311   -0.880  -11.851 1.00 0.00 ? 26 GLN A CD   4 
ATOM 1668 O OE1  . GLN A 1 26 ? 7.665   0.267   -11.629 1.00 0.00 ? 26 GLN A OE1  4 
ATOM 1669 N NE2  . GLN A 1 26 ? 6.800   -1.608  -10.883 1.00 0.00 ? 26 GLN A NE2  4 
ATOM 1670 H H    . GLN A 1 26 ? 6.552   1.195   -12.965 1.00 0.00 ? 26 GLN A H    4 
ATOM 1671 H HE21 . GLN A 1 26 ? 6.488   -2.540  -11.067 1.00 0.00 ? 26 GLN A HE21 4 
ATOM 1672 H HE22 . GLN A 1 26 ? 6.744   -1.199  -9.978  1.00 0.00 ? 26 GLN A HE22 4 
ATOM 1673 N N    . GLU A 1 27 ? 3.904   -1.047  -13.672 1.00 0.00 ? 27 GLU A N    4 
ATOM 1674 C CA   . GLU A 1 27 ? 2.613   -1.761  -13.643 1.00 0.00 ? 27 GLU A CA   4 
ATOM 1675 C C    . GLU A 1 27 ? 1.380   -0.875  -13.361 1.00 0.00 ? 27 GLU A C    4 
ATOM 1676 O O    . GLU A 1 27 ? 0.264   -1.366  -13.199 1.00 0.00 ? 27 GLU A O    4 
ATOM 1677 C CB   . GLU A 1 27 ? 2.649   -2.849  -12.573 1.00 0.00 ? 27 GLU A CB   4 
ATOM 1678 C CG   . GLU A 1 27 ? 3.296   -4.152  -13.048 1.00 0.00 ? 27 GLU A CG   4 
ATOM 1679 C CD   . GLU A 1 27 ? 4.829   -4.081  -13.101 1.00 0.00 ? 27 GLU A CD   4 
ATOM 1680 O OE1  . GLU A 1 27 ? 5.424   -3.923  -12.009 1.00 0.00 ? 27 GLU A OE1  4 
ATOM 1681 O OE2  . GLU A 1 27 ? 5.375   -4.144  -14.218 1.00 0.00 ? 27 GLU A OE2  4 
ATOM 1682 H H    . GLU A 1 27 ? 4.183   -0.635  -12.799 1.00 0.00 ? 27 GLU A H    4 
ATOM 1683 N N    . ASP A 1 28 ? 1.616   0.422   -13.204 1.00 0.00 ? 28 ASP A N    4 
ATOM 1684 C CA   . ASP A 1 28 ? 0.711   1.462   -12.673 1.00 0.00 ? 28 ASP A CA   4 
ATOM 1685 C C    . ASP A 1 28 ? 0.026   1.121   -11.338 1.00 0.00 ? 28 ASP A C    4 
ATOM 1686 O O    . ASP A 1 28 ? -0.908  1.800   -10.909 1.00 0.00 ? 28 ASP A O    4 
ATOM 1687 C CB   . ASP A 1 28 ? -0.258  1.928   -13.769 1.00 0.00 ? 28 ASP A CB   4 
ATOM 1688 C CG   . ASP A 1 28 ? -1.260  0.873   -14.254 1.00 0.00 ? 28 ASP A CG   4 
ATOM 1689 O OD1  . ASP A 1 28 ? -2.272  0.678   -13.551 1.00 0.00 ? 28 ASP A OD1  4 
ATOM 1690 O OD2  . ASP A 1 28 ? -0.996  0.315   -15.342 1.00 0.00 ? 28 ASP A OD2  4 
ATOM 1691 H H    . ASP A 1 28 ? 2.490   0.797   -13.510 1.00 0.00 ? 28 ASP A H    4 
ATOM 1692 N N    . LYS A 1 29 ? 0.747   0.312   -10.569 1.00 0.00 ? 29 LYS A N    4 
ATOM 1693 C CA   . LYS A 1 29 ? 0.192   -0.407  -9.400  1.00 0.00 ? 29 LYS A CA   4 
ATOM 1694 C C    . LYS A 1 29 ? 0.460   0.319   -8.063  1.00 0.00 ? 29 LYS A C    4 
ATOM 1695 O O    . LYS A 1 29 ? 1.590   0.300   -7.581  1.00 0.00 ? 29 LYS A O    4 
ATOM 1696 C CB   . LYS A 1 29 ? 0.733   -1.850  -9.395  1.00 0.00 ? 29 LYS A CB   4 
ATOM 1697 C CG   . LYS A 1 29 ? 0.117   -2.740  -8.315  1.00 0.00 ? 29 LYS A CG   4 
ATOM 1698 C CD   . LYS A 1 29 ? -1.385  -2.968  -8.502  1.00 0.00 ? 29 LYS A CD   4 
ATOM 1699 C CE   . LYS A 1 29 ? -2.029  -3.676  -7.307  1.00 0.00 ? 29 LYS A CE   4 
ATOM 1700 N NZ   . LYS A 1 29 ? -1.514  -5.050  -7.180  1.00 0.00 ? 29 LYS A NZ   4 
ATOM 1701 H H    . LYS A 1 29 ? 1.704   0.123   -10.815 1.00 0.00 ? 29 LYS A H    4 
ATOM 1702 H HZ1  . LYS A 1 29 ? -1.961  -5.485  -6.396  1.00 0.00 ? 29 LYS A HZ1  4 
ATOM 1703 H HZ2  . LYS A 1 29 ? -1.736  -5.569  -8.000  1.00 0.00 ? 29 LYS A HZ2  4 
ATOM 1704 N N    . PRO A 1 30 ? -0.588  0.892   -7.447  1.00 0.00 ? 30 PRO A N    4 
ATOM 1705 C CA   . PRO A 1 30 ? -0.454  1.662   -6.180  1.00 0.00 ? 30 PRO A CA   4 
ATOM 1706 C C    . PRO A 1 30 ? -0.461  0.779   -4.915  1.00 0.00 ? 30 PRO A C    4 
ATOM 1707 O O    . PRO A 1 30 ? -1.051  1.146   -3.894  1.00 0.00 ? 30 PRO A O    4 
ATOM 1708 C CB   . PRO A 1 30 ? -1.637  2.618   -6.249  1.00 0.00 ? 30 PRO A CB   4 
ATOM 1709 C CG   . PRO A 1 30 ? -2.735  1.814   -6.947  1.00 0.00 ? 30 PRO A CG   4 
ATOM 1710 C CD   . PRO A 1 30 ? -1.957  1.005   -7.983  1.00 0.00 ? 30 PRO A CD   4 
ATOM 1711 N N    . ALA A 1 31 ? 0.353   -0.266  -4.944  1.00 0.00 ? 31 ALA A N    4 
ATOM 1712 C CA   . ALA A 1 31 ? 0.239   -1.375  -3.974  1.00 0.00 ? 31 ALA A CA   4 
ATOM 1713 C C    . ALA A 1 31 ? 0.849   -1.065  -2.600  1.00 0.00 ? 31 ALA A C    4 
ATOM 1714 O O    . ALA A 1 31 ? 1.848   -0.348  -2.485  1.00 0.00 ? 31 ALA A O    4 
ATOM 1715 C CB   . ALA A 1 31 ? 0.835   -2.654  -4.559  1.00 0.00 ? 31 ALA A CB   4 
ATOM 1716 H H    . ALA A 1 31 ? 1.192   -0.253  -5.489  1.00 0.00 ? 31 ALA A H    4 
ATOM 1717 N N    . CYS A 1 32 ? 0.246   -1.670  -1.588  1.00 0.00 ? 32 CYS A N    4 
ATOM 1718 C CA   . CYS A 1 32 ? 0.436   -1.314  -0.175  1.00 0.00 ? 32 CYS A CA   4 
ATOM 1719 C C    . CYS A 1 32 ? 1.689   -1.953  0.445   1.00 0.00 ? 32 CYS A C    4 
ATOM 1720 O O    . CYS A 1 32 ? 1.972   -3.127  0.227   1.00 0.00 ? 32 CYS A O    4 
ATOM 1721 C CB   . CYS A 1 32 ? -0.752  -1.787  0.651   1.00 0.00 ? 32 CYS A CB   4 
ATOM 1722 S SG   . CYS A 1 32 ? -2.433  -1.603  -0.051  1.00 0.00 ? 32 CYS A SG   4 
ATOM 1723 H H    . CYS A 1 32 ? -0.402  -2.410  -1.756  1.00 0.00 ? 32 CYS A H    4 
ATOM 1724 N N    . VAL A 1 33 ? 2.336   -1.188  1.319   1.00 0.00 ? 33 VAL A N    4 
ATOM 1725 C CA   . VAL A 1 33 ? 3.139   -1.769  2.427   1.00 0.00 ? 33 VAL A CA   4 
ATOM 1726 C C    . VAL A 1 33 ? 2.272   -1.672  3.686   1.00 0.00 ? 33 VAL A C    4 
ATOM 1727 O O    . VAL A 1 33 ? 2.047   -0.581  4.192   1.00 0.00 ? 33 VAL A O    4 
ATOM 1728 C CB   . VAL A 1 33 ? 4.468   -0.999  2.601   1.00 0.00 ? 33 VAL A CB   4 
ATOM 1729 C CG1  . VAL A 1 33 ? 5.315   -1.587  3.739   1.00 0.00 ? 33 VAL A CG1  4 
ATOM 1730 C CG2  . VAL A 1 33 ? 5.302   -1.009  1.321   1.00 0.00 ? 33 VAL A CG2  4 
ATOM 1731 H H    . VAL A 1 33 ? 2.416   -0.195  1.218   1.00 0.00 ? 33 VAL A H    4 
ATOM 1732 N N    . CYS A 1 34 ? 1.664   -2.785  4.094   1.00 0.00 ? 34 CYS A N    4 
ATOM 1733 C CA   . CYS A 1 34 ? 0.848   -2.797  5.331   1.00 0.00 ? 34 CYS A CA   4 
ATOM 1734 C C    . CYS A 1 34 ? 1.661   -2.361  6.556   1.00 0.00 ? 34 CYS A C    4 
ATOM 1735 O O    . CYS A 1 34 ? 2.815   -2.744  6.716   1.00 0.00 ? 34 CYS A O    4 
ATOM 1736 C CB   . CYS A 1 34 ? 0.219   -4.155  5.634   1.00 0.00 ? 34 CYS A CB   4 
ATOM 1737 S SG   . CYS A 1 34 ? -1.115  -4.719  4.517   1.00 0.00 ? 34 CYS A SG   4 
ATOM 1738 H H    . CYS A 1 34 ? 1.807   -3.668  3.662   1.00 0.00 ? 34 CYS A H    4 
ATOM 1739 N N    . HIS A 1 35 ? 1.040   -1.493  7.346   1.00 0.00 ? 35 HIS A N    4 
ATOM 1740 C CA   . HIS A 1 35 ? 1.578   -1.035  8.636   1.00 0.00 ? 35 HIS A CA   4 
ATOM 1741 C C    . HIS A 1 35 ? 1.868   -2.216  9.587   1.00 0.00 ? 35 HIS A C    4 
ATOM 1742 O O    . HIS A 1 35 ? 1.321   -3.313  9.436   1.00 0.00 ? 35 HIS A O    4 
ATOM 1743 C CB   . HIS A 1 35 ? 0.574   -0.098  9.326   1.00 0.00 ? 35 HIS A CB   4 
ATOM 1744 C CG   . HIS A 1 35 ? 0.329   1.277   8.712   1.00 0.00 ? 35 HIS A CG   4 
ATOM 1745 N ND1  . HIS A 1 35 ? -0.258  2.265   9.371   1.00 0.00 ? 35 HIS A ND1  4 
ATOM 1746 C CD2  . HIS A 1 35 ? 0.486   1.688   7.452   1.00 0.00 ? 35 HIS A CD2  4 
ATOM 1747 C CE1  . HIS A 1 35 ? -0.468  3.270   8.542   1.00 0.00 ? 35 HIS A CE1  4 
ATOM 1748 N NE2  . HIS A 1 35 ? 0.013   2.926   7.350   1.00 0.00 ? 35 HIS A NE2  4 
ATOM 1749 H H    . HIS A 1 35 ? 0.164   -1.074  7.072   1.00 0.00 ? 35 HIS A H    4 
ATOM 1750 H HD1  . HIS A 1 35 ? -0.515  2.249   10.341  1.00 0.00 ? 35 HIS A HD1  4 
ATOM 1751 H HE2  . HIS A 1 35 ? 0.044   3.500   6.535   1.00 0.00 ? 35 HIS A HE2  4 
ATOM 1752 N N    . SER A 1 36 ? 2.647   -1.936  10.627  1.00 0.00 ? 36 SER A N    4 
ATOM 1753 C CA   . SER A 1 36 ? 3.080   -2.906  11.647  1.00 0.00 ? 36 SER A CA   4 
ATOM 1754 C C    . SER A 1 36 ? 1.920   -3.711  12.255  1.00 0.00 ? 36 SER A C    4 
ATOM 1755 O O    . SER A 1 36 ? 1.050   -3.156  12.939  1.00 0.00 ? 36 SER A O    4 
ATOM 1756 C CB   . SER A 1 36 ? 3.818   -2.164  12.766  1.00 0.00 ? 36 SER A CB   4 
ATOM 1757 O OG   . SER A 1 36 ? 2.960   -1.145  13.283  1.00 0.00 ? 36 SER A OG   4 
ATOM 1758 H H    . SER A 1 36 ? 2.917   -0.995  10.818  1.00 0.00 ? 36 SER A H    4 
ATOM 1759 H HG   . SER A 1 36 ? 2.084   -1.574  13.554  1.00 0.00 ? 36 SER A HG   4 
ATOM 1760 N N    . GLY A 1 37 ? 1.881   -4.984  11.864  1.00 0.00 ? 37 GLY A N    4 
ATOM 1761 C CA   . GLY A 1 37 ? 0.884   -5.965  12.343  1.00 0.00 ? 37 GLY A CA   4 
ATOM 1762 C C    . GLY A 1 37 ? -0.482  -5.931  11.625  1.00 0.00 ? 37 GLY A C    4 
ATOM 1763 O O    . GLY A 1 37 ? -1.466  -6.470  12.137  1.00 0.00 ? 37 GLY A O    4 
ATOM 1764 H H    . GLY A 1 37 ? 2.525   -5.337  11.202  1.00 0.00 ? 37 GLY A H    4 
ATOM 1765 N N    . TYR A 1 38 ? -0.504  -5.366  10.428  1.00 0.00 ? 38 TYR A N    4 
ATOM 1766 C CA   . TYR A 1 38 ? -1.692  -5.361  9.550   1.00 0.00 ? 38 TYR A CA   4 
ATOM 1767 C C    . TYR A 1 38 ? -1.571  -6.293  8.343   1.00 0.00 ? 38 TYR A C    4 
ATOM 1768 O O    . TYR A 1 38 ? -0.474  -6.613  7.882   1.00 0.00 ? 38 TYR A O    4 
ATOM 1769 C CB   . TYR A 1 38 ? -2.002  -3.935  9.075   1.00 0.00 ? 38 TYR A CB   4 
ATOM 1770 C CG   . TYR A 1 38 ? -2.541  -3.042  10.191  1.00 0.00 ? 38 TYR A CG   4 
ATOM 1771 C CD1  . TYR A 1 38 ? -1.631  -2.262  10.922  1.00 0.00 ? 38 TYR A CD1  4 
ATOM 1772 C CD2  . TYR A 1 38 ? -3.926  -2.754  10.214  1.00 0.00 ? 38 TYR A CD2  4 
ATOM 1773 C CE1  . TYR A 1 38 ? -2.088  -1.110  11.605  1.00 0.00 ? 38 TYR A CE1  4 
ATOM 1774 C CE2  . TYR A 1 38 ? -4.395  -1.621  10.907  1.00 0.00 ? 38 TYR A CE2  4 
ATOM 1775 C CZ   . TYR A 1 38 ? -3.454  -0.780  11.557  1.00 0.00 ? 38 TYR A CZ   4 
ATOM 1776 O OH   . TYR A 1 38 ? -3.860  0.437   11.975  1.00 0.00 ? 38 TYR A OH   4 
ATOM 1777 H H    . TYR A 1 38 ? 0.259   -4.794  10.108  1.00 0.00 ? 38 TYR A H    4 
ATOM 1778 H HH   . TYR A 1 38 ? -4.809  0.586   11.656  1.00 0.00 ? 38 TYR A HH   4 
ATOM 1779 N N    . VAL A 1 39 ? -2.732  -6.745  7.873   1.00 0.00 ? 39 VAL A N    4 
ATOM 1780 C CA   . VAL A 1 39 ? -2.871  -7.608  6.677   1.00 0.00 ? 39 VAL A CA   4 
ATOM 1781 C C    . VAL A 1 39 ? -3.712  -7.021  5.531   1.00 0.00 ? 39 VAL A C    4 
ATOM 1782 O O    . VAL A 1 39 ? -4.590  -6.193  5.750   1.00 0.00 ? 39 VAL A O    4 
ATOM 1783 C CB   . VAL A 1 39 ? -3.265  -9.062  7.021   1.00 0.00 ? 39 VAL A CB   4 
ATOM 1784 C CG1  . VAL A 1 39 ? -2.062  -9.835  7.561   1.00 0.00 ? 39 VAL A CG1  4 
ATOM 1785 C CG2  . VAL A 1 39 ? -4.483  -9.192  7.941   1.00 0.00 ? 39 VAL A CG2  4 
ATOM 1786 H H    . VAL A 1 39 ? -3.597  -6.426  8.274   1.00 0.00 ? 39 VAL A H    4 
ATOM 1787 N N    . GLY A 1 40 ? -3.567  -7.660  4.380   1.00 0.00 ? 40 GLY A N    4 
ATOM 1788 C CA   . GLY A 1 40 ? -3.262  -6.955  3.119   1.00 0.00 ? 40 GLY A CA   4 
ATOM 1789 C C    . GLY A 1 40 ? -4.371  -6.763  2.082   1.00 0.00 ? 40 GLY A C    4 
ATOM 1790 O O    . GLY A 1 40 ? -5.520  -6.481  2.400   1.00 0.00 ? 40 GLY A O    4 
ATOM 1791 H H    . GLY A 1 40 ? -3.705  -8.649  4.309   1.00 0.00 ? 40 GLY A H    4 
ATOM 1792 N N    . ALA A 1 41 ? -3.886  -6.766  0.837   1.00 0.00 ? 41 ALA A N    4 
ATOM 1793 C CA   . ALA A 1 41 ? -4.540  -6.220  -0.376  1.00 0.00 ? 41 ALA A CA   4 
ATOM 1794 C C    . ALA A 1 41 ? -4.799  -4.712  -0.308  1.00 0.00 ? 41 ALA A C    4 
ATOM 1795 O O    . ALA A 1 41 ? -4.112  -3.935  -0.961  1.00 0.00 ? 41 ALA A O    4 
ATOM 1796 C CB   . ALA A 1 41 ? -5.800  -7.008  -0.791  1.00 0.00 ? 41 ALA A CB   4 
ATOM 1797 H H    . ALA A 1 41 ? -2.995  -7.161  0.653   1.00 0.00 ? 41 ALA A H    4 
ATOM 1798 N N    . ARG A 1 42 ? -5.713  -4.324  0.590   1.00 0.00 ? 42 ARG A N    4 
ATOM 1799 C CA   . ARG A 1 42 ? -6.058  -2.928  0.925   1.00 0.00 ? 42 ARG A CA   4 
ATOM 1800 C C    . ARG A 1 42 ? -5.630  -2.474  2.328   1.00 0.00 ? 42 ARG A C    4 
ATOM 1801 O O    . ARG A 1 42 ? -5.821  -1.317  2.703   1.00 0.00 ? 42 ARG A O    4 
ATOM 1802 C CB   . ARG A 1 42 ? -7.570  -2.672  0.708   1.00 0.00 ? 42 ARG A CB   4 
ATOM 1803 C CG   . ARG A 1 42 ? -8.540  -3.615  1.436   1.00 0.00 ? 42 ARG A CG   4 
ATOM 1804 C CD   . ARG A 1 42 ? -8.794  -4.896  0.634   1.00 0.00 ? 42 ARG A CD   4 
ATOM 1805 N NE   . ARG A 1 42 ? -9.813  -5.742  1.281   1.00 0.00 ? 42 ARG A NE   4 
ATOM 1806 C CZ   . ARG A 1 42 ? -9.658  -6.993  1.707   1.00 0.00 ? 42 ARG A CZ   4 
ATOM 1807 N NH1  . ARG A 1 42 ? -8.501  -7.631  1.661   1.00 0.00 ? 42 ARG A NH1  4 
ATOM 1808 N NH2  . ARG A 1 42 ? -10.692 -7.638  2.229   1.00 0.00 ? 42 ARG A NH2  4 
ATOM 1809 H H    . ARG A 1 42 ? -6.272  -5.005  1.055   1.00 0.00 ? 42 ARG A H    4 
ATOM 1810 H HE   . ARG A 1 42 ? -10.716 -5.309  1.385   1.00 0.00 ? 42 ARG A HE   4 
ATOM 1811 H HH11 . ARG A 1 42 ? -7.687  -7.167  1.317   1.00 0.00 ? 42 ARG A HH11 4 
ATOM 1812 H HH12 . ARG A 1 42 ? -8.445  -8.578  1.978   1.00 0.00 ? 42 ARG A HH12 4 
ATOM 1813 H HH21 . ARG A 1 42 ? -11.578 -7.189  2.315   1.00 0.00 ? 42 ARG A HH21 4 
ATOM 1814 H HH22 . ARG A 1 42 ? -10.585 -8.582  2.542   1.00 0.00 ? 42 ARG A HH22 4 
ATOM 1815 N N    . CYS A 1 43 ? -5.069  -3.407  3.103   1.00 0.00 ? 43 CYS A N    4 
ATOM 1816 C CA   . CYS A 1 43 ? -4.648  -3.234  4.518   1.00 0.00 ? 43 CYS A CA   4 
ATOM 1817 C C    . CYS A 1 43 ? -5.734  -2.512  5.348   1.00 0.00 ? 43 CYS A C    4 
ATOM 1818 O O    . CYS A 1 43 ? -5.643  -1.322  5.662   1.00 0.00 ? 43 CYS A O    4 
ATOM 1819 C CB   . CYS A 1 43 ? -3.314  -2.475  4.625   1.00 0.00 ? 43 CYS A CB   4 
ATOM 1820 S SG   . CYS A 1 43 ? -1.925  -3.080  3.601   1.00 0.00 ? 43 CYS A SG   4 
ATOM 1821 H H    . CYS A 1 43 ? -4.900  -4.319  2.743   1.00 0.00 ? 43 CYS A H    4 
ATOM 1822 N N    . GLU A 1 44 ? -6.853  -3.213  5.541   1.00 0.00 ? 44 GLU A N    4 
ATOM 1823 C CA   . GLU A 1 44 ? -7.934  -2.754  6.435   1.00 0.00 ? 44 GLU A CA   4 
ATOM 1824 C C    . GLU A 1 44 ? -8.194  -3.780  7.569   1.00 0.00 ? 44 GLU A C    4 
ATOM 1825 O O    . GLU A 1 44 ? -9.245  -3.810  8.204   1.00 0.00 ? 44 GLU A O    4 
ATOM 1826 C CB   . GLU A 1 44 ? -9.176  -2.488  5.561   1.00 0.00 ? 44 GLU A CB   4 
ATOM 1827 C CG   . GLU A 1 44 ? -10.356 -1.794  6.256   1.00 0.00 ? 44 GLU A CG   4 
ATOM 1828 C CD   . GLU A 1 44 ? -10.060 -0.371  6.731   1.00 0.00 ? 44 GLU A CD   4 
ATOM 1829 O OE1  . GLU A 1 44 ? -9.531  -0.209  7.853   1.00 0.00 ? 44 GLU A OE1  4 
ATOM 1830 O OE2  . GLU A 1 44 ? -10.454 0.550   5.979   1.00 0.00 ? 44 GLU A OE2  4 
ATOM 1831 H H    . GLU A 1 44 ? -7.024  -4.064  5.050   1.00 0.00 ? 44 GLU A H    4 
ATOM 1832 N N    . HIS A 1 45 ? -7.180  -4.591  7.833   1.00 0.00 ? 45 HIS A N    4 
ATOM 1833 C CA   . HIS A 1 45 ? -7.287  -5.817  8.632   1.00 0.00 ? 45 HIS A CA   4 
ATOM 1834 C C    . HIS A 1 45 ? -6.029  -5.905  9.504   1.00 0.00 ? 45 HIS A C    4 
ATOM 1835 O O    . HIS A 1 45 ? -4.938  -5.580  9.020   1.00 0.00 ? 45 HIS A O    4 
ATOM 1836 C CB   . HIS A 1 45 ? -7.303  -7.028  7.706   1.00 0.00 ? 45 HIS A CB   4 
ATOM 1837 C CG   . HIS A 1 45 ? -8.272  -6.910  6.535   1.00 0.00 ? 45 HIS A CG   4 
ATOM 1838 N ND1  . HIS A 1 45 ? -9.508  -6.409  6.533   1.00 0.00 ? 45 HIS A ND1  4 
ATOM 1839 C CD2  . HIS A 1 45 ? -7.892  -7.100  5.287   1.00 0.00 ? 45 HIS A CD2  4 
ATOM 1840 C CE1  . HIS A 1 45 ? -9.895  -6.301  5.269   1.00 0.00 ? 45 HIS A CE1  4 
ATOM 1841 N NE2  . HIS A 1 45 ? -8.906  -6.717  4.499   1.00 0.00 ? 45 HIS A NE2  4 
ATOM 1842 H H    . HIS A 1 45 ? -6.259  -4.435  7.457   1.00 0.00 ? 45 HIS A H    4 
ATOM 1843 H HD1  . HIS A 1 45 ? -9.986  -6.042  7.332   1.00 0.00 ? 45 HIS A HD1  4 
ATOM 1844 H HE2  . HIS A 1 45 ? -8.951  -6.838  3.499   1.00 0.00 ? 45 HIS A HE2  4 
ATOM 1845 N N    . ALA A 1 46 ? -6.170  -6.412  10.716  1.00 0.00 ? 46 ALA A N    4 
ATOM 1846 C CA   . ALA A 1 46 ? -5.007  -6.652  11.593  1.00 0.00 ? 46 ALA A CA   4 
ATOM 1847 C C    . ALA A 1 46 ? -4.677  -8.154  11.690  1.00 0.00 ? 46 ALA A C    4 
ATOM 1848 O O    . ALA A 1 46 ? -5.571  -8.997  11.651  1.00 0.00 ? 46 ALA A O    4 
ATOM 1849 C CB   . ALA A 1 46 ? -5.260  -6.061  12.981  1.00 0.00 ? 46 ALA A CB   4 
ATOM 1850 H H    . ALA A 1 46 ? -7.051  -6.706  11.081  1.00 0.00 ? 46 ALA A H    4 
ATOM 1851 N N    . ASP A 1 47 ? -3.382  -8.434  11.741  1.00 0.00 ? 47 ASP A N    4 
ATOM 1852 C CA   . ASP A 1 47 ? -2.844  -9.812  11.787  1.00 0.00 ? 47 ASP A CA   4 
ATOM 1853 C C    . ASP A 1 47 ? -3.065  -10.438 13.176  1.00 0.00 ? 47 ASP A C    4 
ATOM 1854 O O    . ASP A 1 47 ? -2.201  -10.406 14.047  1.00 0.00 ? 47 ASP A O    4 
ATOM 1855 C CB   . ASP A 1 47 ? -1.362  -9.791  11.389  1.00 0.00 ? 47 ASP A CB   4 
ATOM 1856 C CG   . ASP A 1 47 ? -0.778  -11.204 11.244  1.00 0.00 ? 47 ASP A CG   4 
ATOM 1857 O OD1  . ASP A 1 47 ? -0.322  -11.738 12.280  1.00 0.00 ? 47 ASP A OD1  4 
ATOM 1858 O OD2  . ASP A 1 47 ? -0.851  -11.735 10.120  1.00 0.00 ? 47 ASP A OD2  4 
ATOM 1859 H H    . ASP A 1 47 ? -2.700  -7.703  11.810  1.00 0.00 ? 47 ASP A H    4 
ATOM 1860 N N    . LEU A 1 48 ? -4.272  -10.980 13.332  1.00 0.00 ? 48 LEU A N    4 
ATOM 1861 C CA   . LEU A 1 48 ? -4.675  -11.755 14.525  1.00 0.00 ? 48 LEU A CA   4 
ATOM 1862 C C    . LEU A 1 48 ? -4.021  -13.145 14.539  1.00 0.00 ? 48 LEU A C    4 
ATOM 1863 O O    . LEU A 1 48 ? -4.588  -14.142 14.106  1.00 0.00 ? 48 LEU A O    4 
ATOM 1864 C CB   . LEU A 1 48 ? -6.214  -11.833 14.589  1.00 0.00 ? 48 LEU A CB   4 
ATOM 1865 C CG   . LEU A 1 48 ? -6.854  -10.440 14.717  1.00 0.00 ? 48 LEU A CG   4 
ATOM 1866 C CD1  . LEU A 1 48 ? -8.351  -10.531 14.398  1.00 0.00 ? 48 LEU A CD1  4 
ATOM 1867 C CD2  . LEU A 1 48 ? -6.627  -9.828  16.096  1.00 0.00 ? 48 LEU A CD2  4 
ATOM 1868 H H    . LEU A 1 48 ? -5.004  -10.774 12.684  1.00 0.00 ? 48 LEU A H    4 
ATOM 1869 N N    . LEU A 1 49 ? -2.739  -13.086 14.901  1.00 0.00 ? 49 LEU A N    4 
ATOM 1870 C CA   . LEU A 1 49 ? -1.770  -14.202 14.880  1.00 0.00 ? 49 LEU A CA   4 
ATOM 1871 C C    . LEU A 1 49 ? -0.496  -13.727 15.595  1.00 0.00 ? 49 LEU A C    4 
ATOM 1872 O O    . LEU A 1 49 ? -0.112  -14.254 16.633  1.00 0.00 ? 49 LEU A O    4 
ATOM 1873 C CB   . LEU A 1 49 ? -1.492  -14.617 13.410  1.00 0.00 ? 49 LEU A CB   4 
ATOM 1874 C CG   . LEU A 1 49 ? -0.802  -15.981 13.198  1.00 0.00 ? 49 LEU A CG   4 
ATOM 1875 C CD1  . LEU A 1 49 ? 0.697   -15.951 13.522  1.00 0.00 ? 49 LEU A CD1  4 
ATOM 1876 C CD2  . LEU A 1 49 ? -1.532  -17.133 13.904  1.00 0.00 ? 49 LEU A CD2  4 
ATOM 1877 H H    . LEU A 1 49 ? -2.380  -12.214 15.215  1.00 0.00 ? 49 LEU A H    4 
ATOM 1878 N N    . ALA A 1 50 ? 0.090   -12.672 15.044  1.00 0.00 ? 50 ALA A N    4 
ATOM 1879 C CA   . ALA A 1 50 ? 1.141   -11.865 15.699  1.00 0.00 ? 50 ALA A CA   4 
ATOM 1880 C C    . ALA A 1 50 ? 0.649   -11.137 16.973  1.00 0.00 ? 50 ALA A C    4 
ATOM 1881 O O    . ALA A 1 50 ? 1.503   -10.884 17.850  1.00 0.00 ? 50 ALA A O    4 
ATOM 1882 C CB   . ALA A 1 50 ? 1.677   -10.829 14.699  1.00 0.00 ? 50 ALA A CB   4 
ATOM 1883 O OXT  . ALA A 1 50 ? -0.557  -10.811 17.013  1.00 0.00 ? 50 ALA A OXT  4 
ATOM 1884 H H    . ALA A 1 50 ? -0.154  -12.419 14.109  1.00 0.00 ? 50 ALA A H    4 
# 
